data_7QYH
#
_entry.id   7QYH
#
_cell.length_a   70.821
_cell.length_b   274.066
_cell.length_c   273.967
_cell.angle_alpha   90.000
_cell.angle_beta   90.000
_cell.angle_gamma   90.000
#
_symmetry.space_group_name_H-M   'C 2 2 21'
#
loop_
_entity.id
_entity.type
_entity.pdbx_description
1 polymer 'Plasmepsin II'
2 non-polymer 2-azanyl-3-[[(2~{R})-oxolan-2-yl]methyl]-7-(5-phenylpentyl)quinazolin-4-one
#
_entity_poly.entity_id   1
_entity_poly.type   'polypeptide(L)'
_entity_poly.pdbx_seq_one_letter_code
;SSNDNIELVDFQNIMFYGDAEVGDNQQPFTFILDTGSANLWVPSVKCTTAGCLTKHLYDSSKSRTYEKDGTKVEMNYVSG
TVSGFFSKDLVTVGNLSLPYKFIEVIDTNGFEPTYTASTFDGILGLGWKDLSIGSVDPIVVELKNQNKIENALFTFYLPV
HDKHTGFLTIGGIEERFYEGPLTYEKLNHDLYWQITLDAHVGNISLEKANCIVDSGTSAITVPTDFLNKMLQNLDVIKVP
FLPFYVTLCNNSKLPTFEFTSENGKYTLEPEYYLQHIEDVGPGLCMLNIIGLDFPVPTFILGDPFMRKYFTVFDYDNHSV
GIALAKKNL
;
_entity_poly.pdbx_strand_id   A,B,C,D
#
loop_
_chem_comp.id
_chem_comp.type
_chem_comp.name
_chem_comp.formula
I0J non-polymer 2-azanyl-3-[[(2~{R})-oxolan-2-yl]methyl]-7-(5-phenylpentyl)quinazolin-4-one 'C24 H29 N3 O2'
#
# COMPACT_ATOMS: atom_id res chain seq x y z
N SER A 1 -8.13 25.59 -34.87
CA SER A 1 -8.18 26.95 -35.44
C SER A 1 -6.85 27.27 -36.13
N SER A 2 -6.83 28.31 -36.99
CA SER A 2 -5.57 28.71 -37.66
C SER A 2 -4.52 29.02 -36.60
N ASN A 3 -4.92 29.01 -35.32
CA ASN A 3 -4.00 29.29 -34.21
C ASN A 3 -3.06 28.10 -34.02
N ASP A 4 -1.99 28.26 -33.24
CA ASP A 4 -1.02 27.16 -33.01
C ASP A 4 -1.56 26.24 -31.92
N ASN A 5 -2.02 25.05 -32.30
CA ASN A 5 -2.53 24.06 -31.30
C ASN A 5 -1.47 22.98 -31.10
N ILE A 6 -0.69 23.09 -30.02
CA ILE A 6 0.42 22.12 -29.78
C ILE A 6 -0.17 20.88 -29.10
N GLU A 7 -0.14 19.73 -29.78
CA GLU A 7 -0.74 18.51 -29.21
C GLU A 7 0.00 18.13 -27.93
N LEU A 8 -0.74 17.70 -26.90
CA LEU A 8 -0.10 17.28 -25.63
C LEU A 8 -0.13 15.75 -25.55
N VAL A 9 1.01 15.13 -25.21
CA VAL A 9 1.07 13.63 -25.19
C VAL A 9 0.69 13.13 -23.80
N ASP A 10 -0.06 12.03 -23.73
CA ASP A 10 -0.50 11.46 -22.42
C ASP A 10 0.57 10.52 -21.88
N PHE A 11 0.87 10.62 -20.58
CA PHE A 11 1.89 9.73 -19.96
C PHE A 11 1.37 9.19 -18.63
N GLN A 12 0.99 7.91 -18.60
CA GLN A 12 0.52 7.27 -17.34
C GLN A 12 -0.60 8.11 -16.73
N ASN A 13 -1.31 8.90 -17.55
CA ASN A 13 -2.39 9.77 -17.04
C ASN A 13 -1.88 10.47 -15.77
N ILE A 14 -0.61 10.88 -15.76
CA ILE A 14 -0.01 11.52 -14.57
C ILE A 14 0.77 12.76 -15.02
N MET A 15 0.97 12.89 -16.33
CA MET A 15 1.70 14.07 -16.87
C MET A 15 1.52 14.11 -18.39
N PHE A 16 1.58 15.32 -18.97
CA PHE A 16 1.46 15.46 -20.44
C PHE A 16 2.77 16.02 -21.00
N TYR A 17 3.23 15.51 -22.15
CA TYR A 17 4.51 15.96 -22.74
C TYR A 17 4.26 16.60 -24.11
N GLY A 18 4.80 17.81 -24.34
CA GLY A 18 4.60 18.51 -25.62
C GLY A 18 5.87 18.54 -26.45
N ASP A 19 5.79 18.14 -27.72
CA ASP A 19 6.98 18.13 -28.61
C ASP A 19 7.31 19.57 -29.01
N ALA A 20 8.59 19.85 -29.29
CA ALA A 20 9.01 21.22 -29.70
C ALA A 20 10.39 21.15 -30.35
N GLU A 21 10.83 22.24 -30.97
CA GLU A 21 12.15 22.28 -31.64
C GLU A 21 12.88 23.58 -31.27
N VAL A 22 14.20 23.51 -31.08
CA VAL A 22 15.00 24.72 -30.77
C VAL A 22 16.28 24.69 -31.61
N GLY A 23 16.71 25.85 -32.11
CA GLY A 23 17.92 25.93 -32.95
C GLY A 23 17.59 26.02 -34.43
N ASP A 24 18.53 26.48 -35.25
CA ASP A 24 18.28 26.64 -36.70
C ASP A 24 17.99 25.26 -37.30
N ASN A 25 18.68 24.22 -36.81
CA ASN A 25 18.46 22.83 -37.30
C ASN A 25 17.18 22.26 -36.69
N GLN A 26 16.38 23.11 -36.04
CA GLN A 26 15.11 22.67 -35.39
C GLN A 26 15.33 21.33 -34.69
N GLN A 27 16.32 21.27 -33.79
CA GLN A 27 16.55 20.03 -33.01
C GLN A 27 15.31 19.76 -32.16
N PRO A 28 14.74 18.53 -32.20
CA PRO A 28 13.52 18.23 -31.45
C PRO A 28 13.83 17.86 -29.99
N PHE A 29 13.00 18.33 -29.06
CA PHE A 29 13.19 17.99 -27.62
C PHE A 29 11.82 17.93 -26.95
N THR A 30 11.66 17.02 -25.97
CA THR A 30 10.36 16.86 -25.28
C THR A 30 10.28 17.83 -24.10
N PHE A 31 9.27 18.71 -24.10
CA PHE A 31 9.11 19.71 -23.01
C PHE A 31 7.69 19.65 -22.45
N ILE A 32 7.55 19.67 -21.13
CA ILE A 32 6.20 19.63 -20.48
C ILE A 32 5.80 21.06 -20.13
N LEU A 33 4.55 21.43 -20.42
CA LEU A 33 4.04 22.81 -20.13
C LEU A 33 4.20 23.09 -18.63
N ASP A 34 4.50 24.35 -18.27
CA ASP A 34 4.61 24.75 -16.85
C ASP A 34 4.00 26.14 -16.66
N THR A 35 2.82 26.22 -16.05
CA THR A 35 2.14 27.52 -15.85
C THR A 35 3.06 28.44 -15.04
N GLY A 36 3.97 27.86 -14.24
CA GLY A 36 4.85 28.67 -13.37
C GLY A 36 6.20 28.95 -14.01
N SER A 37 6.98 27.91 -14.31
CA SER A 37 8.34 28.11 -14.86
C SER A 37 8.31 29.15 -15.99
N ALA A 38 9.40 29.91 -16.15
CA ALA A 38 9.42 30.99 -17.17
C ALA A 38 10.54 30.74 -18.18
N ASN A 39 11.73 31.29 -17.94
CA ASN A 39 12.84 31.16 -18.92
C ASN A 39 12.93 29.70 -19.36
N LEU A 40 12.80 29.44 -20.67
CA LEU A 40 12.85 28.05 -21.19
C LEU A 40 14.16 27.38 -20.75
N TRP A 41 14.11 26.07 -20.51
CA TRP A 41 15.34 25.32 -20.14
C TRP A 41 15.68 24.33 -21.25
N VAL A 42 16.95 24.21 -21.62
CA VAL A 42 17.32 23.33 -22.77
C VAL A 42 18.48 22.41 -22.36
N PRO A 43 18.40 21.08 -22.60
CA PRO A 43 19.52 20.18 -22.32
C PRO A 43 20.64 20.53 -23.31
N SER A 44 21.90 20.35 -22.92
CA SER A 44 23.01 20.79 -23.81
C SER A 44 23.98 19.64 -24.09
N VAL A 45 24.43 19.52 -25.33
CA VAL A 45 25.45 18.51 -25.69
C VAL A 45 26.72 18.60 -24.83
N LYS A 46 26.97 19.79 -24.26
CA LYS A 46 28.07 20.11 -23.35
C LYS A 46 27.88 19.47 -21.96
N CYS A 47 26.65 19.03 -21.64
CA CYS A 47 26.29 18.29 -20.43
C CYS A 47 26.99 16.93 -20.37
N THR A 48 27.86 16.76 -19.36
CA THR A 48 28.70 15.57 -19.17
C THR A 48 28.01 14.46 -18.33
N THR A 49 26.83 14.76 -17.80
CA THR A 49 26.09 13.80 -16.95
C THR A 49 25.61 12.60 -17.76
N ALA A 50 25.40 11.47 -17.10
CA ALA A 50 24.90 10.24 -17.73
C ALA A 50 23.43 10.33 -18.15
N GLY A 51 22.60 11.07 -17.37
CA GLY A 51 21.19 11.28 -17.64
C GLY A 51 20.95 12.13 -18.90
N CYS A 52 21.85 13.10 -19.19
CA CYS A 52 21.84 13.92 -20.40
C CYS A 52 22.04 13.11 -21.70
N LEU A 53 22.94 12.11 -21.67
CA LEU A 53 23.31 11.29 -22.82
C LEU A 53 22.19 10.39 -23.35
N THR A 54 21.28 9.96 -22.46
CA THR A 54 20.11 9.14 -22.80
C THR A 54 18.93 9.95 -23.39
N LYS A 55 19.04 11.28 -23.38
CA LYS A 55 17.95 12.15 -23.90
C LYS A 55 18.52 13.06 -24.99
N HIS A 56 17.64 13.81 -25.67
CA HIS A 56 18.09 14.77 -26.72
C HIS A 56 18.91 15.89 -26.08
N LEU A 57 19.92 16.42 -26.78
CA LEU A 57 20.73 17.54 -26.25
C LEU A 57 20.90 18.60 -27.35
N TYR A 58 20.82 19.88 -26.98
CA TYR A 58 20.93 20.98 -27.97
C TYR A 58 22.39 21.19 -28.37
N ASP A 59 22.63 21.61 -29.62
CA ASP A 59 24.01 21.92 -30.06
C ASP A 59 24.08 23.39 -30.48
N SER A 60 25.00 24.15 -29.89
CA SER A 60 25.14 25.56 -30.20
C SER A 60 25.82 25.87 -31.55
N SER A 61 26.70 24.96 -32.01
CA SER A 61 27.46 25.10 -33.26
C SER A 61 26.61 24.86 -34.53
N LYS A 62 25.54 24.07 -34.40
CA LYS A 62 24.70 23.73 -35.58
C LYS A 62 23.52 24.70 -35.69
N SER A 63 23.68 25.92 -35.18
CA SER A 63 22.62 26.95 -35.33
C SER A 63 23.22 28.27 -35.84
N ARG A 64 22.74 28.73 -37.00
CA ARG A 64 23.25 30.01 -37.56
C ARG A 64 22.53 31.18 -36.87
N THR A 65 21.45 30.89 -36.15
CA THR A 65 20.68 31.95 -35.45
C THR A 65 21.04 31.95 -33.96
N TYR A 66 22.08 31.20 -33.58
CA TYR A 66 22.46 31.10 -32.15
C TYR A 66 23.18 32.36 -31.68
N GLU A 67 23.04 32.70 -30.39
CA GLU A 67 23.74 33.87 -29.81
C GLU A 67 24.24 33.49 -28.42
N LYS A 68 25.39 34.00 -27.99
CA LYS A 68 25.94 33.54 -26.68
C LYS A 68 26.08 34.72 -25.71
N ASP A 69 25.10 34.91 -24.83
CA ASP A 69 25.19 35.99 -23.81
C ASP A 69 26.39 35.66 -22.90
N GLY A 70 26.51 34.39 -22.51
CA GLY A 70 27.65 33.96 -21.66
C GLY A 70 27.35 34.10 -20.18
N THR A 71 26.36 34.94 -19.83
CA THR A 71 26.04 35.18 -18.40
C THR A 71 25.67 33.83 -17.76
N LYS A 72 26.27 33.52 -16.60
CA LYS A 72 26.02 32.20 -15.95
C LYS A 72 24.66 32.21 -15.27
N VAL A 73 24.02 31.04 -15.17
CA VAL A 73 22.70 30.92 -14.49
C VAL A 73 22.69 29.63 -13.66
N GLU A 74 22.71 29.74 -12.33
CA GLU A 74 22.70 28.55 -11.45
C GLU A 74 21.32 28.40 -10.81
N MET A 75 20.58 27.35 -11.20
CA MET A 75 19.25 27.10 -10.59
C MET A 75 19.38 25.93 -9.61
N ASN A 76 19.55 26.22 -8.33
CA ASN A 76 19.60 25.15 -7.32
C ASN A 76 18.32 25.15 -6.48
N TYR A 77 17.32 24.44 -7.02
CA TYR A 77 16.05 24.27 -6.28
C TYR A 77 16.28 23.29 -5.13
N VAL A 78 15.31 23.15 -4.25
CA VAL A 78 15.37 22.27 -3.07
C VAL A 78 15.55 20.78 -3.40
N SER A 79 16.59 20.16 -2.79
CA SER A 79 17.12 18.82 -3.10
C SER A 79 17.66 18.68 -4.53
N GLY A 80 18.21 19.79 -5.06
CA GLY A 80 18.54 19.96 -6.47
C GLY A 80 19.80 20.81 -6.65
N THR A 81 20.34 20.77 -7.88
CA THR A 81 21.55 21.57 -8.22
C THR A 81 21.67 21.64 -9.73
N VAL A 82 21.32 22.78 -10.33
CA VAL A 82 21.36 22.91 -11.83
C VAL A 82 22.21 24.13 -12.19
N SER A 83 22.84 24.09 -13.38
CA SER A 83 23.71 25.21 -13.81
C SER A 83 23.72 25.32 -15.34
N GLY A 84 23.57 26.53 -15.87
CA GLY A 84 23.59 26.76 -17.33
C GLY A 84 23.97 28.19 -17.67
N PHE A 85 24.25 28.47 -18.94
CA PHE A 85 24.67 29.83 -19.37
C PHE A 85 23.64 30.40 -20.35
N PHE A 86 23.38 31.70 -20.27
CA PHE A 86 22.37 32.34 -21.16
C PHE A 86 22.72 32.09 -22.63
N SER A 87 21.71 31.76 -23.44
CA SER A 87 21.93 31.53 -24.88
C SER A 87 20.64 31.83 -25.66
N LYS A 88 20.69 32.82 -26.57
CA LYS A 88 19.51 33.15 -27.37
C LYS A 88 19.63 32.48 -28.74
N ASP A 89 18.52 31.90 -29.21
CA ASP A 89 18.43 31.20 -30.49
C ASP A 89 16.94 31.15 -30.90
N LEU A 90 16.72 30.77 -32.16
CA LEU A 90 15.41 30.52 -32.75
C LEU A 90 14.70 29.35 -32.05
N VAL A 91 13.58 29.64 -31.39
CA VAL A 91 12.73 28.67 -30.72
C VAL A 91 11.47 28.46 -31.58
N THR A 92 11.37 27.26 -32.17
CA THR A 92 10.30 26.88 -33.08
C THR A 92 9.28 26.03 -32.31
N VAL A 93 8.07 26.58 -32.13
CA VAL A 93 6.98 25.82 -31.47
C VAL A 93 5.79 25.82 -32.43
N GLY A 94 5.52 24.67 -33.06
CA GLY A 94 4.41 24.59 -34.04
C GLY A 94 4.69 25.43 -35.27
N ASN A 95 3.75 26.31 -35.65
CA ASN A 95 3.91 27.12 -36.89
C ASN A 95 4.59 28.44 -36.57
N LEU A 96 5.08 28.62 -35.33
CA LEU A 96 5.68 29.91 -34.94
C LEU A 96 7.18 29.72 -34.66
N SER A 97 8.02 30.65 -35.12
CA SER A 97 9.46 30.57 -34.87
C SER A 97 9.97 31.95 -34.45
N LEU A 98 10.23 32.14 -33.14
CA LEU A 98 10.66 33.40 -32.54
C LEU A 98 12.05 33.22 -31.86
N PRO A 99 12.99 34.17 -32.03
CA PRO A 99 14.26 34.11 -31.33
C PRO A 99 13.99 34.37 -29.84
N TYR A 100 14.38 33.43 -28.97
CA TYR A 100 14.09 33.57 -27.52
C TYR A 100 15.37 33.31 -26.71
N LYS A 101 15.46 33.86 -25.50
CA LYS A 101 16.67 33.66 -24.65
C LYS A 101 16.44 32.45 -23.74
N PHE A 102 17.25 31.40 -23.90
CA PHE A 102 17.05 30.16 -23.10
C PHE A 102 18.28 29.93 -22.20
N ILE A 103 18.11 29.11 -21.15
CA ILE A 103 19.22 28.80 -20.21
C ILE A 103 19.86 27.47 -20.64
N GLU A 104 21.07 27.52 -21.20
CA GLU A 104 21.71 26.27 -21.70
C GLU A 104 22.29 25.50 -20.50
N VAL A 105 21.60 24.45 -20.04
CA VAL A 105 22.05 23.74 -18.81
C VAL A 105 23.17 22.76 -19.15
N ILE A 106 24.16 22.64 -18.25
CA ILE A 106 25.28 21.67 -18.44
C ILE A 106 25.34 20.75 -17.22
N ASP A 107 24.67 21.13 -16.13
CA ASP A 107 24.65 20.31 -14.89
C ASP A 107 23.21 19.98 -14.50
N THR A 108 22.91 18.69 -14.33
CA THR A 108 21.53 18.27 -13.91
C THR A 108 21.67 17.11 -12.94
N ASN A 109 22.64 17.18 -12.02
CA ASN A 109 22.89 16.05 -11.07
C ASN A 109 21.82 16.00 -9.98
N GLY A 110 21.48 17.14 -9.38
CA GLY A 110 20.55 17.14 -8.27
C GLY A 110 19.16 16.58 -8.64
N PHE A 111 18.88 16.41 -9.93
CA PHE A 111 17.60 15.79 -10.40
C PHE A 111 17.92 14.71 -11.43
N GLU A 112 19.20 14.40 -11.65
CA GLU A 112 19.66 13.39 -12.60
C GLU A 112 18.95 12.01 -12.52
N PRO A 113 18.74 11.42 -11.32
CA PRO A 113 17.95 10.17 -11.22
C PRO A 113 16.47 10.31 -11.63
N THR A 114 15.83 11.43 -11.27
CA THR A 114 14.44 11.74 -11.65
C THR A 114 14.29 12.03 -13.16
N TYR A 115 15.27 12.73 -13.74
CA TYR A 115 15.24 13.05 -15.18
C TYR A 115 15.51 11.78 -16.01
N THR A 116 16.52 11.00 -15.63
CA THR A 116 16.87 9.79 -16.38
C THR A 116 15.65 8.86 -16.56
N ALA A 117 14.87 8.69 -15.49
CA ALA A 117 13.62 7.92 -15.48
C ALA A 117 12.48 8.58 -16.27
N SER A 118 12.42 9.92 -16.24
CA SER A 118 11.43 10.72 -16.95
C SER A 118 11.74 10.81 -18.46
N THR A 119 10.69 10.84 -19.29
CA THR A 119 10.81 10.90 -20.74
C THR A 119 11.00 12.33 -21.30
N PHE A 120 10.84 13.38 -20.45
CA PHE A 120 11.10 14.78 -20.85
C PHE A 120 12.60 15.08 -20.87
N ASP A 121 12.99 16.01 -21.72
CA ASP A 121 14.42 16.43 -21.82
C ASP A 121 14.54 17.89 -21.39
N GLY A 122 13.41 18.58 -21.22
CA GLY A 122 13.42 20.01 -20.84
C GLY A 122 12.13 20.44 -20.18
N ILE A 123 11.83 21.74 -20.20
CA ILE A 123 10.59 22.27 -19.54
C ILE A 123 9.97 23.33 -20.44
N LEU A 124 8.80 23.85 -20.07
CA LEU A 124 8.14 24.93 -20.85
C LEU A 124 7.81 26.12 -19.93
N GLY A 125 8.21 27.33 -20.33
CA GLY A 125 7.90 28.54 -19.53
C GLY A 125 6.74 29.30 -20.13
N LEU A 126 5.60 29.33 -19.43
CA LEU A 126 4.39 30.01 -19.95
C LEU A 126 3.84 30.93 -18.85
N GLY A 127 4.72 31.60 -18.11
CA GLY A 127 4.28 32.48 -17.01
C GLY A 127 4.60 33.94 -17.29
N TRP A 128 4.21 34.83 -16.38
CA TRP A 128 4.45 36.29 -16.56
C TRP A 128 5.95 36.57 -16.41
N LYS A 129 6.45 37.60 -17.10
CA LYS A 129 7.90 37.93 -17.06
C LYS A 129 8.35 38.14 -15.61
N ASP A 130 7.41 38.47 -14.72
CA ASP A 130 7.74 38.74 -13.30
C ASP A 130 8.53 37.55 -12.74
N LEU A 131 8.18 36.34 -13.16
CA LEU A 131 8.85 35.12 -12.64
C LEU A 131 9.99 34.72 -13.59
N SER A 132 10.20 35.51 -14.66
CA SER A 132 11.25 35.18 -15.65
C SER A 132 12.61 35.68 -15.16
N ILE A 133 13.68 34.93 -15.44
CA ILE A 133 15.05 35.36 -15.04
C ILE A 133 15.60 36.29 -16.13
N GLY A 134 16.63 37.08 -15.80
CA GLY A 134 17.25 37.97 -16.81
C GLY A 134 16.22 38.83 -17.50
N SER A 135 15.12 39.15 -16.81
CA SER A 135 14.05 40.00 -17.40
C SER A 135 13.71 39.51 -18.81
N VAL A 136 13.28 38.24 -18.92
CA VAL A 136 12.91 37.67 -20.26
C VAL A 136 11.39 37.75 -20.42
N ASP A 137 10.92 38.33 -21.51
CA ASP A 137 9.46 38.51 -21.73
C ASP A 137 8.80 37.15 -21.97
N PRO A 138 7.49 36.98 -21.66
CA PRO A 138 6.77 35.72 -21.94
C PRO A 138 6.71 35.38 -23.44
N ILE A 139 6.82 34.08 -23.76
CA ILE A 139 6.81 33.57 -25.14
C ILE A 139 5.53 34.00 -25.90
N VAL A 140 4.35 33.78 -25.27
CA VAL A 140 3.04 34.13 -25.81
C VAL A 140 2.80 35.64 -25.96
N VAL A 141 3.35 36.46 -25.06
CA VAL A 141 3.33 37.92 -25.16
C VAL A 141 4.19 38.43 -26.33
N GLU A 142 5.39 37.83 -26.52
CA GLU A 142 6.29 38.15 -27.62
C GLU A 142 5.75 37.71 -29.00
N LEU A 143 4.99 36.61 -29.06
CA LEU A 143 4.23 36.19 -30.25
C LEU A 143 3.13 37.20 -30.64
N LYS A 144 2.59 37.96 -29.66
CA LYS A 144 1.58 39.00 -29.91
C LYS A 144 2.22 40.37 -30.23
N ASN A 145 3.47 40.61 -29.77
CA ASN A 145 4.28 41.77 -30.17
C ASN A 145 4.68 41.69 -31.64
N GLN A 146 5.01 40.46 -32.09
CA GLN A 146 5.18 40.06 -33.48
C GLN A 146 3.80 39.82 -34.15
N ASN A 147 3.76 39.81 -35.48
CA ASN A 147 2.55 39.49 -36.26
C ASN A 147 2.47 37.97 -36.48
N LYS A 148 2.22 37.23 -35.38
CA LYS A 148 2.21 35.76 -35.33
C LYS A 148 0.93 35.24 -34.66
N ILE A 149 0.48 35.89 -33.58
CA ILE A 149 -0.86 35.73 -32.99
C ILE A 149 -1.44 37.12 -32.70
N GLU A 150 -2.78 37.22 -32.71
CA GLU A 150 -3.50 38.48 -32.54
C GLU A 150 -3.84 38.78 -31.06
N ASN A 151 -3.96 37.73 -30.24
CA ASN A 151 -4.24 37.83 -28.79
C ASN A 151 -3.10 37.14 -28.03
N ALA A 152 -2.63 37.74 -26.92
CA ALA A 152 -1.66 37.12 -26.01
C ALA A 152 -2.39 36.21 -25.01
N LEU A 153 -2.85 35.06 -25.52
CA LEU A 153 -3.62 34.08 -24.76
C LEU A 153 -3.20 32.66 -25.17
N PHE A 154 -3.40 31.71 -24.26
CA PHE A 154 -3.06 30.29 -24.53
C PHE A 154 -4.02 29.40 -23.73
N THR A 155 -4.58 28.38 -24.38
CA THR A 155 -5.57 27.48 -23.71
C THR A 155 -5.00 26.07 -23.62
N PHE A 156 -5.50 25.26 -22.68
CA PHE A 156 -4.96 23.89 -22.48
C PHE A 156 -6.05 22.84 -22.65
N TYR A 157 -5.72 21.72 -23.27
CA TYR A 157 -6.70 20.61 -23.49
C TYR A 157 -6.03 19.29 -23.11
N LEU A 158 -5.83 19.05 -21.81
CA LEU A 158 -5.09 17.84 -21.34
C LEU A 158 -5.66 16.56 -21.96
N PRO A 159 -4.81 15.64 -22.47
CA PRO A 159 -5.27 14.37 -23.01
C PRO A 159 -5.46 13.33 -21.89
N VAL A 160 -6.35 13.63 -20.94
CA VAL A 160 -6.56 12.72 -19.78
C VAL A 160 -6.75 11.29 -20.30
N HIS A 161 -7.80 11.05 -21.09
CA HIS A 161 -8.10 9.69 -21.59
C HIS A 161 -7.00 9.24 -22.56
N ASP A 162 -6.81 7.92 -22.70
CA ASP A 162 -5.76 7.38 -23.61
C ASP A 162 -6.05 7.86 -25.03
N LYS A 163 -7.30 7.70 -25.48
CA LYS A 163 -7.69 8.17 -26.84
C LYS A 163 -7.64 9.70 -26.88
N HIS A 164 -8.10 10.36 -25.81
CA HIS A 164 -8.11 11.84 -25.75
C HIS A 164 -6.71 12.36 -26.10
N THR A 165 -6.62 13.31 -27.03
CA THR A 165 -5.32 13.89 -27.44
C THR A 165 -5.22 15.33 -26.93
N GLY A 166 -4.11 15.67 -26.29
CA GLY A 166 -3.94 17.03 -25.72
C GLY A 166 -3.77 18.08 -26.79
N PHE A 167 -4.06 19.34 -26.47
CA PHE A 167 -3.84 20.44 -27.44
C PHE A 167 -3.58 21.75 -26.67
N LEU A 168 -2.73 22.61 -27.22
CA LEU A 168 -2.40 23.91 -26.57
C LEU A 168 -2.70 25.04 -27.55
N THR A 169 -3.98 25.39 -27.72
CA THR A 169 -4.35 26.47 -28.66
C THR A 169 -3.72 27.78 -28.18
N ILE A 170 -2.89 28.41 -29.02
CA ILE A 170 -2.18 29.65 -28.62
C ILE A 170 -2.55 30.78 -29.58
N GLY A 171 -3.30 31.77 -29.11
CA GLY A 171 -3.68 32.92 -29.94
C GLY A 171 -5.20 33.09 -30.06
N GLY A 172 -5.97 32.12 -29.55
CA GLY A 172 -7.44 32.17 -29.65
C GLY A 172 -8.08 31.09 -28.80
N ILE A 173 -9.42 31.03 -28.80
CA ILE A 173 -10.14 30.02 -27.95
C ILE A 173 -11.12 29.26 -28.84
N GLU A 174 -11.12 27.92 -28.74
CA GLU A 174 -12.00 27.08 -29.59
C GLU A 174 -13.11 26.50 -28.71
N GLU A 175 -14.37 26.91 -28.95
CA GLU A 175 -15.51 26.42 -28.16
C GLU A 175 -15.54 24.89 -28.21
N ARG A 176 -15.05 24.32 -29.32
CA ARG A 176 -15.05 22.85 -29.48
C ARG A 176 -14.42 22.21 -28.25
N PHE A 177 -13.28 22.74 -27.78
CA PHE A 177 -12.56 22.14 -26.63
C PHE A 177 -13.38 22.25 -25.34
N TYR A 178 -14.01 23.40 -25.09
CA TYR A 178 -14.71 23.59 -23.79
C TYR A 178 -16.24 23.56 -24.00
N GLU A 179 -16.92 22.62 -23.34
CA GLU A 179 -18.40 22.51 -23.44
C GLU A 179 -19.04 23.22 -22.25
N GLY A 180 -20.11 23.97 -22.50
CA GLY A 180 -20.83 24.70 -21.42
C GLY A 180 -20.26 26.09 -21.20
N PRO A 181 -20.55 26.75 -20.05
CA PRO A 181 -20.08 28.13 -19.80
C PRO A 181 -18.57 28.25 -19.58
N LEU A 182 -18.03 29.42 -19.99
CA LEU A 182 -16.65 29.85 -19.75
C LEU A 182 -16.69 31.09 -18.85
N THR A 183 -16.25 30.90 -17.59
CA THR A 183 -16.20 31.94 -16.57
C THR A 183 -14.74 32.37 -16.35
N TYR A 184 -14.53 33.69 -16.19
CA TYR A 184 -13.23 34.28 -15.88
C TYR A 184 -13.18 34.77 -14.43
N GLU A 185 -11.98 34.68 -13.83
CA GLU A 185 -11.79 35.17 -12.43
C GLU A 185 -10.58 36.11 -12.43
N LYS A 186 -10.68 37.24 -11.74
CA LYS A 186 -9.56 38.22 -11.68
C LYS A 186 -8.30 37.56 -11.13
N LEU A 187 -7.14 38.20 -11.31
CA LEU A 187 -5.86 37.67 -10.76
C LEU A 187 -5.48 38.47 -9.52
N ASN A 188 -5.17 37.77 -8.42
CA ASN A 188 -4.75 38.47 -7.17
C ASN A 188 -3.44 39.22 -7.44
N HIS A 189 -2.72 38.82 -8.50
CA HIS A 189 -1.44 39.50 -8.86
C HIS A 189 -1.07 39.15 -10.31
N ASP A 190 -0.13 39.89 -10.91
CA ASP A 190 0.23 39.66 -12.33
C ASP A 190 1.61 38.99 -12.43
N LEU A 191 2.24 38.72 -11.29
CA LEU A 191 3.59 38.08 -11.29
C LEU A 191 3.49 36.70 -11.93
N TYR A 192 2.48 35.91 -11.52
CA TYR A 192 2.28 34.56 -12.10
C TYR A 192 0.77 34.27 -12.16
N TRP A 193 0.36 33.30 -12.98
CA TRP A 193 -1.08 32.99 -13.12
C TRP A 193 -1.63 32.54 -11.77
N GLN A 194 -2.50 33.36 -11.15
CA GLN A 194 -3.03 33.05 -9.80
C GLN A 194 -4.35 33.80 -9.63
N ILE A 195 -5.25 33.30 -8.77
CA ILE A 195 -6.59 33.95 -8.62
C ILE A 195 -7.00 33.91 -7.15
N THR A 196 -8.13 34.54 -6.81
CA THR A 196 -8.64 34.51 -5.42
C THR A 196 -10.02 33.84 -5.40
N LEU A 197 -10.12 32.65 -4.81
CA LEU A 197 -11.38 31.92 -4.76
C LEU A 197 -11.61 31.41 -3.32
N ASP A 198 -12.88 31.12 -2.98
CA ASP A 198 -13.30 30.66 -1.66
C ASP A 198 -13.53 29.14 -1.69
N ALA A 199 -12.59 28.38 -1.10
CA ALA A 199 -12.63 26.93 -0.99
C ALA A 199 -13.61 26.46 0.09
N HIS A 200 -14.50 25.53 -0.29
CA HIS A 200 -15.55 24.97 0.58
C HIS A 200 -15.69 23.48 0.30
N VAL A 201 -15.22 22.64 1.25
CA VAL A 201 -15.31 21.18 1.20
C VAL A 201 -16.32 20.75 2.28
N GLY A 202 -17.61 20.75 1.91
CA GLY A 202 -18.73 20.45 2.80
C GLY A 202 -18.85 21.55 3.87
N ASN A 203 -18.92 21.13 5.14
CA ASN A 203 -18.93 21.98 6.33
C ASN A 203 -17.60 22.76 6.55
N ILE A 204 -16.49 22.25 6.01
CA ILE A 204 -15.16 22.85 6.13
C ILE A 204 -15.05 24.04 5.17
N SER A 205 -14.57 25.18 5.70
CA SER A 205 -14.57 26.48 5.01
C SER A 205 -13.18 27.12 5.09
N LEU A 206 -12.79 27.80 4.00
CA LEU A 206 -11.57 28.60 3.89
C LEU A 206 -11.76 29.59 2.73
N GLU A 207 -12.28 30.78 3.01
CA GLU A 207 -12.57 31.75 1.93
C GLU A 207 -11.30 32.56 1.60
N LYS A 208 -11.32 33.31 0.49
CA LYS A 208 -10.16 34.15 0.09
C LYS A 208 -8.91 33.28 -0.01
N ALA A 209 -8.95 32.25 -0.86
CA ALA A 209 -7.77 31.38 -1.05
C ALA A 209 -7.13 31.68 -2.41
N ASN A 210 -5.80 31.77 -2.44
CA ASN A 210 -5.07 32.08 -3.71
C ASN A 210 -4.98 30.81 -4.56
N CYS A 211 -6.10 30.38 -5.16
CA CYS A 211 -6.06 29.21 -6.07
C CYS A 211 -5.11 29.50 -7.23
N ILE A 212 -4.10 28.65 -7.44
CA ILE A 212 -3.11 28.86 -8.53
C ILE A 212 -3.08 27.61 -9.42
N VAL A 213 -3.30 27.77 -10.72
CA VAL A 213 -3.35 26.60 -11.65
C VAL A 213 -1.92 26.28 -12.12
N ASP A 214 -1.49 25.02 -11.95
CA ASP A 214 -0.14 24.61 -12.40
C ASP A 214 -0.24 23.38 -13.30
N SER A 215 0.19 23.50 -14.55
CA SER A 215 0.21 22.35 -15.48
C SER A 215 1.30 21.36 -15.05
N GLY A 216 2.41 21.88 -14.52
CA GLY A 216 3.48 21.01 -14.01
C GLY A 216 3.01 20.17 -12.85
N THR A 217 2.56 20.81 -11.76
CA THR A 217 2.03 20.06 -10.59
C THR A 217 1.13 18.93 -11.09
N SER A 218 1.28 17.73 -10.53
CA SER A 218 0.45 16.57 -10.92
C SER A 218 -0.48 16.19 -9.77
N ALA A 219 -1.00 17.18 -9.04
CA ALA A 219 -1.93 16.90 -7.92
C ALA A 219 -2.57 18.21 -7.44
N ILE A 220 -3.65 18.10 -6.65
CA ILE A 220 -4.32 19.31 -6.11
C ILE A 220 -3.80 19.55 -4.69
N THR A 221 -3.15 20.69 -4.47
CA THR A 221 -2.57 20.99 -3.13
C THR A 221 -3.68 21.46 -2.20
N VAL A 222 -3.34 21.83 -0.96
CA VAL A 222 -4.31 22.24 0.04
C VAL A 222 -3.51 22.55 1.33
N PRO A 223 -3.92 23.54 2.16
CA PRO A 223 -3.26 23.78 3.44
C PRO A 223 -3.19 22.49 4.26
N THR A 224 -2.16 22.34 5.09
CA THR A 224 -1.98 21.09 5.89
C THR A 224 -3.21 20.88 6.78
N ASP A 225 -3.63 21.91 7.51
CA ASP A 225 -4.77 21.77 8.44
C ASP A 225 -6.03 21.38 7.68
N PHE A 226 -6.25 22.00 6.51
CA PHE A 226 -7.48 21.72 5.72
C PHE A 226 -7.50 20.25 5.31
N LEU A 227 -6.35 19.72 4.89
CA LEU A 227 -6.27 18.30 4.43
C LEU A 227 -6.69 17.38 5.58
N ASN A 228 -6.33 17.72 6.82
CA ASN A 228 -6.61 16.82 7.97
C ASN A 228 -8.05 17.00 8.46
N LYS A 229 -8.47 18.23 8.76
CA LYS A 229 -9.82 18.46 9.35
C LYS A 229 -10.91 17.87 8.43
N MET A 230 -10.71 17.95 7.12
CA MET A 230 -11.71 17.44 6.17
C MET A 230 -11.72 15.90 6.15
N LEU A 231 -10.54 15.27 6.31
CA LEU A 231 -10.36 13.82 6.28
C LEU A 231 -10.36 13.25 7.70
N GLN A 232 -11.57 13.20 8.30
CA GLN A 232 -11.82 12.66 9.64
C GLN A 232 -12.75 11.43 9.51
N ASN A 233 -12.16 10.23 9.63
CA ASN A 233 -12.82 8.92 9.52
C ASN A 233 -13.47 8.68 8.14
N LEU A 234 -12.86 9.23 7.09
CA LEU A 234 -13.40 9.06 5.71
C LEU A 234 -12.80 7.79 5.09
N ASP A 235 -12.35 6.85 5.93
CA ASP A 235 -11.78 5.58 5.43
C ASP A 235 -10.63 5.88 4.48
N VAL A 236 -9.87 6.95 4.76
CA VAL A 236 -8.73 7.35 3.87
C VAL A 236 -7.42 6.90 4.53
N ILE A 237 -6.83 5.80 4.04
CA ILE A 237 -5.57 5.27 4.61
C ILE A 237 -4.46 6.30 4.39
N LYS A 238 -3.57 6.48 5.37
CA LYS A 238 -2.44 7.44 5.23
C LYS A 238 -1.14 6.64 5.10
N VAL A 239 -0.13 7.21 4.43
CA VAL A 239 1.19 6.54 4.29
C VAL A 239 2.17 7.18 5.28
N PRO A 240 2.76 6.43 6.22
CA PRO A 240 3.65 7.00 7.23
C PRO A 240 5.05 7.28 6.64
N PHE A 241 5.65 8.41 7.00
CA PHE A 241 7.01 8.77 6.51
C PHE A 241 7.00 8.90 4.98
N LEU A 242 5.81 8.98 4.38
CA LEU A 242 5.69 9.16 2.90
C LEU A 242 4.52 10.10 2.61
N PRO A 243 4.71 11.19 1.83
CA PRO A 243 3.63 12.16 1.57
C PRO A 243 2.52 11.63 0.61
N PHE A 244 1.96 10.45 0.91
CA PHE A 244 0.93 9.85 0.02
C PHE A 244 -0.24 9.34 0.86
N TYR A 245 -1.38 9.06 0.21
CA TYR A 245 -2.59 8.61 0.95
C TYR A 245 -3.39 7.66 0.05
N VAL A 246 -3.93 6.58 0.63
CA VAL A 246 -4.72 5.58 -0.15
C VAL A 246 -6.16 5.60 0.38
N THR A 247 -7.12 5.10 -0.41
CA THR A 247 -8.52 5.02 0.08
C THR A 247 -9.40 4.19 -0.85
N LEU A 248 -10.49 3.63 -0.32
CA LEU A 248 -11.44 2.88 -1.13
C LEU A 248 -11.89 3.70 -2.35
N CYS A 249 -11.89 3.05 -3.52
CA CYS A 249 -12.34 3.64 -4.79
C CYS A 249 -13.85 3.97 -4.84
N ASN A 250 -14.68 3.26 -4.05
CA ASN A 250 -16.15 3.35 -4.07
C ASN A 250 -16.75 3.98 -2.80
N ASN A 251 -15.91 4.48 -1.86
CA ASN A 251 -16.36 5.07 -0.60
C ASN A 251 -17.17 6.36 -0.81
N SER A 252 -18.37 6.37 -0.21
CA SER A 252 -19.34 7.48 -0.24
C SER A 252 -18.90 8.72 0.56
N LYS A 253 -17.98 8.56 1.52
CA LYS A 253 -17.46 9.65 2.35
C LYS A 253 -16.48 10.58 1.62
N LEU A 254 -15.97 10.18 0.44
CA LEU A 254 -15.08 10.96 -0.43
C LEU A 254 -15.78 12.27 -0.90
N PRO A 255 -15.32 13.45 -0.43
CA PRO A 255 -15.97 14.72 -0.76
C PRO A 255 -15.63 15.22 -2.18
N THR A 256 -16.26 16.34 -2.57
CA THR A 256 -15.95 17.06 -3.81
C THR A 256 -15.28 18.40 -3.43
N PHE A 257 -14.14 18.71 -4.08
CA PHE A 257 -13.40 19.96 -3.89
C PHE A 257 -14.07 21.09 -4.70
N GLU A 258 -14.77 21.99 -4.01
CA GLU A 258 -15.51 23.07 -4.65
C GLU A 258 -14.94 24.44 -4.25
N PHE A 259 -14.88 25.34 -5.26
CA PHE A 259 -14.39 26.70 -5.13
C PHE A 259 -15.50 27.64 -5.63
N THR A 260 -16.03 28.46 -4.72
CA THR A 260 -17.05 29.47 -5.02
C THR A 260 -16.38 30.85 -5.13
N SER A 261 -16.97 31.69 -5.99
CA SER A 261 -16.56 33.08 -6.24
C SER A 261 -17.69 33.81 -6.99
N GLU A 262 -17.61 35.14 -7.00
CA GLU A 262 -18.66 36.05 -7.48
C GLU A 262 -19.04 35.87 -8.97
N ASN A 263 -18.07 35.47 -9.80
CA ASN A 263 -18.26 35.29 -11.24
C ASN A 263 -18.76 33.88 -11.60
N GLY A 264 -18.52 32.87 -10.75
CA GLY A 264 -19.01 31.51 -10.95
C GLY A 264 -18.37 30.53 -9.95
N LYS A 265 -18.80 29.27 -10.02
CA LYS A 265 -18.41 28.18 -9.12
C LYS A 265 -17.80 27.01 -9.92
N TYR A 266 -16.84 26.32 -9.28
CA TYR A 266 -16.10 25.18 -9.83
C TYR A 266 -16.19 24.01 -8.84
N THR A 267 -16.10 22.77 -9.35
CA THR A 267 -16.22 21.57 -8.49
C THR A 267 -15.39 20.42 -9.06
N LEU A 268 -14.38 19.95 -8.31
CA LEU A 268 -13.59 18.76 -8.74
C LEU A 268 -14.12 17.55 -7.97
N GLU A 269 -14.39 16.43 -8.65
CA GLU A 269 -15.04 15.28 -7.97
C GLU A 269 -14.07 14.12 -7.73
N PRO A 270 -14.42 13.14 -6.87
CA PRO A 270 -13.56 11.97 -6.57
C PRO A 270 -12.85 11.28 -7.74
N GLU A 271 -13.55 11.12 -8.86
CA GLU A 271 -12.95 10.44 -10.05
C GLU A 271 -11.77 11.25 -10.56
N TYR A 272 -11.61 12.48 -10.08
CA TYR A 272 -10.51 13.35 -10.58
C TYR A 272 -9.34 13.36 -9.60
N TYR A 273 -9.61 13.27 -8.29
CA TYR A 273 -8.51 13.35 -7.29
C TYR A 273 -8.12 11.96 -6.81
N LEU A 274 -8.60 10.92 -7.51
CA LEU A 274 -8.29 9.53 -7.10
C LEU A 274 -7.39 8.87 -8.14
N GLN A 275 -6.49 8.00 -7.70
CA GLN A 275 -5.56 7.30 -8.64
C GLN A 275 -5.85 5.79 -8.58
N HIS A 276 -5.88 5.15 -9.75
CA HIS A 276 -6.11 3.67 -9.79
C HIS A 276 -4.82 2.97 -9.34
N ILE A 277 -4.59 2.90 -8.03
CA ILE A 277 -3.38 2.25 -7.48
C ILE A 277 -3.72 0.79 -7.16
N GLU A 278 -4.78 0.27 -7.77
CA GLU A 278 -5.17 -1.15 -7.55
C GLU A 278 -4.07 -2.06 -8.11
N ASP A 279 -3.11 -1.46 -8.82
CA ASP A 279 -1.99 -2.25 -9.41
C ASP A 279 -1.26 -3.02 -8.30
N VAL A 280 -1.01 -2.36 -7.16
CA VAL A 280 -0.36 -3.05 -6.01
C VAL A 280 -1.43 -3.79 -5.20
N GLY A 281 -2.56 -3.13 -4.92
CA GLY A 281 -3.67 -3.79 -4.21
C GLY A 281 -4.99 -3.51 -4.89
N PRO A 282 -5.67 -4.51 -5.48
CA PRO A 282 -6.91 -4.28 -6.23
C PRO A 282 -7.98 -3.56 -5.38
N GLY A 283 -8.78 -2.69 -6.02
CA GLY A 283 -9.84 -1.98 -5.32
C GLY A 283 -9.31 -0.78 -4.55
N LEU A 284 -7.99 -0.61 -4.53
CA LEU A 284 -7.38 0.50 -3.74
C LEU A 284 -7.10 1.70 -4.66
N CYS A 285 -7.50 2.89 -4.23
CA CYS A 285 -7.27 4.13 -5.02
C CYS A 285 -6.48 5.13 -4.16
N MET A 286 -5.64 5.97 -4.78
CA MET A 286 -4.81 6.93 -4.02
C MET A 286 -5.37 8.35 -4.19
N LEU A 287 -5.42 9.13 -3.11
CA LEU A 287 -5.88 10.54 -3.22
C LEU A 287 -4.73 11.36 -3.81
N ASN A 288 -4.93 11.95 -4.99
CA ASN A 288 -3.88 12.79 -5.63
C ASN A 288 -3.87 14.15 -4.95
N ILE A 289 -3.75 14.16 -3.61
CA ILE A 289 -3.76 15.43 -2.84
C ILE A 289 -2.44 15.53 -2.08
N ILE A 290 -1.68 16.61 -2.31
CA ILE A 290 -0.39 16.81 -1.60
C ILE A 290 -0.52 18.05 -0.71
N GLY A 291 -0.66 17.85 0.59
CA GLY A 291 -0.87 18.98 1.52
C GLY A 291 0.39 19.80 1.71
N LEU A 292 0.28 21.13 1.69
CA LEU A 292 1.44 22.01 1.92
C LEU A 292 0.96 23.41 2.32
N ASP A 293 1.57 24.03 3.33
CA ASP A 293 1.28 25.37 3.84
C ASP A 293 2.22 26.39 3.15
N PHE A 294 1.73 27.63 3.09
CA PHE A 294 2.51 28.73 2.48
C PHE A 294 2.30 29.99 3.34
N PRO A 295 3.05 31.08 3.06
CA PRO A 295 2.99 32.33 3.85
C PRO A 295 1.62 33.06 3.88
N VAL A 296 0.78 32.77 2.88
CA VAL A 296 -0.61 33.33 2.84
C VAL A 296 -1.53 32.21 2.34
N PRO A 297 -2.86 32.25 2.57
CA PRO A 297 -3.74 31.15 2.19
C PRO A 297 -3.56 30.87 0.69
N THR A 298 -3.29 29.61 0.32
CA THR A 298 -3.02 29.29 -1.11
C THR A 298 -3.44 27.85 -1.42
N PHE A 299 -3.93 27.61 -2.64
CA PHE A 299 -4.28 26.23 -3.06
C PHE A 299 -3.67 26.00 -4.46
N ILE A 300 -3.57 24.75 -4.90
CA ILE A 300 -2.93 24.45 -6.21
C ILE A 300 -3.88 23.61 -7.07
N LEU A 301 -4.27 24.15 -8.23
CA LEU A 301 -5.14 23.40 -9.17
C LEU A 301 -4.24 22.75 -10.24
N GLY A 302 -3.67 21.58 -9.93
CA GLY A 302 -2.73 20.95 -10.87
C GLY A 302 -3.43 20.14 -11.94
N ASP A 303 -2.76 19.11 -12.46
CA ASP A 303 -3.35 18.28 -13.55
C ASP A 303 -4.80 17.95 -13.21
N PRO A 304 -5.12 17.47 -11.98
CA PRO A 304 -6.48 17.05 -11.66
C PRO A 304 -7.53 18.08 -12.11
N PHE A 305 -7.46 19.32 -11.62
CA PHE A 305 -8.47 20.34 -11.97
C PHE A 305 -8.41 20.66 -13.47
N MET A 306 -7.20 20.85 -13.99
CA MET A 306 -7.03 21.21 -15.43
C MET A 306 -7.54 20.06 -16.30
N ARG A 307 -7.41 18.82 -15.82
CA ARG A 307 -7.83 17.64 -16.61
C ARG A 307 -9.34 17.71 -16.87
N LYS A 308 -10.12 18.10 -15.85
CA LYS A 308 -11.60 18.13 -16.01
C LYS A 308 -12.02 19.47 -16.62
N TYR A 309 -11.30 20.55 -16.31
CA TYR A 309 -11.73 21.88 -16.79
C TYR A 309 -10.77 22.42 -17.86
N PHE A 310 -11.28 22.69 -19.07
CA PHE A 310 -10.42 23.31 -20.12
C PHE A 310 -9.95 24.67 -19.59
N THR A 311 -8.64 24.89 -19.49
CA THR A 311 -8.12 26.14 -18.88
C THR A 311 -7.95 27.22 -19.95
N VAL A 312 -7.97 28.50 -19.53
CA VAL A 312 -7.77 29.63 -20.48
C VAL A 312 -6.95 30.71 -19.76
N PHE A 313 -5.92 31.26 -20.43
CA PHE A 313 -5.05 32.29 -19.80
C PHE A 313 -4.91 33.49 -20.74
N ASP A 314 -5.09 34.70 -20.22
CA ASP A 314 -5.02 35.94 -21.05
C ASP A 314 -4.27 37.04 -20.31
N TYR A 315 -3.04 37.33 -20.72
CA TYR A 315 -2.26 38.42 -20.14
C TYR A 315 -2.94 39.79 -20.30
N ASP A 316 -3.65 39.97 -21.43
CA ASP A 316 -4.37 41.19 -21.81
C ASP A 316 -5.62 41.43 -20.95
N ASN A 317 -6.30 40.36 -20.52
CA ASN A 317 -7.45 40.41 -19.62
C ASN A 317 -7.03 40.50 -18.13
N HIS A 318 -5.81 40.01 -17.81
CA HIS A 318 -5.27 39.82 -16.45
C HIS A 318 -6.19 38.89 -15.63
N SER A 319 -6.58 37.76 -16.25
CA SER A 319 -7.57 36.83 -15.73
C SER A 319 -7.29 35.41 -16.23
N VAL A 320 -7.79 34.43 -15.47
CA VAL A 320 -7.80 33.01 -15.82
C VAL A 320 -9.25 32.63 -16.14
N GLY A 321 -9.47 32.07 -17.33
CA GLY A 321 -10.83 31.61 -17.72
C GLY A 321 -10.94 30.11 -17.59
N ILE A 322 -12.10 29.61 -17.14
CA ILE A 322 -12.25 28.15 -16.90
C ILE A 322 -13.58 27.68 -17.51
N ALA A 323 -13.60 26.47 -18.08
CA ALA A 323 -14.85 25.91 -18.66
C ALA A 323 -14.73 24.38 -18.71
N LEU A 324 -15.86 23.68 -18.64
CA LEU A 324 -15.83 22.20 -18.63
C LEU A 324 -15.15 21.71 -19.91
N ALA A 325 -14.17 20.80 -19.77
CA ALA A 325 -13.48 20.24 -20.95
C ALA A 325 -14.44 19.32 -21.69
N LYS A 326 -14.48 19.42 -23.02
CA LYS A 326 -15.37 18.57 -23.84
C LYS A 326 -15.05 17.10 -23.55
N LYS A 327 -16.07 16.23 -23.53
CA LYS A 327 -15.81 14.79 -23.34
C LYS A 327 -14.88 14.33 -24.46
N ASN A 328 -14.00 13.38 -24.18
CA ASN A 328 -13.11 12.84 -25.24
C ASN A 328 -13.95 12.62 -26.50
N LEU A 329 -13.43 13.05 -27.66
CA LEU A 329 -14.21 12.94 -28.93
C LEU A 329 -15.43 13.86 -28.82
N SER B 1 39.21 31.58 25.78
CA SER B 1 38.70 31.11 24.47
C SER B 1 39.79 31.27 23.40
N SER B 2 40.42 32.45 23.33
CA SER B 2 41.47 32.71 22.31
C SER B 2 40.91 32.41 20.92
N ASN B 3 39.62 32.71 20.70
CA ASN B 3 38.98 32.41 19.40
C ASN B 3 37.97 33.51 19.07
N ASP B 4 37.56 33.62 17.80
CA ASP B 4 36.52 34.61 17.44
C ASP B 4 35.19 34.10 18.01
N ASN B 5 34.60 34.85 18.94
CA ASN B 5 33.32 34.44 19.57
C ASN B 5 32.29 35.56 19.38
N ILE B 6 31.82 35.77 18.15
CA ILE B 6 30.83 36.85 17.87
C ILE B 6 29.73 36.75 18.94
N GLU B 7 29.51 37.84 19.69
CA GLU B 7 28.52 37.79 20.79
C GLU B 7 27.13 37.51 20.21
N LEU B 8 26.58 36.33 20.48
CA LEU B 8 25.22 35.99 20.00
C LEU B 8 24.20 36.78 20.84
N VAL B 9 23.37 37.58 20.18
CA VAL B 9 22.34 38.39 20.91
C VAL B 9 20.97 37.74 20.70
N ASP B 10 20.45 37.07 21.72
CA ASP B 10 19.14 36.37 21.59
C ASP B 10 18.03 37.42 21.49
N PHE B 11 16.99 37.13 20.70
CA PHE B 11 15.85 38.07 20.55
C PHE B 11 14.58 37.38 21.05
N GLN B 12 13.89 37.99 22.01
CA GLN B 12 12.67 37.38 22.60
C GLN B 12 12.96 35.91 22.93
N ASN B 13 14.21 35.59 23.25
CA ASN B 13 14.60 34.18 23.56
C ASN B 13 13.99 33.27 22.50
N ILE B 14 13.80 33.79 21.29
CA ILE B 14 13.20 32.97 20.18
C ILE B 14 14.22 32.88 19.03
N MET B 15 15.22 33.77 19.01
CA MET B 15 16.27 33.67 17.96
C MET B 15 17.46 34.56 18.33
N PHE B 16 18.66 33.96 18.41
CA PHE B 16 19.88 34.76 18.69
C PHE B 16 20.35 35.40 17.38
N TYR B 17 20.70 36.68 17.41
CA TYR B 17 21.11 37.40 16.18
C TYR B 17 22.63 37.57 16.15
N GLY B 18 23.19 37.90 14.99
CA GLY B 18 24.65 38.11 14.87
C GLY B 18 24.97 39.34 14.04
N ASP B 19 26.16 39.92 14.23
CA ASP B 19 26.54 41.15 13.50
C ASP B 19 27.91 40.94 12.83
N ALA B 20 28.08 41.48 11.62
CA ALA B 20 29.36 41.36 10.89
C ALA B 20 29.51 42.54 9.92
N GLU B 21 30.67 42.67 9.26
CA GLU B 21 30.88 43.78 8.34
C GLU B 21 31.37 43.24 6.98
N VAL B 22 31.06 43.96 5.89
CA VAL B 22 31.47 43.58 4.53
C VAL B 22 31.88 44.83 3.74
N GLY B 23 32.94 44.70 2.93
CA GLY B 23 33.45 45.72 2.04
C GLY B 23 34.62 46.49 2.66
N ASP B 24 35.27 47.32 1.82
CA ASP B 24 36.41 48.16 2.19
C ASP B 24 36.01 49.30 3.16
N ASN B 25 34.78 49.79 3.03
CA ASN B 25 34.15 50.74 3.96
C ASN B 25 33.72 50.07 5.28
N GLN B 26 33.79 48.73 5.36
CA GLN B 26 33.49 47.88 6.52
C GLN B 26 32.03 48.09 6.98
N GLN B 27 31.11 47.90 6.04
CA GLN B 27 29.68 48.22 6.11
C GLN B 27 28.97 47.24 7.09
N PRO B 28 28.57 47.70 8.31
CA PRO B 28 27.94 46.82 9.31
C PRO B 28 26.52 46.34 8.92
N PHE B 29 26.32 45.03 9.03
CA PHE B 29 25.05 44.35 8.77
C PHE B 29 24.78 43.33 9.89
N THR B 30 23.50 43.17 10.26
CA THR B 30 23.06 42.13 11.19
C THR B 30 22.69 40.86 10.38
N PHE B 31 23.24 39.71 10.80
CA PHE B 31 22.97 38.44 10.07
C PHE B 31 22.43 37.40 11.04
N ILE B 32 21.95 36.27 10.51
CA ILE B 32 21.44 35.16 11.38
C ILE B 32 22.25 33.90 11.08
N LEU B 33 22.94 33.37 12.09
CA LEU B 33 23.77 32.13 11.91
C LEU B 33 22.86 30.99 11.47
N ASP B 34 23.25 30.24 10.43
CA ASP B 34 22.43 29.12 9.92
C ASP B 34 23.34 27.94 9.54
N THR B 35 23.57 27.03 10.48
CA THR B 35 24.38 25.82 10.17
C THR B 35 23.71 25.08 9.01
N GLY B 36 22.52 25.54 8.61
CA GLY B 36 21.79 24.91 7.49
C GLY B 36 22.07 25.61 6.17
N SER B 37 22.81 26.71 6.21
CA SER B 37 23.21 27.39 4.95
C SER B 37 24.72 27.26 4.76
N ALA B 38 25.21 27.45 3.53
CA ALA B 38 26.66 27.35 3.27
C ALA B 38 27.16 28.62 2.58
N ASN B 39 26.23 29.48 2.16
CA ASN B 39 26.60 30.74 1.49
C ASN B 39 26.28 31.90 2.42
N LEU B 40 26.96 33.03 2.22
CA LEU B 40 26.62 34.31 2.83
C LEU B 40 25.59 35.02 1.92
N TRP B 41 24.47 35.49 2.50
CA TRP B 41 23.52 36.38 1.84
C TRP B 41 23.63 37.76 2.49
N VAL B 42 23.88 38.79 1.68
CA VAL B 42 23.94 40.19 2.19
C VAL B 42 22.91 41.03 1.43
N PRO B 43 22.09 41.86 2.11
CA PRO B 43 21.11 42.73 1.42
C PRO B 43 21.82 43.81 0.59
N SER B 44 21.14 44.36 -0.42
CA SER B 44 21.81 45.34 -1.32
C SER B 44 20.92 46.55 -1.61
N VAL B 45 21.54 47.69 -1.96
CA VAL B 45 20.81 48.92 -2.26
C VAL B 45 19.98 48.84 -3.56
N LYS B 46 20.34 47.90 -4.45
CA LYS B 46 19.70 47.61 -5.73
C LYS B 46 18.34 46.92 -5.55
N CYS B 47 18.13 46.36 -4.35
CA CYS B 47 16.84 45.73 -3.99
C CYS B 47 15.83 46.85 -3.70
N THR B 48 14.83 46.99 -4.56
CA THR B 48 13.81 48.03 -4.47
C THR B 48 12.61 47.63 -3.57
N THR B 49 12.51 46.35 -3.17
CA THR B 49 11.45 45.83 -2.31
C THR B 49 11.50 46.48 -0.91
N ALA B 50 10.32 46.86 -0.37
CA ALA B 50 10.17 47.59 0.89
C ALA B 50 10.86 46.97 2.12
N GLY B 51 10.98 45.63 2.13
CA GLY B 51 11.70 44.89 3.16
C GLY B 51 13.19 45.22 3.15
N CYS B 52 13.84 45.18 1.97
CA CYS B 52 15.27 45.56 1.86
C CYS B 52 15.47 47.01 2.30
N LEU B 53 14.62 47.93 1.83
CA LEU B 53 14.74 49.37 2.11
C LEU B 53 14.82 49.73 3.60
N THR B 54 14.09 48.98 4.46
CA THR B 54 14.14 49.15 5.92
C THR B 54 15.41 48.56 6.56
N LYS B 55 16.07 47.60 5.89
CA LYS B 55 17.34 47.02 6.34
C LYS B 55 18.54 47.90 5.92
N HIS B 56 19.69 47.59 6.51
CA HIS B 56 21.00 48.09 6.09
C HIS B 56 21.41 47.39 4.79
N LEU B 57 21.94 48.16 3.83
CA LEU B 57 22.13 47.71 2.45
C LEU B 57 23.56 47.95 1.95
N TYR B 58 24.08 46.94 1.23
CA TYR B 58 25.38 46.93 0.58
C TYR B 58 25.34 47.70 -0.76
N ASP B 59 26.37 48.52 -1.00
CA ASP B 59 26.60 49.19 -2.28
C ASP B 59 27.94 48.71 -2.83
N SER B 60 27.90 48.26 -4.10
CA SER B 60 29.03 47.78 -4.89
C SER B 60 30.03 48.88 -5.28
N SER B 61 29.55 50.13 -5.41
CA SER B 61 30.39 51.30 -5.69
C SER B 61 31.02 51.90 -4.41
N LYS B 62 30.35 51.71 -3.25
CA LYS B 62 30.82 52.14 -1.94
C LYS B 62 32.08 51.38 -1.50
N SER B 63 32.06 50.04 -1.64
CA SER B 63 33.24 49.21 -1.44
C SER B 63 34.19 49.33 -2.65
N ARG B 64 35.46 49.60 -2.35
CA ARG B 64 36.53 49.78 -3.33
C ARG B 64 37.25 48.45 -3.66
N THR B 65 37.02 47.40 -2.85
CA THR B 65 37.57 46.05 -3.00
C THR B 65 36.51 45.06 -3.55
N TYR B 66 35.43 45.57 -4.15
CA TYR B 66 34.38 44.80 -4.82
C TYR B 66 34.88 44.10 -6.11
N GLU B 67 34.35 42.89 -6.35
CA GLU B 67 34.59 42.05 -7.52
C GLU B 67 33.24 41.46 -7.96
N LYS B 68 32.77 41.84 -9.16
CA LYS B 68 31.53 41.35 -9.74
C LYS B 68 31.72 39.98 -10.41
N ASP B 69 30.95 38.97 -9.95
CA ASP B 69 30.83 37.68 -10.63
C ASP B 69 29.77 37.79 -11.76
N GLY B 70 28.64 38.47 -11.46
CA GLY B 70 27.58 38.77 -12.44
C GLY B 70 26.66 37.58 -12.74
N THR B 71 26.92 36.41 -12.13
CA THR B 71 26.18 35.15 -12.30
C THR B 71 24.82 35.24 -11.60
N LYS B 72 23.76 34.94 -12.35
CA LYS B 72 22.38 34.94 -11.79
C LYS B 72 22.26 33.81 -10.77
N VAL B 73 21.56 34.05 -9.67
CA VAL B 73 21.39 33.02 -8.60
C VAL B 73 19.94 33.03 -8.12
N GLU B 74 19.24 31.90 -8.26
CA GLU B 74 17.81 31.82 -7.83
C GLU B 74 17.51 30.43 -7.28
N MET B 75 16.68 30.36 -6.24
CA MET B 75 16.28 29.04 -5.67
C MET B 75 14.78 29.09 -5.33
N ASN B 76 13.94 28.45 -6.15
CA ASN B 76 12.48 28.45 -5.91
C ASN B 76 12.14 27.47 -4.79
N TYR B 77 12.05 27.96 -3.55
CA TYR B 77 11.72 27.09 -2.39
C TYR B 77 10.32 26.50 -2.58
N VAL B 78 10.00 25.39 -1.90
CA VAL B 78 8.69 24.73 -2.12
C VAL B 78 7.58 25.79 -2.05
N SER B 79 7.66 26.71 -1.09
CA SER B 79 6.67 27.76 -0.88
C SER B 79 7.31 29.17 -0.97
N GLY B 80 8.31 29.35 -1.85
CA GLY B 80 9.02 30.63 -1.94
C GLY B 80 9.93 30.75 -3.16
N THR B 81 10.70 31.84 -3.23
CA THR B 81 11.65 32.05 -4.35
C THR B 81 12.70 33.08 -3.93
N VAL B 82 13.97 32.83 -4.26
CA VAL B 82 15.07 33.79 -3.93
C VAL B 82 15.68 34.29 -5.23
N SER B 83 15.82 35.61 -5.40
CA SER B 83 16.33 36.17 -6.68
C SER B 83 17.51 37.12 -6.42
N GLY B 84 18.63 36.89 -7.09
CA GLY B 84 19.82 37.75 -6.92
C GLY B 84 20.97 37.32 -7.82
N PHE B 85 22.20 37.70 -7.46
CA PHE B 85 23.38 37.34 -8.25
C PHE B 85 24.62 37.27 -7.34
N PHE B 86 25.60 36.43 -7.71
CA PHE B 86 26.88 36.28 -6.98
C PHE B 86 27.77 37.53 -7.06
N SER B 87 28.49 37.77 -5.98
CA SER B 87 29.41 38.90 -5.82
C SER B 87 30.50 38.50 -4.82
N LYS B 88 31.73 38.97 -5.05
CA LYS B 88 32.88 38.74 -4.17
C LYS B 88 33.40 40.09 -3.63
N ASP B 89 33.92 40.05 -2.41
CA ASP B 89 34.42 41.20 -1.66
C ASP B 89 35.06 40.67 -0.37
N LEU B 90 35.87 41.51 0.28
CA LEU B 90 36.49 41.12 1.57
C LEU B 90 35.39 41.09 2.64
N VAL B 91 35.23 39.95 3.32
CA VAL B 91 34.17 39.82 4.36
C VAL B 91 34.83 39.99 5.74
N THR B 92 34.39 40.98 6.51
CA THR B 92 34.97 41.24 7.85
C THR B 92 34.30 40.31 8.88
N VAL B 93 34.85 39.10 9.05
CA VAL B 93 34.30 38.13 10.04
C VAL B 93 34.85 38.51 11.42
N GLY B 94 34.36 39.61 12.00
CA GLY B 94 34.86 40.07 13.31
C GLY B 94 36.37 40.27 13.28
N ASN B 95 37.10 39.57 14.15
CA ASN B 95 38.59 39.69 14.18
C ASN B 95 39.15 39.29 12.81
N LEU B 96 38.58 38.27 12.19
CA LEU B 96 39.09 37.77 10.89
C LEU B 96 38.47 38.59 9.75
N SER B 97 39.14 38.64 8.59
CA SER B 97 38.59 39.36 7.41
C SER B 97 39.14 38.72 6.13
N LEU B 98 38.30 37.99 5.40
CA LEU B 98 38.75 37.29 4.17
C LEU B 98 37.72 37.49 3.06
N PRO B 99 38.13 37.64 1.78
CA PRO B 99 37.19 37.77 0.67
C PRO B 99 36.33 36.49 0.57
N TYR B 100 35.02 36.66 0.35
CA TYR B 100 34.11 35.49 0.27
C TYR B 100 33.11 35.66 -0.88
N LYS B 101 32.66 34.57 -1.48
CA LYS B 101 31.68 34.63 -2.59
C LYS B 101 30.27 34.65 -2.01
N PHE B 102 29.71 35.84 -1.77
CA PHE B 102 28.36 35.95 -1.23
C PHE B 102 27.32 36.10 -2.35
N ILE B 103 26.05 35.82 -2.01
CA ILE B 103 24.95 35.95 -3.01
C ILE B 103 24.23 37.28 -2.77
N GLU B 104 24.44 38.25 -3.65
CA GLU B 104 23.78 39.58 -3.51
C GLU B 104 22.27 39.41 -3.73
N VAL B 105 21.44 40.11 -2.93
CA VAL B 105 19.97 39.96 -3.04
C VAL B 105 19.43 41.07 -3.95
N ILE B 106 18.36 40.78 -4.70
CA ILE B 106 17.75 41.79 -5.61
C ILE B 106 16.24 41.82 -5.38
N ASP B 107 15.55 40.71 -5.63
CA ASP B 107 14.09 40.62 -5.39
C ASP B 107 13.78 39.39 -4.55
N THR B 108 14.69 39.05 -3.63
CA THR B 108 14.50 37.82 -2.80
C THR B 108 13.32 38.03 -1.85
N ASN B 109 13.15 39.24 -1.30
CA ASN B 109 12.07 39.46 -0.30
C ASN B 109 10.70 39.42 -1.00
N GLY B 110 10.67 39.14 -2.30
CA GLY B 110 9.40 39.17 -3.05
C GLY B 110 8.41 38.12 -2.58
N PHE B 111 8.87 36.87 -2.39
CA PHE B 111 7.96 35.76 -2.01
C PHE B 111 7.42 35.99 -0.59
N GLU B 112 8.13 36.77 0.22
CA GLU B 112 7.75 36.98 1.61
C GLU B 112 8.32 38.32 2.09
N PRO B 113 7.48 39.38 2.14
CA PRO B 113 7.84 40.61 2.87
C PRO B 113 7.67 40.50 4.40
N THR B 114 7.43 39.28 4.93
CA THR B 114 7.30 38.95 6.35
C THR B 114 8.56 39.26 7.17
N TYR B 115 9.75 39.19 6.52
CA TYR B 115 11.05 39.47 7.11
C TYR B 115 11.30 40.96 7.41
N THR B 116 10.45 41.88 6.88
CA THR B 116 10.50 43.32 7.15
C THR B 116 10.37 43.67 8.64
N ALA B 117 9.53 42.90 9.37
CA ALA B 117 9.31 43.00 10.81
C ALA B 117 10.50 42.52 11.66
N SER B 118 11.24 41.51 11.17
CA SER B 118 12.45 40.98 11.81
C SER B 118 13.65 41.92 11.59
N THR B 119 14.53 42.03 12.59
CA THR B 119 15.64 42.99 12.58
C THR B 119 16.86 42.59 11.73
N PHE B 120 17.00 41.29 11.39
CA PHE B 120 18.12 40.79 10.59
C PHE B 120 18.06 41.30 9.14
N ASP B 121 19.24 41.56 8.59
CA ASP B 121 19.47 42.06 7.24
C ASP B 121 19.72 40.88 6.28
N GLY B 122 20.58 39.92 6.67
CA GLY B 122 20.98 38.79 5.84
C GLY B 122 21.13 37.50 6.66
N ILE B 123 21.72 36.48 6.04
CA ILE B 123 21.94 35.17 6.75
C ILE B 123 23.41 34.77 6.55
N LEU B 124 23.96 33.96 7.46
CA LEU B 124 25.37 33.49 7.32
C LEU B 124 25.38 31.97 7.08
N GLY B 125 26.19 31.50 6.14
CA GLY B 125 26.28 30.05 5.85
C GLY B 125 27.30 29.36 6.74
N LEU B 126 26.84 28.43 7.59
CA LEU B 126 27.74 27.69 8.50
C LEU B 126 27.70 26.20 8.16
N GLY B 127 27.79 25.88 6.87
CA GLY B 127 27.71 24.47 6.43
C GLY B 127 28.83 24.07 5.49
N TRP B 128 28.68 22.93 4.81
CA TRP B 128 29.76 22.40 3.92
C TRP B 128 29.58 22.91 2.49
N LYS B 129 30.59 22.73 1.65
CA LYS B 129 30.54 23.20 0.23
C LYS B 129 29.50 22.38 -0.54
N ASP B 130 29.30 21.12 -0.16
CA ASP B 130 28.33 20.24 -0.86
C ASP B 130 26.94 20.89 -0.79
N LEU B 131 26.69 21.70 0.24
CA LEU B 131 25.39 22.39 0.41
C LEU B 131 25.50 23.82 -0.14
N SER B 132 26.69 24.19 -0.63
CA SER B 132 26.90 25.59 -1.09
C SER B 132 26.52 25.78 -2.55
N ILE B 133 25.66 26.76 -2.83
CA ILE B 133 25.31 27.09 -4.20
C ILE B 133 26.51 27.81 -4.83
N GLY B 134 27.05 27.25 -5.94
CA GLY B 134 28.22 27.79 -6.64
C GLY B 134 29.55 27.25 -6.10
N SER B 135 29.53 26.20 -5.25
CA SER B 135 30.70 25.50 -4.69
C SER B 135 31.65 26.41 -3.87
N VAL B 136 31.06 27.27 -3.04
CA VAL B 136 31.87 28.16 -2.16
C VAL B 136 32.25 27.38 -0.91
N ASP B 137 33.54 27.40 -0.54
CA ASP B 137 34.01 26.64 0.66
C ASP B 137 33.60 27.38 1.93
N PRO B 138 33.46 26.69 3.09
CA PRO B 138 33.13 27.36 4.35
C PRO B 138 34.19 28.40 4.73
N ILE B 139 33.77 29.51 5.33
CA ILE B 139 34.72 30.60 5.71
C ILE B 139 35.75 30.04 6.68
N VAL B 140 35.32 29.24 7.66
CA VAL B 140 36.25 28.67 8.67
C VAL B 140 37.35 27.89 7.95
N VAL B 141 36.96 27.07 6.97
CA VAL B 141 37.95 26.24 6.22
C VAL B 141 38.97 27.17 5.56
N GLU B 142 38.50 28.22 4.88
CA GLU B 142 39.40 29.16 4.18
C GLU B 142 40.31 29.86 5.20
N LEU B 143 39.74 30.25 6.35
CA LEU B 143 40.54 30.95 7.39
C LEU B 143 41.73 30.07 7.77
N LYS B 144 41.49 28.77 8.02
CA LYS B 144 42.58 27.84 8.38
C LYS B 144 43.53 27.72 7.18
N ASN B 145 42.97 27.48 5.98
CA ASN B 145 43.80 27.41 4.77
C ASN B 145 44.70 28.65 4.60
N GLN B 146 44.20 29.82 5.04
CA GLN B 146 44.91 31.10 5.12
C GLN B 146 45.77 31.23 6.39
N ASN B 147 45.68 30.25 7.31
CA ASN B 147 46.46 30.29 8.57
C ASN B 147 45.92 31.41 9.45
N LYS B 148 44.60 31.61 9.46
CA LYS B 148 43.97 32.68 10.28
C LYS B 148 43.40 32.06 11.56
N ILE B 149 43.21 30.74 11.58
CA ILE B 149 42.65 30.05 12.79
C ILE B 149 43.49 28.79 13.07
N GLU B 150 43.42 28.28 14.29
CA GLU B 150 44.23 27.09 14.68
C GLU B 150 43.52 25.82 14.20
N ASN B 151 42.19 25.73 14.42
CA ASN B 151 41.43 24.54 14.03
C ASN B 151 40.32 24.94 13.06
N ALA B 152 39.79 23.97 12.28
CA ALA B 152 38.67 24.20 11.37
C ALA B 152 37.37 23.81 12.08
N LEU B 153 36.99 24.65 13.07
CA LEU B 153 35.83 24.40 13.91
C LEU B 153 35.13 25.69 14.31
N PHE B 154 33.88 25.53 14.78
CA PHE B 154 33.00 26.60 15.21
C PHE B 154 32.00 26.04 16.24
N THR B 155 31.92 26.70 17.40
CA THR B 155 31.05 26.20 18.50
C THR B 155 30.13 27.34 18.95
N PHE B 156 28.88 27.03 19.31
CA PHE B 156 27.91 28.10 19.64
C PHE B 156 27.59 28.14 21.14
N TYR B 157 27.51 29.34 21.72
CA TYR B 157 27.12 29.49 23.14
C TYR B 157 25.80 30.26 23.15
N LEU B 158 24.76 29.66 22.57
CA LEU B 158 23.45 30.37 22.43
C LEU B 158 23.14 31.18 23.69
N PRO B 159 22.81 32.48 23.55
CA PRO B 159 22.43 33.30 24.71
C PRO B 159 21.07 32.84 25.24
N VAL B 160 21.00 32.53 26.55
CA VAL B 160 19.73 32.06 27.17
C VAL B 160 18.71 33.22 27.15
N HIS B 161 19.17 34.43 26.80
CA HIS B 161 18.27 35.61 26.77
C HIS B 161 17.88 35.96 28.19
N ASP B 162 18.48 35.28 29.18
CA ASP B 162 18.20 35.59 30.61
C ASP B 162 19.54 35.82 31.32
N LYS B 163 20.05 37.05 31.26
CA LYS B 163 21.37 37.37 31.87
C LYS B 163 22.43 36.43 31.28
N HIS B 164 22.32 36.13 29.98
CA HIS B 164 23.27 35.19 29.33
C HIS B 164 23.77 35.78 28.00
N THR B 165 25.05 36.14 27.93
CA THR B 165 25.63 36.70 26.68
C THR B 165 26.07 35.54 25.78
N GLY B 166 25.49 35.45 24.57
CA GLY B 166 25.84 34.36 23.65
C GLY B 166 27.16 34.62 22.94
N PHE B 167 27.83 33.56 22.48
CA PHE B 167 29.11 33.73 21.75
C PHE B 167 29.34 32.51 20.84
N LEU B 168 29.87 32.75 19.63
CA LEU B 168 30.16 31.63 18.69
C LEU B 168 31.68 31.45 18.62
N THR B 169 32.25 30.66 19.53
CA THR B 169 33.72 30.40 19.52
C THR B 169 34.08 29.62 18.25
N ILE B 170 35.03 30.15 17.46
CA ILE B 170 35.40 29.48 16.18
C ILE B 170 36.92 29.31 16.11
N GLY B 171 37.40 28.20 15.55
CA GLY B 171 38.85 27.95 15.42
C GLY B 171 39.41 27.23 16.62
N GLY B 172 38.63 27.14 17.70
CA GLY B 172 39.08 26.46 18.94
C GLY B 172 37.93 26.18 19.88
N ILE B 173 38.17 25.40 20.94
CA ILE B 173 37.07 25.04 21.89
C ILE B 173 37.44 25.51 23.30
N GLU B 174 36.50 26.13 24.01
CA GLU B 174 36.76 26.63 25.39
C GLU B 174 35.78 25.97 26.36
N GLU B 175 36.29 25.37 27.44
CA GLU B 175 35.42 24.67 28.42
C GLU B 175 34.49 25.67 29.11
N ARG B 176 34.96 26.90 29.33
CA ARG B 176 34.14 27.91 30.07
C ARG B 176 32.75 28.02 29.46
N PHE B 177 32.61 27.71 28.17
CA PHE B 177 31.30 27.90 27.49
C PHE B 177 30.37 26.70 27.76
N TYR B 178 30.82 25.74 28.57
CA TYR B 178 30.00 24.53 28.84
C TYR B 178 30.50 23.80 30.09
N GLU B 179 29.92 22.63 30.37
CA GLU B 179 30.32 21.84 31.56
C GLU B 179 30.00 20.36 31.31
N GLY B 180 30.65 19.45 32.03
CA GLY B 180 30.39 18.02 31.86
C GLY B 180 31.05 17.47 30.61
N PRO B 181 30.80 16.20 30.23
CA PRO B 181 31.45 15.58 29.06
C PRO B 181 30.96 16.17 27.72
N LEU B 182 31.92 16.50 26.84
CA LEU B 182 31.69 16.95 25.48
C LEU B 182 31.70 15.74 24.53
N THR B 183 30.55 15.06 24.47
CA THR B 183 30.35 13.85 23.67
C THR B 183 30.20 14.18 22.18
N TYR B 184 31.03 13.55 21.34
CA TYR B 184 31.01 13.73 19.89
C TYR B 184 30.21 12.64 19.20
N GLU B 185 29.43 13.03 18.19
CA GLU B 185 28.63 12.05 17.40
C GLU B 185 29.04 12.18 15.94
N LYS B 186 29.51 11.08 15.32
CA LYS B 186 29.98 11.12 13.92
C LYS B 186 28.87 11.65 13.01
N LEU B 187 29.21 12.48 12.02
CA LEU B 187 28.21 13.01 11.07
C LEU B 187 27.79 11.88 10.11
N ASN B 188 26.57 11.95 9.58
CA ASN B 188 26.09 10.93 8.61
C ASN B 188 26.45 11.34 7.18
N HIS B 189 26.90 12.58 6.98
CA HIS B 189 27.31 13.05 5.63
C HIS B 189 28.16 14.32 5.76
N ASP B 190 28.77 14.80 4.67
CA ASP B 190 29.65 15.98 4.73
C ASP B 190 29.02 17.16 3.99
N LEU B 191 27.69 17.27 4.03
CA LEU B 191 26.98 18.40 3.38
C LEU B 191 26.29 19.22 4.48
N TYR B 192 25.47 18.56 5.29
CA TYR B 192 24.81 19.24 6.43
C TYR B 192 25.46 18.76 7.72
N TRP B 193 25.53 19.62 8.74
CA TRP B 193 26.06 19.15 10.05
C TRP B 193 24.96 18.29 10.69
N GLN B 194 24.85 17.03 10.25
CA GLN B 194 23.75 16.16 10.73
C GLN B 194 24.31 14.85 11.27
N ILE B 195 23.61 14.23 12.22
CA ILE B 195 24.05 12.92 12.80
C ILE B 195 22.87 11.95 12.76
N THR B 196 23.08 10.71 13.21
CA THR B 196 21.97 9.73 13.28
C THR B 196 21.80 9.25 14.72
N LEU B 197 20.60 9.41 15.28
CA LEU B 197 20.35 9.02 16.70
C LEU B 197 19.04 8.25 16.79
N ASP B 198 18.74 7.68 17.97
CA ASP B 198 17.48 6.91 18.17
C ASP B 198 16.43 7.84 18.79
N ALA B 199 15.51 8.37 17.97
CA ALA B 199 14.46 9.27 18.48
C ALA B 199 13.32 8.46 19.07
N HIS B 200 13.17 8.49 20.39
CA HIS B 200 12.06 7.75 21.06
C HIS B 200 11.28 8.72 21.94
N VAL B 201 10.25 9.37 21.38
CA VAL B 201 9.44 10.36 22.15
C VAL B 201 8.51 9.58 23.07
N GLY B 202 9.04 9.11 24.21
CA GLY B 202 8.22 8.31 25.14
C GLY B 202 7.57 7.14 24.41
N ASN B 203 6.23 7.14 24.35
CA ASN B 203 5.50 6.05 23.66
C ASN B 203 6.01 5.95 22.22
N ILE B 204 6.24 7.09 21.57
CA ILE B 204 6.73 7.11 20.16
C ILE B 204 8.09 6.42 20.11
N SER B 205 8.32 5.56 19.12
CA SER B 205 9.60 4.81 19.05
C SER B 205 10.17 4.84 17.63
N LEU B 206 11.39 5.36 17.48
CA LEU B 206 12.08 5.35 16.15
C LEU B 206 13.56 5.11 16.40
N GLU B 207 14.21 4.27 15.59
CA GLU B 207 15.63 3.93 15.87
C GLU B 207 16.55 4.29 14.70
N LYS B 208 17.70 4.89 15.00
CA LYS B 208 18.70 5.23 13.97
C LYS B 208 18.15 6.22 12.92
N ALA B 209 17.43 7.24 13.39
CA ALA B 209 16.83 8.24 12.46
C ALA B 209 17.79 9.40 12.23
N ASN B 210 17.65 10.10 11.10
CA ASN B 210 18.55 11.25 10.79
C ASN B 210 18.21 12.43 11.70
N CYS B 211 19.23 12.97 12.39
CA CYS B 211 19.01 14.15 13.26
C CYS B 211 19.92 15.28 12.78
N ILE B 212 19.36 16.49 12.62
CA ILE B 212 20.15 17.64 12.11
C ILE B 212 20.31 18.69 13.21
N VAL B 213 21.30 19.57 13.11
CA VAL B 213 21.46 20.66 14.11
C VAL B 213 21.50 22.00 13.36
N ASP B 214 20.57 22.91 13.67
CA ASP B 214 20.49 24.21 12.96
C ASP B 214 20.44 25.36 13.98
N SER B 215 21.18 26.44 13.73
CA SER B 215 21.16 27.62 14.62
C SER B 215 20.23 28.68 14.02
N GLY B 216 19.94 28.57 12.73
CA GLY B 216 19.06 29.54 12.05
C GLY B 216 17.61 29.36 12.44
N THR B 217 17.22 28.16 12.87
CA THR B 217 15.82 27.88 13.24
C THR B 217 15.72 27.69 14.76
N SER B 218 14.60 28.09 15.35
CA SER B 218 14.38 27.87 16.81
C SER B 218 13.25 26.84 16.97
N ALA B 219 13.15 25.91 16.03
CA ALA B 219 12.06 24.90 16.07
C ALA B 219 12.64 23.49 15.98
N ILE B 220 12.01 22.52 16.62
CA ILE B 220 12.46 21.10 16.56
C ILE B 220 11.55 20.34 15.60
N THR B 221 11.79 20.45 14.30
CA THR B 221 10.94 19.77 13.29
C THR B 221 10.88 18.27 13.60
N VAL B 222 9.72 17.64 13.40
CA VAL B 222 9.56 16.20 13.74
C VAL B 222 8.58 15.57 12.75
N PRO B 223 8.74 14.28 12.36
CA PRO B 223 7.79 13.61 11.47
C PRO B 223 6.33 13.96 11.81
N THR B 224 5.53 14.26 10.78
CA THR B 224 4.10 14.61 11.00
C THR B 224 3.47 13.58 11.93
N ASP B 225 3.72 12.29 11.68
CA ASP B 225 3.13 11.21 12.51
C ASP B 225 3.45 11.49 13.97
N PHE B 226 4.72 11.83 14.26
CA PHE B 226 5.13 12.10 15.67
C PHE B 226 4.23 13.20 16.24
N LEU B 227 4.13 14.32 15.53
CA LEU B 227 3.32 15.47 16.04
C LEU B 227 1.87 15.01 16.24
N ASN B 228 1.33 14.29 15.25
CA ASN B 228 -0.10 13.87 15.34
C ASN B 228 -0.29 13.06 16.63
N LYS B 229 0.53 12.04 16.83
CA LYS B 229 0.40 11.17 18.03
C LYS B 229 0.72 11.99 19.29
N MET B 230 1.85 12.70 19.27
CA MET B 230 2.27 13.48 20.46
C MET B 230 1.18 14.48 20.81
N LEU B 231 0.60 15.14 19.80
CA LEU B 231 -0.47 16.14 20.05
C LEU B 231 -1.62 15.45 20.79
N GLN B 232 -2.11 14.33 20.25
CA GLN B 232 -3.22 13.59 20.90
C GLN B 232 -2.80 13.30 22.34
N ASN B 233 -1.55 12.88 22.53
CA ASN B 233 -1.03 12.62 23.89
C ASN B 233 -1.07 13.93 24.68
N LEU B 234 -0.69 15.04 24.03
CA LEU B 234 -0.68 16.37 24.70
C LEU B 234 -2.10 16.90 24.80
N ASP B 235 -2.94 16.28 25.64
CA ASP B 235 -4.34 16.74 25.80
C ASP B 235 -4.94 16.96 24.42
N VAL B 236 -4.60 16.09 23.46
CA VAL B 236 -5.10 16.26 22.06
C VAL B 236 -5.04 17.76 21.73
N ILE B 237 -3.98 18.45 22.15
CA ILE B 237 -3.86 19.92 21.91
C ILE B 237 -4.03 20.18 20.41
N LYS B 238 -4.69 21.28 20.05
CA LYS B 238 -4.94 21.58 18.62
C LYS B 238 -4.75 23.08 18.35
N VAL B 239 -3.55 23.50 17.93
CA VAL B 239 -3.31 24.92 17.56
C VAL B 239 -2.51 24.93 16.26
N PRO B 240 -3.03 24.35 15.15
CA PRO B 240 -2.26 24.24 13.91
C PRO B 240 -2.37 25.48 13.01
N PHE B 241 -3.43 26.28 13.19
CA PHE B 241 -3.63 27.45 12.29
C PHE B 241 -2.27 28.10 12.03
N LEU B 242 -1.46 28.25 13.08
CA LEU B 242 -0.09 28.81 12.92
C LEU B 242 0.90 27.69 13.20
N PRO B 243 2.06 27.62 12.50
CA PRO B 243 3.07 26.61 12.79
C PRO B 243 3.32 26.58 14.31
N PHE B 244 3.40 27.75 14.94
CA PHE B 244 3.58 27.81 16.41
C PHE B 244 2.30 27.35 17.09
N TYR B 245 2.40 26.45 18.07
CA TYR B 245 1.21 25.99 18.82
C TYR B 245 1.18 26.67 20.19
N VAL B 246 0.12 26.44 20.97
CA VAL B 246 0.03 27.05 22.34
C VAL B 246 -0.61 26.02 23.27
N THR B 247 -0.07 25.89 24.50
CA THR B 247 -0.65 24.96 25.51
C THR B 247 -0.24 25.41 26.91
N LEU B 248 -0.82 24.80 27.94
CA LEU B 248 -0.47 25.18 29.32
C LEU B 248 1.02 24.93 29.62
N CYS B 249 1.63 25.77 30.49
CA CYS B 249 3.04 25.63 30.87
C CYS B 249 3.32 24.41 31.78
N ASN B 250 2.41 24.15 32.74
CA ASN B 250 2.57 23.11 33.76
C ASN B 250 1.56 22.00 33.50
N ASN B 251 2.01 20.97 32.77
CA ASN B 251 1.29 19.72 32.52
C ASN B 251 2.27 18.61 32.15
N SER B 252 2.15 17.46 32.82
CA SER B 252 3.11 16.34 32.58
C SER B 252 2.95 15.81 31.14
N LYS B 253 1.97 16.33 30.40
CA LYS B 253 1.72 15.83 29.02
C LYS B 253 2.92 16.14 28.13
N LEU B 254 3.50 17.33 28.29
CA LEU B 254 4.66 17.75 27.45
C LEU B 254 5.71 16.62 27.47
N PRO B 255 6.15 16.11 26.30
CA PRO B 255 7.08 14.99 26.26
C PRO B 255 8.55 15.41 26.27
N THR B 256 9.40 14.69 27.02
CA THR B 256 10.86 15.00 27.01
C THR B 256 11.49 14.22 25.86
N PHE B 257 12.02 14.93 24.86
CA PHE B 257 12.57 14.25 23.66
C PHE B 257 13.72 13.33 24.09
N GLU B 258 14.02 12.32 23.26
CA GLU B 258 15.11 11.36 23.59
C GLU B 258 15.96 11.12 22.34
N PHE B 259 17.27 10.94 22.51
CA PHE B 259 18.17 10.74 21.38
C PHE B 259 19.37 9.89 21.83
N THR B 260 19.10 8.59 22.09
CA THR B 260 20.10 7.61 22.51
C THR B 260 21.00 7.17 21.33
N SER B 261 22.27 6.90 21.64
CA SER B 261 23.29 6.39 20.71
C SER B 261 24.44 5.73 21.50
N GLU B 262 25.40 5.16 20.73
CA GLU B 262 26.60 4.51 21.26
C GLU B 262 27.56 5.45 22.01
N ASN B 263 27.62 6.73 21.58
CA ASN B 263 28.51 7.73 22.17
C ASN B 263 27.87 8.39 23.40
N GLY B 264 26.54 8.59 23.40
CA GLY B 264 25.84 9.15 24.56
C GLY B 264 24.34 9.36 24.24
N LYS B 265 23.62 9.92 25.21
CA LYS B 265 22.20 10.24 25.13
C LYS B 265 22.00 11.75 25.36
N TYR B 266 21.04 12.33 24.63
CA TYR B 266 20.61 13.72 24.76
C TYR B 266 19.09 13.73 24.92
N THR B 267 18.60 14.48 25.92
CA THR B 267 17.14 14.58 26.17
C THR B 267 16.78 16.04 26.45
N LEU B 268 15.82 16.60 25.69
CA LEU B 268 15.40 18.00 25.88
C LEU B 268 14.13 18.01 26.75
N GLU B 269 14.07 18.91 27.73
CA GLU B 269 12.91 18.94 28.68
C GLU B 269 11.95 20.05 28.26
N PRO B 270 10.68 20.05 28.75
CA PRO B 270 9.67 21.03 28.32
C PRO B 270 10.05 22.51 28.44
N GLU B 271 10.80 22.89 29.48
CA GLU B 271 11.27 24.26 29.73
C GLU B 271 12.10 24.88 28.59
N TYR B 272 12.75 24.04 27.78
CA TYR B 272 13.59 24.55 26.67
C TYR B 272 12.74 24.67 25.40
N TYR B 273 11.89 23.67 25.15
CA TYR B 273 11.03 23.69 23.93
C TYR B 273 9.71 24.39 24.24
N LEU B 274 9.71 25.27 25.24
CA LEU B 274 8.47 26.03 25.59
C LEU B 274 8.77 27.51 25.79
N GLN B 275 7.87 28.39 25.33
CA GLN B 275 8.02 29.85 25.49
C GLN B 275 6.72 30.42 26.06
N HIS B 276 6.81 31.21 27.13
CA HIS B 276 5.59 31.75 27.79
C HIS B 276 5.00 32.89 26.96
N ILE B 277 3.67 32.94 26.84
CA ILE B 277 3.02 34.05 26.09
C ILE B 277 3.19 35.34 26.92
N GLU B 278 3.68 36.41 26.30
CA GLU B 278 3.97 37.66 27.06
C GLU B 278 2.68 38.39 27.42
N ASP B 279 1.72 38.50 26.49
CA ASP B 279 0.50 39.30 26.75
C ASP B 279 -0.73 38.40 26.87
N VAL B 280 -0.55 37.12 27.21
CA VAL B 280 -1.71 36.21 27.40
C VAL B 280 -1.52 35.40 28.69
N GLY B 281 -1.49 36.09 29.84
CA GLY B 281 -1.39 35.39 31.12
C GLY B 281 -0.02 34.73 31.37
N PRO B 282 0.35 34.51 32.65
CA PRO B 282 1.64 33.87 33.01
C PRO B 282 1.68 32.35 32.85
N GLY B 283 0.52 31.67 32.98
CA GLY B 283 0.41 30.21 33.01
C GLY B 283 0.26 29.58 31.62
N LEU B 284 0.26 30.38 30.54
CA LEU B 284 0.06 29.94 29.16
C LEU B 284 1.40 29.99 28.42
N CYS B 285 1.70 28.92 27.68
CA CYS B 285 2.96 28.70 26.94
C CYS B 285 2.70 28.40 25.46
N MET B 286 3.77 28.40 24.66
CA MET B 286 3.65 28.10 23.21
C MET B 286 4.75 27.10 22.83
N LEU B 287 4.61 26.43 21.68
CA LEU B 287 5.60 25.41 21.26
C LEU B 287 6.02 25.65 19.82
N ASN B 288 7.33 25.76 19.56
CA ASN B 288 7.81 25.93 18.16
C ASN B 288 8.25 24.56 17.63
N ILE B 289 7.29 23.69 17.31
CA ILE B 289 7.60 22.35 16.72
C ILE B 289 6.97 22.29 15.34
N ILE B 290 7.72 21.85 14.32
CA ILE B 290 7.19 21.87 12.93
C ILE B 290 6.96 20.44 12.44
N GLY B 291 5.81 20.18 11.82
CA GLY B 291 5.52 18.84 11.27
C GLY B 291 5.98 18.74 9.83
N LEU B 292 6.91 17.83 9.54
CA LEU B 292 7.45 17.69 8.16
C LEU B 292 7.96 16.27 7.94
N ASP B 293 7.37 15.54 6.98
CA ASP B 293 7.86 14.18 6.64
C ASP B 293 8.97 14.32 5.60
N PHE B 294 10.23 14.36 6.05
CA PHE B 294 11.38 14.54 5.13
C PHE B 294 11.50 13.33 4.20
N PRO B 295 12.24 13.43 3.07
CA PRO B 295 12.41 12.29 2.17
C PRO B 295 12.79 11.05 2.99
N VAL B 296 13.60 11.23 4.03
CA VAL B 296 13.98 10.10 4.93
C VAL B 296 13.59 10.48 6.35
N PRO B 297 13.44 9.53 7.30
CA PRO B 297 13.14 9.88 8.69
C PRO B 297 14.20 10.89 9.15
N THR B 298 13.77 12.11 9.47
CA THR B 298 14.75 13.17 9.85
C THR B 298 14.17 14.04 10.97
N PHE B 299 15.01 14.47 11.91
CA PHE B 299 14.55 15.36 13.01
C PHE B 299 15.52 16.53 13.09
N ILE B 300 15.02 17.76 13.34
CA ILE B 300 15.91 18.96 13.34
C ILE B 300 16.10 19.45 14.78
N LEU B 301 17.36 19.63 15.20
CA LEU B 301 17.65 20.16 16.55
C LEU B 301 17.81 21.68 16.47
N GLY B 302 16.70 22.42 16.49
CA GLY B 302 16.74 23.89 16.38
C GLY B 302 17.41 24.55 17.58
N ASP B 303 17.24 25.87 17.72
CA ASP B 303 17.89 26.61 18.83
C ASP B 303 17.63 25.93 20.18
N PRO B 304 16.38 25.54 20.52
CA PRO B 304 16.11 24.98 21.85
C PRO B 304 17.20 24.01 22.31
N PHE B 305 17.53 23.02 21.47
CA PHE B 305 18.56 22.01 21.84
C PHE B 305 19.89 22.71 22.08
N MET B 306 20.26 23.64 21.18
CA MET B 306 21.57 24.34 21.29
C MET B 306 21.54 25.36 22.43
N ARG B 307 20.34 25.80 22.82
CA ARG B 307 20.21 26.79 23.92
C ARG B 307 20.65 26.13 25.24
N LYS B 308 20.24 24.86 25.45
CA LYS B 308 20.64 24.13 26.68
C LYS B 308 22.00 23.46 26.45
N TYR B 309 22.15 22.77 25.31
CA TYR B 309 23.40 22.11 24.98
C TYR B 309 24.31 23.02 24.16
N PHE B 310 25.50 23.30 24.70
CA PHE B 310 26.64 23.88 23.97
C PHE B 310 27.08 22.95 22.84
N THR B 311 27.02 23.48 21.61
CA THR B 311 27.39 22.74 20.41
C THR B 311 28.82 23.10 19.96
N VAL B 312 29.46 22.12 19.31
CA VAL B 312 30.74 22.20 18.64
C VAL B 312 30.56 21.52 17.27
N PHE B 313 31.25 22.02 16.24
CA PHE B 313 31.23 21.49 14.89
C PHE B 313 32.67 21.59 14.36
N ASP B 314 33.32 20.45 14.11
CA ASP B 314 34.73 20.39 13.65
C ASP B 314 34.77 19.62 12.34
N TYR B 315 35.23 20.30 11.27
CA TYR B 315 35.43 19.75 9.92
C TYR B 315 36.55 18.70 9.84
N ASP B 316 37.54 18.79 10.74
CA ASP B 316 38.68 17.88 10.84
C ASP B 316 38.30 16.55 11.52
N ASN B 317 37.36 16.59 12.47
CA ASN B 317 36.84 15.41 13.18
C ASN B 317 35.62 14.80 12.49
N HIS B 318 34.91 15.59 11.65
CA HIS B 318 33.65 15.26 10.97
C HIS B 318 32.55 14.86 11.98
N SER B 319 32.38 15.68 13.04
CA SER B 319 31.56 15.34 14.20
C SER B 319 30.94 16.59 14.85
N VAL B 320 29.81 16.39 15.54
CA VAL B 320 29.14 17.39 16.37
C VAL B 320 29.40 17.06 17.85
N GLY B 321 30.11 17.94 18.56
CA GLY B 321 30.34 17.84 20.01
C GLY B 321 29.15 18.47 20.74
N ILE B 322 28.69 17.82 21.82
CA ILE B 322 27.48 18.20 22.56
C ILE B 322 27.73 18.00 24.07
N ALA B 323 27.73 19.12 24.81
CA ALA B 323 27.82 19.19 26.28
C ALA B 323 26.73 20.13 26.80
N LEU B 324 26.47 20.10 28.12
CA LEU B 324 25.56 21.03 28.80
C LEU B 324 26.17 22.44 28.87
N ALA B 325 25.48 23.45 28.31
CA ALA B 325 25.83 24.86 28.46
C ALA B 325 25.37 25.37 29.84
N LYS B 326 26.32 25.85 30.65
CA LYS B 326 25.94 26.48 31.94
C LYS B 326 25.65 27.95 31.63
N LYS B 327 24.52 28.48 32.11
CA LYS B 327 24.12 29.88 31.75
C LYS B 327 25.08 30.87 32.41
N ASN B 328 25.46 30.63 33.67
CA ASN B 328 26.34 31.51 34.41
C ASN B 328 27.75 31.60 33.81
N LEU B 329 28.14 32.82 33.42
CA LEU B 329 29.48 33.23 33.00
C LEU B 329 29.59 34.79 33.17
N SER C 1 26.57 -42.93 8.05
CA SER C 1 25.10 -42.82 7.74
C SER C 1 25.01 -41.58 6.83
N SER C 2 25.41 -41.74 5.54
CA SER C 2 25.37 -40.68 4.53
C SER C 2 23.94 -40.28 4.12
N ASN C 3 23.11 -41.31 3.90
CA ASN C 3 21.68 -41.09 3.58
C ASN C 3 21.51 -40.23 2.33
N ASP C 4 20.59 -39.28 2.41
CA ASP C 4 20.27 -38.41 1.28
C ASP C 4 19.96 -37.00 1.80
N ASN C 5 20.62 -35.99 1.21
CA ASN C 5 20.45 -34.57 1.51
C ASN C 5 20.24 -33.82 0.19
N ILE C 6 19.22 -32.93 0.17
CA ILE C 6 18.84 -32.13 -1.00
C ILE C 6 18.93 -30.65 -0.61
N GLU C 7 19.57 -29.83 -1.46
CA GLU C 7 19.70 -28.38 -1.27
C GLU C 7 18.40 -27.64 -1.60
N LEU C 8 18.05 -26.68 -0.74
CA LEU C 8 16.85 -25.85 -0.85
C LEU C 8 17.29 -24.45 -1.30
N VAL C 9 16.60 -23.91 -2.31
CA VAL C 9 16.82 -22.55 -2.80
C VAL C 9 15.66 -21.65 -2.34
N ASP C 10 16.01 -20.50 -1.73
CA ASP C 10 15.05 -19.51 -1.25
C ASP C 10 14.63 -18.60 -2.41
N PHE C 11 13.38 -18.16 -2.36
CA PHE C 11 12.72 -17.32 -3.34
C PHE C 11 12.18 -16.10 -2.59
N GLN C 12 12.94 -14.99 -2.67
CA GLN C 12 12.63 -13.67 -2.10
C GLN C 12 12.46 -13.61 -0.56
N ASN C 13 12.83 -14.69 0.15
CA ASN C 13 12.64 -14.89 1.60
C ASN C 13 11.14 -15.00 2.00
N ILE C 14 10.32 -15.52 1.07
CA ILE C 14 8.88 -15.73 1.25
C ILE C 14 8.45 -17.18 0.94
N MET C 15 9.22 -17.90 0.09
CA MET C 15 9.00 -19.31 -0.22
C MET C 15 10.34 -20.00 -0.55
N PHE C 16 10.38 -21.34 -0.52
CA PHE C 16 11.55 -22.14 -0.89
C PHE C 16 11.13 -23.34 -1.76
N TYR C 17 12.08 -23.80 -2.58
CA TYR C 17 11.89 -24.82 -3.62
C TYR C 17 13.04 -25.85 -3.52
N GLY C 18 12.78 -27.07 -4.03
CA GLY C 18 13.77 -28.15 -4.14
C GLY C 18 13.83 -28.65 -5.59
N ASP C 19 14.75 -29.59 -5.87
CA ASP C 19 14.93 -30.25 -7.16
C ASP C 19 14.93 -31.77 -6.97
N ALA C 20 14.39 -32.49 -7.97
CA ALA C 20 14.48 -33.94 -8.10
C ALA C 20 14.12 -34.36 -9.54
N GLU C 21 14.51 -35.60 -9.88
CA GLU C 21 14.36 -36.21 -11.20
C GLU C 21 13.30 -37.32 -11.14
N VAL C 22 12.71 -37.65 -12.29
CA VAL C 22 11.64 -38.69 -12.34
C VAL C 22 11.82 -39.59 -13.56
N GLY C 23 11.76 -40.91 -13.36
CA GLY C 23 11.83 -41.85 -14.50
C GLY C 23 13.25 -42.21 -14.89
N ASP C 24 13.42 -43.19 -15.79
CA ASP C 24 14.77 -43.56 -16.29
C ASP C 24 15.37 -42.33 -16.96
N ASN C 25 14.56 -41.60 -17.74
CA ASN C 25 15.03 -40.35 -18.39
C ASN C 25 15.48 -39.38 -17.30
N GLN C 26 14.95 -39.52 -16.09
CA GLN C 26 15.34 -38.64 -14.95
C GLN C 26 15.11 -37.18 -15.34
N GLN C 27 13.97 -36.89 -15.98
CA GLN C 27 13.64 -35.49 -16.35
C GLN C 27 13.67 -34.63 -15.08
N PRO C 28 14.51 -33.58 -14.99
CA PRO C 28 14.57 -32.71 -13.81
C PRO C 28 13.37 -31.77 -13.75
N PHE C 29 12.66 -31.82 -12.60
CA PHE C 29 11.54 -30.95 -12.30
C PHE C 29 11.82 -30.20 -10.99
N THR C 30 11.54 -28.88 -10.98
CA THR C 30 11.64 -28.05 -9.79
C THR C 30 10.42 -28.32 -8.88
N PHE C 31 10.63 -29.17 -7.86
CA PHE C 31 9.60 -29.54 -6.89
C PHE C 31 9.49 -28.53 -5.73
N ILE C 32 8.42 -28.67 -4.94
CA ILE C 32 8.22 -27.95 -3.67
C ILE C 32 7.97 -28.99 -2.59
N LEU C 33 8.69 -28.85 -1.47
CA LEU C 33 8.54 -29.66 -0.27
C LEU C 33 7.25 -29.27 0.47
N ASP C 34 6.32 -30.23 0.60
CA ASP C 34 4.98 -30.02 1.14
C ASP C 34 4.61 -31.23 2.00
N THR C 35 4.61 -31.05 3.33
CA THR C 35 4.06 -32.01 4.31
C THR C 35 2.52 -31.84 4.46
N GLY C 36 1.95 -30.77 3.89
CA GLY C 36 0.51 -30.54 3.74
C GLY C 36 -0.12 -31.46 2.69
N SER C 37 0.71 -32.16 1.89
CA SER C 37 0.35 -33.23 0.98
C SER C 37 1.25 -34.45 1.26
N ALA C 38 0.84 -35.62 0.79
CA ALA C 38 1.66 -36.84 0.95
C ALA C 38 1.83 -37.47 -0.43
N ASN C 39 1.15 -36.92 -1.45
CA ASN C 39 1.23 -37.46 -2.83
C ASN C 39 2.17 -36.57 -3.66
N LEU C 40 2.63 -37.08 -4.81
CA LEU C 40 3.52 -36.30 -5.70
C LEU C 40 2.67 -35.61 -6.77
N TRP C 41 3.23 -34.59 -7.43
CA TRP C 41 2.50 -33.84 -8.45
C TRP C 41 3.53 -33.42 -9.50
N VAL C 42 3.43 -34.03 -10.69
CA VAL C 42 4.39 -33.76 -11.80
C VAL C 42 3.60 -33.38 -13.05
N PRO C 43 4.07 -32.39 -13.85
CA PRO C 43 3.39 -31.94 -15.07
C PRO C 43 3.58 -32.93 -16.24
N SER C 44 2.47 -33.29 -16.89
CA SER C 44 2.51 -34.29 -17.98
C SER C 44 2.44 -33.64 -19.36
N VAL C 45 3.19 -34.19 -20.34
CA VAL C 45 3.18 -33.72 -21.73
C VAL C 45 1.77 -33.63 -22.36
N LYS C 46 0.79 -34.33 -21.78
CA LYS C 46 -0.63 -34.26 -22.13
C LYS C 46 -1.28 -32.89 -21.81
N CYS C 47 -0.67 -32.12 -20.89
CA CYS C 47 -1.11 -30.79 -20.49
C CYS C 47 -0.73 -29.74 -21.56
N THR C 48 -1.76 -29.06 -22.09
CA THR C 48 -1.65 -28.07 -23.16
C THR C 48 -1.92 -26.63 -22.66
N THR C 49 -2.06 -26.44 -21.33
CA THR C 49 -2.16 -25.12 -20.69
C THR C 49 -0.82 -24.36 -20.78
N ALA C 50 -0.84 -23.02 -20.87
CA ALA C 50 0.36 -22.21 -21.15
C ALA C 50 1.49 -22.31 -20.11
N GLY C 51 1.16 -22.61 -18.85
CA GLY C 51 2.12 -22.88 -17.77
C GLY C 51 2.81 -24.23 -18.01
N CYS C 52 2.07 -25.26 -18.45
CA CYS C 52 2.61 -26.55 -18.86
C CYS C 52 3.52 -26.46 -20.11
N LEU C 53 3.15 -25.61 -21.08
CA LEU C 53 3.92 -25.40 -22.31
C LEU C 53 5.27 -24.70 -22.08
N THR C 54 5.35 -23.80 -21.08
CA THR C 54 6.57 -23.07 -20.72
C THR C 54 7.46 -23.84 -19.72
N LYS C 55 6.85 -24.59 -18.77
CA LYS C 55 7.58 -25.46 -17.84
C LYS C 55 7.96 -26.80 -18.50
N HIS C 56 8.86 -27.53 -17.83
CA HIS C 56 9.29 -28.88 -18.20
C HIS C 56 8.12 -29.87 -18.06
N LEU C 57 8.02 -30.83 -18.99
CA LEU C 57 6.92 -31.80 -19.02
C LEU C 57 7.45 -33.25 -19.08
N TYR C 58 6.91 -34.11 -18.21
CA TYR C 58 7.37 -35.52 -18.16
C TYR C 58 6.73 -36.33 -19.29
N ASP C 59 7.43 -37.36 -19.77
CA ASP C 59 6.87 -38.23 -20.83
C ASP C 59 6.92 -39.70 -20.37
N SER C 60 5.79 -40.40 -20.34
CA SER C 60 5.78 -41.81 -19.86
C SER C 60 6.59 -42.71 -20.80
N SER C 61 6.55 -42.42 -22.10
CA SER C 61 7.24 -43.23 -23.12
C SER C 61 8.77 -43.07 -23.10
N LYS C 62 9.25 -41.89 -22.67
CA LYS C 62 10.72 -41.68 -22.57
C LYS C 62 11.28 -42.47 -21.38
N SER C 63 10.44 -42.82 -20.41
CA SER C 63 10.90 -43.54 -19.20
C SER C 63 10.78 -45.06 -19.40
N ARG C 64 11.91 -45.78 -19.35
CA ARG C 64 11.89 -47.23 -19.48
C ARG C 64 11.54 -47.96 -18.17
N THR C 65 11.43 -47.22 -17.06
CA THR C 65 11.06 -47.80 -15.74
C THR C 65 9.59 -47.51 -15.43
N TYR C 66 8.91 -46.78 -16.32
CA TYR C 66 7.53 -46.30 -16.04
C TYR C 66 6.51 -47.43 -15.88
N GLU C 67 5.42 -47.14 -15.15
CA GLU C 67 4.32 -48.13 -14.99
C GLU C 67 3.00 -47.37 -15.11
N LYS C 68 2.01 -47.92 -15.81
CA LYS C 68 0.75 -47.18 -16.05
C LYS C 68 -0.25 -47.43 -14.91
N ASP C 69 -0.14 -46.69 -13.81
CA ASP C 69 -1.12 -46.83 -12.71
C ASP C 69 -2.52 -46.60 -13.28
N GLY C 70 -2.74 -45.45 -13.93
CA GLY C 70 -4.06 -45.15 -14.53
C GLY C 70 -5.05 -44.65 -13.51
N THR C 71 -4.63 -44.52 -12.26
CA THR C 71 -5.53 -44.04 -11.18
C THR C 71 -5.79 -42.54 -11.37
N LYS C 72 -6.98 -42.19 -11.86
CA LYS C 72 -7.29 -40.75 -12.12
C LYS C 72 -7.87 -40.12 -10.85
N VAL C 73 -7.26 -39.03 -10.38
CA VAL C 73 -7.80 -38.32 -9.18
C VAL C 73 -8.11 -36.87 -9.60
N GLU C 74 -9.36 -36.43 -9.39
CA GLU C 74 -9.76 -35.07 -9.84
C GLU C 74 -10.07 -34.22 -8.60
N MET C 75 -9.06 -33.96 -7.76
CA MET C 75 -9.26 -33.13 -6.55
C MET C 75 -9.59 -31.70 -6.96
N ASN C 76 -10.53 -31.05 -6.25
CA ASN C 76 -10.89 -29.65 -6.56
C ASN C 76 -10.37 -28.76 -5.44
N TYR C 77 -9.38 -27.91 -5.74
CA TYR C 77 -8.81 -26.98 -4.74
C TYR C 77 -9.43 -25.60 -4.90
N VAL C 78 -9.24 -24.71 -3.91
CA VAL C 78 -9.80 -23.33 -3.97
C VAL C 78 -9.34 -22.65 -5.26
N SER C 79 -8.02 -22.54 -5.47
CA SER C 79 -7.49 -21.81 -6.65
C SER C 79 -8.09 -22.41 -7.93
N GLY C 80 -8.11 -23.73 -8.04
CA GLY C 80 -8.66 -24.40 -9.24
C GLY C 80 -8.90 -25.88 -9.03
N THR C 81 -9.39 -26.58 -10.05
CA THR C 81 -9.61 -28.05 -9.97
C THR C 81 -8.54 -28.76 -10.80
N VAL C 82 -7.74 -29.64 -10.18
CA VAL C 82 -6.65 -30.33 -10.92
C VAL C 82 -7.10 -31.73 -11.31
N SER C 83 -7.06 -32.06 -12.60
CA SER C 83 -7.43 -33.39 -13.08
C SER C 83 -6.12 -34.02 -13.58
N GLY C 84 -5.68 -35.07 -12.90
CA GLY C 84 -4.48 -35.82 -13.32
C GLY C 84 -4.67 -37.31 -13.05
N PHE C 85 -3.58 -38.08 -13.08
CA PHE C 85 -3.68 -39.55 -12.89
C PHE C 85 -2.34 -40.09 -12.35
N PHE C 86 -2.39 -40.77 -11.20
CA PHE C 86 -1.16 -41.37 -10.63
C PHE C 86 -0.46 -42.20 -11.70
N SER C 87 0.88 -42.11 -11.77
CA SER C 87 1.66 -42.89 -12.75
C SER C 87 2.91 -43.45 -12.07
N LYS C 88 2.95 -44.75 -11.82
CA LYS C 88 4.10 -45.38 -11.11
C LYS C 88 5.35 -45.24 -11.98
N ASP C 89 6.46 -44.76 -11.40
CA ASP C 89 7.72 -44.58 -12.16
C ASP C 89 8.87 -44.32 -11.18
N LEU C 90 10.11 -44.54 -11.61
CA LEU C 90 11.28 -44.35 -10.72
C LEU C 90 11.28 -42.92 -10.19
N VAL C 91 11.53 -42.74 -8.89
CA VAL C 91 11.61 -41.38 -8.30
C VAL C 91 13.08 -41.12 -7.94
N THR C 92 13.80 -40.38 -8.78
CA THR C 92 15.25 -40.13 -8.54
C THR C 92 15.41 -38.94 -7.58
N VAL C 93 15.78 -39.22 -6.32
CA VAL C 93 16.01 -38.14 -5.36
C VAL C 93 17.46 -38.32 -4.85
N GLY C 94 18.36 -37.46 -5.35
CA GLY C 94 19.80 -37.49 -5.03
C GLY C 94 20.42 -38.84 -5.42
N ASN C 95 21.09 -39.47 -4.44
CA ASN C 95 21.69 -40.81 -4.56
C ASN C 95 20.69 -41.98 -4.43
N LEU C 96 19.44 -41.71 -4.05
CA LEU C 96 18.37 -42.71 -3.91
C LEU C 96 17.47 -42.72 -5.15
N SER C 97 16.71 -43.80 -5.33
CA SER C 97 15.79 -43.91 -6.49
C SER C 97 14.84 -45.08 -6.28
N LEU C 98 13.54 -44.82 -6.12
CA LEU C 98 12.54 -45.89 -5.90
C LEU C 98 11.32 -45.65 -6.80
N PRO C 99 10.73 -46.69 -7.42
CA PRO C 99 9.53 -46.54 -8.23
C PRO C 99 8.35 -46.05 -7.38
N TYR C 100 7.50 -45.19 -7.94
CA TYR C 100 6.35 -44.64 -7.18
C TYR C 100 5.34 -44.02 -8.15
N LYS C 101 4.03 -44.16 -7.84
CA LYS C 101 2.97 -43.62 -8.71
C LYS C 101 2.74 -42.14 -8.38
N PHE C 102 2.92 -41.26 -9.37
CA PHE C 102 2.72 -39.81 -9.15
C PHE C 102 1.63 -39.31 -10.11
N ILE C 103 0.77 -38.40 -9.64
CA ILE C 103 -0.32 -37.86 -10.50
C ILE C 103 0.31 -37.05 -11.63
N GLU C 104 0.07 -37.46 -12.88
CA GLU C 104 0.58 -36.68 -14.05
C GLU C 104 -0.38 -35.52 -14.31
N VAL C 105 0.09 -34.29 -14.08
CA VAL C 105 -0.81 -33.10 -14.23
C VAL C 105 -1.17 -32.91 -15.71
N ILE C 106 -2.47 -32.85 -16.01
CA ILE C 106 -2.91 -32.59 -17.41
C ILE C 106 -3.77 -31.33 -17.39
N ASP C 107 -4.47 -31.09 -16.28
CA ASP C 107 -5.30 -29.86 -16.12
C ASP C 107 -4.71 -28.99 -15.00
N THR C 108 -4.45 -27.71 -15.28
CA THR C 108 -3.92 -26.79 -14.25
C THR C 108 -5.07 -25.92 -13.72
N ASN C 109 -6.09 -25.66 -14.55
CA ASN C 109 -7.27 -24.88 -14.11
C ASN C 109 -6.82 -23.56 -13.49
N GLY C 110 -7.32 -23.24 -12.29
CA GLY C 110 -6.99 -21.96 -11.64
C GLY C 110 -5.51 -21.86 -11.29
N PHE C 111 -4.82 -23.00 -11.19
CA PHE C 111 -3.38 -23.00 -10.85
C PHE C 111 -2.55 -22.57 -12.07
N GLU C 112 -3.15 -22.61 -13.26
CA GLU C 112 -2.40 -22.30 -14.51
C GLU C 112 -1.64 -20.97 -14.37
N PRO C 113 -2.29 -19.83 -14.02
CA PRO C 113 -1.59 -18.54 -13.97
C PRO C 113 -0.46 -18.55 -12.94
N THR C 114 -0.76 -18.97 -11.70
CA THR C 114 0.27 -19.04 -10.63
C THR C 114 1.40 -19.96 -11.11
N TYR C 115 1.04 -21.11 -11.69
CA TYR C 115 2.04 -22.06 -12.17
C TYR C 115 3.00 -21.45 -13.20
N THR C 116 2.46 -20.59 -14.08
CA THR C 116 3.21 -19.80 -15.06
C THR C 116 4.10 -18.73 -14.38
N ALA C 117 3.55 -18.07 -13.36
CA ALA C 117 4.22 -17.02 -12.57
C ALA C 117 5.31 -17.56 -11.64
N SER C 118 5.05 -18.71 -10.98
CA SER C 118 5.98 -19.35 -10.06
C SER C 118 7.06 -20.16 -10.81
N THR C 119 8.17 -20.44 -10.12
CA THR C 119 9.33 -21.16 -10.67
C THR C 119 9.19 -22.70 -10.63
N PHE C 120 8.22 -23.25 -9.86
CA PHE C 120 8.04 -24.71 -9.76
C PHE C 120 7.49 -25.33 -11.05
N ASP C 121 7.89 -26.59 -11.25
CA ASP C 121 7.35 -27.52 -12.22
C ASP C 121 6.37 -28.48 -11.54
N GLY C 122 6.68 -28.93 -10.29
CA GLY C 122 5.82 -29.84 -9.53
C GLY C 122 5.81 -29.47 -8.04
N ILE C 123 5.11 -30.30 -7.26
CA ILE C 123 5.06 -30.30 -5.78
C ILE C 123 5.29 -31.77 -5.35
N LEU C 124 5.91 -32.01 -4.18
CA LEU C 124 6.16 -33.35 -3.64
C LEU C 124 5.59 -33.53 -2.23
N GLY C 125 5.24 -34.78 -1.89
CA GLY C 125 4.52 -35.14 -0.67
C GLY C 125 5.48 -35.66 0.41
N LEU C 126 5.23 -35.25 1.66
CA LEU C 126 6.04 -35.53 2.84
C LEU C 126 5.18 -35.87 4.08
N GLY C 127 3.86 -36.02 3.90
CA GLY C 127 2.94 -36.43 4.96
C GLY C 127 2.80 -37.95 5.00
N TRP C 128 1.79 -38.44 5.73
CA TRP C 128 1.62 -39.91 5.92
C TRP C 128 0.69 -40.48 4.85
N LYS C 129 0.57 -41.82 4.81
CA LYS C 129 -0.30 -42.49 3.81
C LYS C 129 -1.76 -42.09 4.05
N ASP C 130 -2.10 -41.80 5.31
CA ASP C 130 -3.49 -41.38 5.66
C ASP C 130 -3.85 -40.16 4.81
N LEU C 131 -2.89 -39.26 4.57
CA LEU C 131 -3.14 -38.03 3.77
C LEU C 131 -2.92 -38.35 2.29
N SER C 132 -2.43 -39.55 1.97
CA SER C 132 -2.10 -39.87 0.56
C SER C 132 -3.30 -40.41 -0.21
N ILE C 133 -3.83 -39.65 -1.17
CA ILE C 133 -4.90 -40.15 -2.02
C ILE C 133 -4.37 -41.39 -2.77
N GLY C 134 -5.26 -42.38 -2.98
CA GLY C 134 -4.96 -43.58 -3.76
C GLY C 134 -4.14 -44.64 -2.99
N SER C 135 -4.04 -44.53 -1.65
CA SER C 135 -3.26 -45.40 -0.75
C SER C 135 -1.76 -45.41 -1.08
N VAL C 136 -1.19 -44.21 -1.13
CA VAL C 136 0.26 -44.07 -1.46
C VAL C 136 1.09 -44.25 -0.19
N ASP C 137 2.10 -45.10 -0.23
CA ASP C 137 3.00 -45.26 0.94
C ASP C 137 4.04 -44.15 0.89
N PRO C 138 4.18 -43.31 1.94
CA PRO C 138 5.22 -42.25 1.99
C PRO C 138 6.59 -42.73 1.53
N ILE C 139 7.21 -42.02 0.59
CA ILE C 139 8.51 -42.48 0.03
C ILE C 139 9.49 -42.73 1.17
N VAL C 140 9.75 -41.72 2.02
CA VAL C 140 10.72 -41.89 3.14
C VAL C 140 10.51 -43.26 3.79
N VAL C 141 9.26 -43.59 4.13
CA VAL C 141 8.96 -44.86 4.81
C VAL C 141 9.43 -46.07 3.98
N GLU C 142 9.22 -46.04 2.65
CA GLU C 142 9.70 -47.08 1.72
C GLU C 142 11.24 -47.11 1.60
N LEU C 143 11.91 -45.97 1.66
CA LEU C 143 13.38 -45.87 1.74
C LEU C 143 13.96 -46.59 2.97
N LYS C 144 13.17 -46.70 4.05
CA LYS C 144 13.62 -47.41 5.27
C LYS C 144 13.25 -48.89 5.17
N ASN C 145 12.09 -49.20 4.57
CA ASN C 145 11.71 -50.61 4.35
C ASN C 145 12.80 -51.38 3.61
N GLN C 146 13.47 -50.69 2.66
CA GLN C 146 14.69 -51.12 1.98
C GLN C 146 15.92 -50.47 2.65
N ASN C 147 17.13 -50.62 2.09
CA ASN C 147 18.35 -50.15 2.80
C ASN C 147 18.79 -48.72 2.41
N LYS C 148 18.00 -48.03 1.58
CA LYS C 148 18.33 -46.67 1.13
C LYS C 148 18.61 -45.68 2.29
N ILE C 149 17.78 -45.72 3.32
CA ILE C 149 18.03 -44.86 4.52
C ILE C 149 18.18 -45.79 5.73
N GLU C 150 18.35 -45.22 6.93
CA GLU C 150 18.50 -46.04 8.15
C GLU C 150 17.37 -45.71 9.13
N ASN C 151 17.00 -44.42 9.22
CA ASN C 151 15.91 -43.99 10.12
C ASN C 151 14.86 -43.25 9.29
N ALA C 152 13.57 -43.59 9.45
CA ALA C 152 12.50 -42.96 8.65
C ALA C 152 12.19 -41.57 9.21
N LEU C 153 13.14 -40.64 9.09
CA LEU C 153 12.93 -39.27 9.61
C LEU C 153 13.39 -38.24 8.58
N PHE C 154 12.65 -37.14 8.43
CA PHE C 154 13.05 -36.05 7.51
C PHE C 154 13.26 -34.76 8.31
N THR C 155 14.12 -33.88 7.84
CA THR C 155 14.45 -32.68 8.61
C THR C 155 14.66 -31.50 7.65
N PHE C 156 13.98 -30.35 7.90
CA PHE C 156 14.15 -29.14 7.10
C PHE C 156 14.89 -28.07 7.90
N TYR C 157 15.99 -27.60 7.30
CA TYR C 157 16.63 -26.34 7.61
C TYR C 157 16.33 -25.44 6.41
N LEU C 158 15.54 -24.37 6.60
CA LEU C 158 15.16 -23.48 5.48
C LEU C 158 16.33 -22.59 5.02
N PRO C 159 16.45 -22.29 3.71
CA PRO C 159 17.54 -21.47 3.20
C PRO C 159 17.23 -19.96 3.28
N VAL C 160 18.21 -19.16 3.70
CA VAL C 160 18.00 -17.68 3.70
C VAL C 160 18.18 -17.19 2.26
N HIS C 161 17.42 -16.17 1.86
CA HIS C 161 17.48 -15.69 0.45
C HIS C 161 18.82 -14.99 0.20
N ASP C 162 19.57 -14.68 1.27
CA ASP C 162 20.86 -13.95 1.11
C ASP C 162 21.90 -14.48 2.09
N LYS C 163 21.59 -14.49 3.39
CA LYS C 163 22.60 -14.90 4.41
C LYS C 163 23.23 -16.25 4.04
N HIS C 164 22.42 -17.29 3.86
CA HIS C 164 22.97 -18.64 3.57
C HIS C 164 21.88 -19.55 2.99
N THR C 165 22.27 -20.66 2.40
CA THR C 165 21.29 -21.61 1.80
C THR C 165 20.76 -22.56 2.88
N GLY C 166 19.96 -23.55 2.48
CA GLY C 166 19.42 -24.52 3.43
C GLY C 166 19.36 -25.90 2.79
N PHE C 167 19.04 -26.91 3.59
CA PHE C 167 19.03 -28.32 3.19
C PHE C 167 17.89 -29.08 3.87
N LEU C 168 17.22 -29.92 3.07
CA LEU C 168 16.49 -31.09 3.54
C LEU C 168 17.51 -32.22 3.78
N THR C 169 17.36 -32.95 4.88
CA THR C 169 18.18 -34.10 5.23
C THR C 169 17.24 -35.21 5.70
N ILE C 170 17.29 -36.36 5.01
CA ILE C 170 16.50 -37.55 5.32
C ILE C 170 17.46 -38.60 5.89
N GLY C 171 17.04 -39.32 6.94
CA GLY C 171 17.86 -40.43 7.47
C GLY C 171 18.96 -39.95 8.41
N GLY C 172 19.21 -38.64 8.48
CA GLY C 172 20.30 -38.11 9.31
C GLY C 172 19.87 -36.94 10.17
N ILE C 173 20.61 -36.65 11.24
CA ILE C 173 20.29 -35.47 12.09
C ILE C 173 21.60 -34.74 12.40
N GLU C 174 22.18 -34.07 11.39
CA GLU C 174 23.46 -33.34 11.57
C GLU C 174 23.26 -32.24 12.61
N GLU C 175 24.15 -32.16 13.60
CA GLU C 175 24.02 -31.14 14.68
C GLU C 175 24.23 -29.75 14.09
N ARG C 176 25.03 -29.63 13.03
CA ARG C 176 25.36 -28.30 12.45
C ARG C 176 24.07 -27.47 12.29
N PHE C 177 22.97 -28.11 11.95
CA PHE C 177 21.70 -27.37 11.71
C PHE C 177 21.18 -26.73 13.00
N TYR C 178 21.27 -27.44 14.14
CA TYR C 178 20.69 -26.92 15.39
C TYR C 178 21.74 -26.66 16.46
N GLU C 179 21.64 -25.51 17.15
CA GLU C 179 22.57 -25.20 18.27
C GLU C 179 21.82 -25.45 19.58
N GLY C 180 20.50 -25.24 19.58
CA GLY C 180 19.67 -25.49 20.74
C GLY C 180 19.39 -27.01 20.87
N PRO C 181 18.85 -27.48 22.03
CA PRO C 181 18.51 -28.89 22.18
C PRO C 181 17.34 -29.28 21.28
N LEU C 182 17.35 -30.51 20.75
CA LEU C 182 16.27 -30.96 19.84
C LEU C 182 15.11 -31.54 20.67
N THR C 183 14.09 -30.73 20.93
CA THR C 183 12.94 -31.18 21.76
C THR C 183 11.86 -31.75 20.84
N TYR C 184 11.49 -33.02 21.05
CA TYR C 184 10.47 -33.69 20.19
C TYR C 184 9.08 -33.52 20.82
N GLU C 185 8.03 -33.60 20.00
CA GLU C 185 6.64 -33.44 20.50
C GLU C 185 5.77 -34.56 19.95
N LYS C 186 5.07 -35.29 20.84
CA LYS C 186 4.21 -36.40 20.43
C LYS C 186 3.04 -35.91 19.54
N LEU C 187 2.70 -36.73 18.53
CA LEU C 187 1.62 -36.41 17.58
C LEU C 187 0.25 -36.76 18.17
N ASN C 188 -0.69 -35.80 18.12
CA ASN C 188 -2.09 -35.99 18.52
C ASN C 188 -3.00 -36.43 17.37
N HIS C 189 -2.47 -36.51 16.14
CA HIS C 189 -3.09 -37.16 14.98
C HIS C 189 -2.00 -37.86 14.17
N ASP C 190 -2.30 -39.03 13.60
CA ASP C 190 -1.27 -39.80 12.85
C ASP C 190 -1.20 -39.30 11.41
N LEU C 191 -2.34 -38.92 10.82
CA LEU C 191 -2.39 -38.49 9.41
C LEU C 191 -1.41 -37.32 9.19
N TYR C 192 -1.51 -36.27 10.03
CA TYR C 192 -0.65 -35.08 9.80
C TYR C 192 0.35 -34.93 10.95
N TRP C 193 1.41 -34.14 10.75
CA TRP C 193 2.34 -33.89 11.85
C TRP C 193 1.77 -32.89 12.88
N GLN C 194 0.58 -33.22 13.41
CA GLN C 194 -0.17 -32.37 14.33
C GLN C 194 0.28 -32.64 15.76
N ILE C 195 0.61 -31.58 16.50
CA ILE C 195 1.09 -31.60 17.88
C ILE C 195 0.26 -30.63 18.75
N THR C 196 0.16 -30.91 20.06
CA THR C 196 -0.67 -30.12 20.99
C THR C 196 0.20 -29.19 21.85
N LEU C 197 -0.04 -27.87 21.74
CA LEU C 197 0.61 -26.82 22.53
C LEU C 197 -0.40 -25.72 22.86
N ASP C 198 -0.09 -24.94 23.92
CA ASP C 198 -0.94 -23.85 24.43
C ASP C 198 -0.33 -22.50 24.04
N ALA C 199 -1.05 -21.75 23.19
CA ALA C 199 -0.66 -20.44 22.66
C ALA C 199 -0.92 -19.31 23.66
N HIS C 200 0.15 -18.72 24.22
CA HIS C 200 0.10 -17.71 25.27
C HIS C 200 0.88 -16.45 24.83
N VAL C 201 0.26 -15.68 23.93
CA VAL C 201 0.83 -14.49 23.30
C VAL C 201 0.45 -13.24 24.12
N GLY C 202 1.23 -13.00 25.20
CA GLY C 202 0.99 -11.92 26.17
C GLY C 202 -0.26 -12.24 26.99
N ASN C 203 -1.14 -11.23 27.16
CA ASN C 203 -2.46 -11.35 27.80
C ASN C 203 -3.47 -12.21 27.01
N ILE C 204 -3.26 -12.36 25.69
CA ILE C 204 -4.10 -13.15 24.80
C ILE C 204 -3.72 -14.64 24.95
N SER C 205 -4.70 -15.46 25.35
CA SER C 205 -4.50 -16.85 25.80
C SER C 205 -5.43 -17.82 25.06
N LEU C 206 -4.93 -19.05 24.87
CA LEU C 206 -5.58 -20.19 24.23
C LEU C 206 -4.83 -21.45 24.69
N GLU C 207 -5.58 -22.50 25.05
CA GLU C 207 -5.03 -23.77 25.52
C GLU C 207 -5.57 -24.94 24.70
N LYS C 208 -4.75 -26.00 24.61
CA LYS C 208 -5.02 -27.28 23.93
C LYS C 208 -5.22 -27.10 22.42
N ALA C 209 -4.42 -26.21 21.81
CA ALA C 209 -4.44 -25.92 20.39
C ALA C 209 -3.89 -27.11 19.59
N ASN C 210 -4.64 -27.52 18.56
CA ASN C 210 -4.29 -28.57 17.63
C ASN C 210 -3.38 -27.97 16.52
N CYS C 211 -2.14 -27.60 16.90
CA CYS C 211 -1.11 -27.04 16.02
C CYS C 211 -0.70 -28.05 14.94
N ILE C 212 -0.50 -27.57 13.71
CA ILE C 212 -0.09 -28.40 12.56
C ILE C 212 1.11 -27.71 11.90
N VAL C 213 2.12 -28.50 11.51
CA VAL C 213 3.30 -27.98 10.80
C VAL C 213 3.14 -28.36 9.31
N ASP C 214 3.28 -27.34 8.43
CA ASP C 214 3.22 -27.49 6.99
C ASP C 214 4.46 -26.83 6.39
N SER C 215 5.27 -27.62 5.67
CA SER C 215 6.44 -27.14 4.96
C SER C 215 6.14 -26.39 3.65
N GLY C 216 4.97 -26.63 3.04
CA GLY C 216 4.56 -26.03 1.79
C GLY C 216 3.94 -24.63 1.99
N THR C 217 3.22 -24.42 3.11
CA THR C 217 2.57 -23.14 3.43
C THR C 217 3.60 -22.09 3.90
N SER C 218 3.49 -20.88 3.31
CA SER C 218 4.40 -19.75 3.50
C SER C 218 4.00 -18.79 4.64
N ALA C 219 2.88 -19.06 5.32
CA ALA C 219 2.27 -18.18 6.33
C ALA C 219 2.07 -18.89 7.67
N ILE C 220 2.05 -18.10 8.74
CA ILE C 220 1.55 -18.54 10.05
C ILE C 220 0.02 -18.33 10.06
N THR C 221 -0.72 -19.30 10.64
CA THR C 221 -2.16 -19.15 10.85
C THR C 221 -2.45 -19.06 12.34
N VAL C 222 -3.46 -18.24 12.66
CA VAL C 222 -3.93 -17.91 13.99
C VAL C 222 -5.48 -17.83 13.89
N PRO C 223 -6.23 -18.43 14.84
CA PRO C 223 -7.69 -18.25 14.95
C PRO C 223 -8.14 -16.77 14.93
N THR C 224 -9.16 -16.45 14.13
CA THR C 224 -9.59 -15.08 13.82
C THR C 224 -9.87 -14.19 15.04
N ASP C 225 -10.47 -14.73 16.12
CA ASP C 225 -10.65 -14.05 17.40
C ASP C 225 -9.29 -13.69 18.04
N PHE C 226 -8.42 -14.71 18.21
CA PHE C 226 -7.07 -14.59 18.80
C PHE C 226 -6.21 -13.56 18.06
N LEU C 227 -6.26 -13.58 16.70
CA LEU C 227 -5.58 -12.64 15.83
C LEU C 227 -6.10 -11.21 16.02
N ASN C 228 -7.42 -11.00 15.87
CA ASN C 228 -8.08 -9.69 16.03
C ASN C 228 -7.81 -9.04 17.40
N LYS C 229 -7.82 -9.84 18.49
CA LYS C 229 -7.50 -9.40 19.85
C LYS C 229 -6.06 -8.87 20.03
N MET C 230 -5.07 -9.46 19.34
CA MET C 230 -3.69 -8.95 19.35
C MET C 230 -3.45 -7.82 18.32
N LEU C 231 -4.21 -7.76 17.22
CA LEU C 231 -4.18 -6.67 16.24
C LEU C 231 -4.83 -5.37 16.79
N GLN C 232 -5.74 -5.49 17.76
CA GLN C 232 -6.31 -4.38 18.52
C GLN C 232 -5.23 -3.68 19.36
N ASN C 233 -5.11 -2.35 19.16
CA ASN C 233 -4.17 -1.43 19.82
C ASN C 233 -2.70 -1.62 19.38
N LEU C 234 -2.43 -2.49 18.39
CA LEU C 234 -1.10 -2.83 17.90
C LEU C 234 -0.46 -1.76 16.99
N ASP C 235 -1.25 -0.81 16.48
CA ASP C 235 -0.87 0.22 15.49
C ASP C 235 -0.80 -0.35 14.06
N VAL C 236 -1.10 -1.65 13.91
CA VAL C 236 -1.10 -2.28 12.55
C VAL C 236 -2.36 -1.83 11.81
N ILE C 237 -2.24 -1.51 10.52
CA ILE C 237 -3.42 -1.06 9.72
C ILE C 237 -3.74 -2.15 8.69
N LYS C 238 -5.01 -2.59 8.66
CA LYS C 238 -5.42 -3.66 7.72
C LYS C 238 -5.70 -3.05 6.34
N VAL C 239 -5.38 -3.78 5.27
CA VAL C 239 -5.64 -3.31 3.91
C VAL C 239 -7.10 -3.68 3.55
N PRO C 240 -7.96 -2.68 3.24
CA PRO C 240 -9.42 -2.90 3.11
C PRO C 240 -9.80 -3.77 1.88
N PHE C 241 -10.64 -4.79 2.15
CA PHE C 241 -11.13 -5.85 1.26
C PHE C 241 -10.05 -6.88 0.84
N LEU C 242 -8.86 -6.80 1.44
CA LEU C 242 -7.70 -7.65 1.15
C LEU C 242 -7.25 -8.35 2.46
N PRO C 243 -6.76 -9.61 2.36
CA PRO C 243 -6.30 -10.39 3.54
C PRO C 243 -4.86 -10.04 3.99
N PHE C 244 -4.51 -8.75 4.06
CA PHE C 244 -3.17 -8.25 4.37
C PHE C 244 -3.23 -7.20 5.49
N TYR C 245 -2.14 -7.12 6.28
CA TYR C 245 -2.02 -6.29 7.47
C TYR C 245 -0.68 -5.55 7.44
N VAL C 246 -0.72 -4.21 7.44
CA VAL C 246 0.46 -3.35 7.33
C VAL C 246 0.80 -2.71 8.70
N THR C 247 2.09 -2.77 9.06
CA THR C 247 2.67 -2.13 10.25
C THR C 247 4.07 -1.59 9.91
N LEU C 248 4.62 -0.68 10.72
CA LEU C 248 6.04 -0.34 10.67
C LEU C 248 6.90 -1.54 11.12
N CYS C 249 8.05 -1.74 10.44
CA CYS C 249 9.03 -2.78 10.79
C CYS C 249 9.64 -2.58 12.20
N ASN C 250 9.78 -1.32 12.62
CA ASN C 250 10.30 -0.89 13.92
C ASN C 250 9.20 -0.65 14.97
N ASN C 251 8.03 -1.31 14.82
CA ASN C 251 6.94 -1.29 15.80
C ASN C 251 7.27 -2.21 16.97
N SER C 252 7.50 -1.60 18.14
CA SER C 252 7.81 -2.26 19.41
C SER C 252 6.61 -3.01 20.05
N LYS C 253 5.38 -2.69 19.61
CA LYS C 253 4.14 -3.29 20.11
C LYS C 253 3.94 -4.75 19.68
N LEU C 254 4.58 -5.17 18.56
CA LEU C 254 4.48 -6.50 17.94
C LEU C 254 4.88 -7.62 18.93
N PRO C 255 3.91 -8.45 19.39
CA PRO C 255 4.20 -9.48 20.39
C PRO C 255 4.89 -10.71 19.78
N THR C 256 5.83 -11.27 20.53
CA THR C 256 6.39 -12.59 20.27
C THR C 256 5.31 -13.66 20.52
N PHE C 257 5.05 -14.50 19.50
CA PHE C 257 4.19 -15.67 19.61
C PHE C 257 4.87 -16.74 20.47
N GLU C 258 4.14 -17.31 21.45
CA GLU C 258 4.70 -18.32 22.36
C GLU C 258 3.75 -19.51 22.46
N PHE C 259 4.32 -20.72 22.39
CA PHE C 259 3.64 -22.01 22.50
C PHE C 259 4.35 -22.83 23.58
N THR C 260 3.59 -23.23 24.62
CA THR C 260 4.10 -23.99 25.76
C THR C 260 3.56 -25.44 25.74
N SER C 261 4.43 -26.36 26.17
CA SER C 261 4.13 -27.77 26.42
C SER C 261 5.14 -28.32 27.46
N GLU C 262 4.87 -29.54 27.95
CA GLU C 262 5.65 -30.20 29.00
C GLU C 262 7.11 -30.48 28.65
N ASN C 263 7.40 -30.81 27.38
CA ASN C 263 8.74 -31.13 26.91
C ASN C 263 9.57 -29.87 26.60
N GLY C 264 8.93 -28.77 26.17
CA GLY C 264 9.65 -27.52 25.91
C GLY C 264 8.69 -26.40 25.48
N LYS C 265 9.24 -25.18 25.43
CA LYS C 265 8.57 -23.95 25.01
C LYS C 265 9.26 -23.41 23.75
N TYR C 266 8.44 -22.91 22.82
CA TYR C 266 8.87 -22.44 21.49
C TYR C 266 8.27 -21.05 21.26
N THR C 267 9.14 -20.07 21.01
CA THR C 267 8.77 -18.66 20.83
C THR C 267 9.23 -18.15 19.45
N LEU C 268 8.32 -17.50 18.71
CA LEU C 268 8.54 -16.96 17.37
C LEU C 268 8.31 -15.45 17.38
N GLU C 269 9.42 -14.70 17.28
CA GLU C 269 9.51 -13.25 17.36
C GLU C 269 8.99 -12.55 16.08
N PRO C 270 8.68 -11.23 16.16
CA PRO C 270 8.23 -10.42 14.99
C PRO C 270 9.11 -10.46 13.73
N GLU C 271 10.44 -10.47 13.91
CA GLU C 271 11.46 -10.48 12.85
C GLU C 271 11.33 -11.63 11.83
N TYR C 272 10.75 -12.77 12.24
CA TYR C 272 10.60 -13.97 11.42
C TYR C 272 9.31 -13.97 10.59
N TYR C 273 8.24 -13.29 11.07
CA TYR C 273 6.93 -13.26 10.41
C TYR C 273 6.63 -11.93 9.70
N LEU C 274 7.54 -10.95 9.72
CA LEU C 274 7.39 -9.70 8.97
C LEU C 274 8.00 -9.85 7.57
N GLN C 275 7.21 -9.54 6.53
CA GLN C 275 7.67 -9.43 5.15
C GLN C 275 8.31 -8.05 4.93
N HIS C 276 9.42 -8.03 4.17
CA HIS C 276 10.08 -6.81 3.71
C HIS C 276 9.39 -6.27 2.45
N ILE C 277 8.95 -5.00 2.48
CA ILE C 277 8.45 -4.26 1.32
C ILE C 277 9.48 -3.17 1.01
N GLU C 278 9.83 -3.04 -0.29
CA GLU C 278 10.83 -2.11 -0.80
C GLU C 278 10.40 -1.51 -2.17
N ASP C 279 9.30 -2.04 -2.76
CA ASP C 279 8.68 -1.55 -4.01
C ASP C 279 8.29 -0.07 -3.94
N VAL C 280 7.69 0.35 -2.81
CA VAL C 280 7.33 1.73 -2.49
C VAL C 280 8.50 2.48 -1.80
N GLY C 281 9.57 1.74 -1.44
CA GLY C 281 10.70 2.15 -0.60
C GLY C 281 10.31 2.65 0.80
N PRO C 282 9.32 2.06 1.53
CA PRO C 282 8.66 2.77 2.63
C PRO C 282 9.26 2.57 4.03
N GLY C 283 9.91 1.42 4.28
CA GLY C 283 10.31 0.97 5.62
C GLY C 283 9.16 0.32 6.40
N LEU C 284 8.04 0.02 5.72
CA LEU C 284 6.85 -0.68 6.24
C LEU C 284 7.01 -2.19 6.00
N CYS C 285 6.43 -2.99 6.91
CA CYS C 285 6.44 -4.45 6.89
C CYS C 285 4.99 -4.97 6.92
N MET C 286 4.68 -5.96 6.07
CA MET C 286 3.39 -6.63 6.04
C MET C 286 3.51 -7.95 6.83
N LEU C 287 2.56 -8.22 7.74
CA LEU C 287 2.53 -9.44 8.55
C LEU C 287 2.22 -10.66 7.66
N ASN C 288 3.17 -11.60 7.57
CA ASN C 288 3.04 -12.90 6.91
C ASN C 288 2.02 -13.84 7.61
N ILE C 289 1.54 -13.44 8.81
CA ILE C 289 0.43 -14.08 9.51
C ILE C 289 -0.89 -13.77 8.79
N ILE C 290 -1.63 -14.82 8.42
CA ILE C 290 -2.94 -14.73 7.77
C ILE C 290 -3.91 -15.59 8.59
N GLY C 291 -5.02 -15.00 9.06
CA GLY C 291 -5.94 -15.65 9.98
C GLY C 291 -6.91 -16.59 9.23
N LEU C 292 -7.07 -17.81 9.76
CA LEU C 292 -8.07 -18.80 9.34
C LEU C 292 -8.55 -19.56 10.58
N ASP C 293 -9.81 -19.98 10.58
CA ASP C 293 -10.36 -20.78 11.71
C ASP C 293 -10.64 -22.20 11.23
N PHE C 294 -9.91 -23.19 11.76
CA PHE C 294 -10.11 -24.61 11.36
C PHE C 294 -11.30 -25.18 12.15
N PRO C 295 -11.91 -26.30 11.68
CA PRO C 295 -13.00 -26.94 12.43
C PRO C 295 -12.67 -26.96 13.92
N VAL C 296 -11.40 -27.22 14.26
CA VAL C 296 -10.97 -27.21 15.69
C VAL C 296 -10.01 -26.03 15.89
N PRO C 297 -9.74 -25.58 17.13
CA PRO C 297 -8.74 -24.50 17.37
C PRO C 297 -7.33 -24.92 16.95
N THR C 298 -6.80 -24.30 15.88
CA THR C 298 -5.55 -24.70 15.22
C THR C 298 -4.78 -23.46 14.73
N PHE C 299 -3.44 -23.59 14.78
CA PHE C 299 -2.46 -22.69 14.19
C PHE C 299 -1.66 -23.48 13.14
N ILE C 300 -1.13 -22.77 12.12
CA ILE C 300 -0.18 -23.34 11.16
C ILE C 300 1.22 -22.82 11.49
N LEU C 301 2.21 -23.73 11.50
CA LEU C 301 3.63 -23.44 11.58
C LEU C 301 4.20 -23.57 10.16
N GLY C 302 4.09 -22.47 9.40
CA GLY C 302 4.54 -22.37 8.01
C GLY C 302 6.03 -22.03 7.96
N ASP C 303 6.47 -21.50 6.81
CA ASP C 303 7.85 -21.07 6.57
C ASP C 303 8.43 -20.06 7.59
N PRO C 304 7.66 -19.08 8.12
CA PRO C 304 8.17 -18.16 9.17
C PRO C 304 8.68 -18.85 10.45
N PHE C 305 7.95 -19.88 10.92
CA PHE C 305 8.35 -20.73 12.04
C PHE C 305 9.63 -21.52 11.74
N MET C 306 9.68 -22.18 10.57
CA MET C 306 10.78 -23.03 10.14
C MET C 306 12.09 -22.29 9.81
N ARG C 307 12.00 -20.98 9.46
CA ARG C 307 13.16 -20.10 9.23
C ARG C 307 13.96 -19.84 10.51
N LYS C 308 13.30 -19.84 11.68
CA LYS C 308 13.96 -19.85 12.99
C LYS C 308 14.26 -21.29 13.43
N TYR C 309 13.22 -22.14 13.44
CA TYR C 309 13.26 -23.47 14.03
C TYR C 309 13.53 -24.54 12.99
N PHE C 310 14.73 -25.14 13.07
CA PHE C 310 15.06 -26.41 12.43
C PHE C 310 14.12 -27.54 12.89
N THR C 311 13.36 -28.11 11.95
CA THR C 311 12.35 -29.13 12.30
C THR C 311 12.84 -30.54 11.97
N VAL C 312 12.23 -31.55 12.60
CA VAL C 312 12.58 -32.97 12.32
C VAL C 312 11.28 -33.77 12.36
N PHE C 313 11.16 -34.83 11.56
CA PHE C 313 9.88 -35.59 11.51
C PHE C 313 10.17 -37.09 11.36
N ASP C 314 9.94 -37.86 12.42
CA ASP C 314 10.18 -39.32 12.37
C ASP C 314 8.85 -40.07 12.43
N TYR C 315 8.50 -40.80 11.37
CA TYR C 315 7.25 -41.61 11.40
C TYR C 315 7.40 -42.71 12.45
N ASP C 316 8.58 -43.34 12.53
CA ASP C 316 8.81 -44.44 13.50
C ASP C 316 8.41 -44.01 14.90
N ASN C 317 9.08 -42.98 15.44
CA ASN C 317 8.80 -42.52 16.80
C ASN C 317 7.47 -41.75 16.91
N HIS C 318 6.88 -41.34 15.78
CA HIS C 318 5.64 -40.56 15.66
C HIS C 318 5.74 -39.22 16.44
N SER C 319 6.73 -38.40 16.08
CA SER C 319 7.05 -37.15 16.79
C SER C 319 7.74 -36.12 15.88
N VAL C 320 7.56 -34.84 16.22
CA VAL C 320 8.23 -33.69 15.57
C VAL C 320 9.35 -33.18 16.49
N GLY C 321 10.61 -33.22 16.02
CA GLY C 321 11.75 -32.62 16.71
C GLY C 321 11.87 -31.15 16.30
N ILE C 322 12.25 -30.28 17.26
CA ILE C 322 12.29 -28.83 17.09
C ILE C 322 13.51 -28.27 17.86
N ALA C 323 14.30 -27.41 17.20
CA ALA C 323 15.45 -26.71 17.77
C ALA C 323 15.78 -25.43 16.99
N LEU C 324 16.49 -24.50 17.66
CA LEU C 324 16.98 -23.25 17.06
C LEU C 324 18.06 -23.49 16.00
N ALA C 325 17.83 -22.97 14.79
CA ALA C 325 18.79 -22.96 13.68
C ALA C 325 19.91 -21.95 13.90
N LYS C 326 21.13 -22.32 13.48
CA LYS C 326 22.31 -21.43 13.49
C LYS C 326 22.16 -20.25 12.54
N LYS C 327 22.78 -19.11 12.91
CA LYS C 327 22.87 -17.91 12.06
C LYS C 327 23.71 -18.12 10.79
N ASN C 328 24.74 -18.98 10.89
CA ASN C 328 25.50 -19.53 9.77
C ASN C 328 25.55 -21.05 9.99
N LEU C 329 25.01 -21.83 9.04
CA LEU C 329 24.88 -23.30 9.08
C LEU C 329 26.29 -23.99 9.17
N SER D 1 -50.05 -27.82 -13.59
CA SER D 1 -48.97 -27.94 -14.63
C SER D 1 -48.03 -29.09 -14.18
N SER D 2 -47.17 -29.55 -15.09
CA SER D 2 -46.19 -30.61 -14.72
C SER D 2 -45.01 -29.98 -13.98
N ASN D 3 -45.23 -29.52 -12.75
CA ASN D 3 -44.15 -28.83 -11.98
C ASN D 3 -43.80 -29.67 -10.74
N ASP D 4 -42.59 -30.22 -10.70
CA ASP D 4 -42.14 -31.01 -9.54
C ASP D 4 -41.76 -30.04 -8.41
N ASN D 5 -42.64 -29.90 -7.41
CA ASN D 5 -42.36 -29.02 -6.26
C ASN D 5 -41.72 -29.86 -5.14
N ILE D 6 -40.45 -30.23 -5.29
CA ILE D 6 -39.79 -31.13 -4.29
C ILE D 6 -40.11 -30.61 -2.89
N GLU D 7 -40.64 -31.49 -2.02
CA GLU D 7 -41.03 -31.07 -0.66
C GLU D 7 -39.79 -30.56 0.09
N LEU D 8 -39.91 -29.40 0.74
CA LEU D 8 -38.79 -28.84 1.54
C LEU D 8 -39.23 -28.82 3.01
N VAL D 9 -38.48 -29.48 3.89
CA VAL D 9 -38.90 -29.57 5.32
C VAL D 9 -38.04 -28.62 6.16
N ASP D 10 -38.68 -27.81 7.01
CA ASP D 10 -37.94 -26.90 7.88
C ASP D 10 -37.55 -27.64 9.18
N PHE D 11 -36.25 -27.83 9.39
CA PHE D 11 -35.67 -28.41 10.59
C PHE D 11 -35.20 -27.26 11.49
N GLN D 12 -35.90 -27.08 12.62
CA GLN D 12 -35.55 -26.18 13.74
C GLN D 12 -35.46 -24.67 13.41
N ASN D 13 -35.82 -24.27 12.17
CA ASN D 13 -35.62 -22.93 11.59
C ASN D 13 -34.12 -22.58 11.42
N ILE D 14 -33.29 -23.61 11.26
CA ILE D 14 -31.82 -23.39 11.07
C ILE D 14 -31.44 -23.85 9.65
N MET D 15 -32.21 -24.79 9.09
CA MET D 15 -31.92 -25.29 7.71
C MET D 15 -33.10 -26.11 7.19
N PHE D 16 -33.38 -26.04 5.88
CA PHE D 16 -34.46 -26.87 5.27
C PHE D 16 -33.80 -28.05 4.55
N TYR D 17 -34.57 -29.11 4.28
CA TYR D 17 -33.97 -30.33 3.66
C TYR D 17 -34.93 -30.94 2.64
N GLY D 18 -34.41 -31.85 1.80
CA GLY D 18 -35.25 -32.53 0.79
C GLY D 18 -34.96 -34.02 0.76
N ASP D 19 -35.88 -34.81 0.20
CA ASP D 19 -35.70 -36.29 0.17
C ASP D 19 -35.65 -36.77 -1.29
N ALA D 20 -34.77 -37.73 -1.58
CA ALA D 20 -34.65 -38.28 -2.95
C ALA D 20 -34.20 -39.75 -2.86
N GLU D 21 -34.41 -40.51 -3.94
CA GLU D 21 -34.04 -41.92 -3.94
C GLU D 21 -32.98 -42.18 -5.03
N VAL D 22 -32.20 -43.24 -4.79
CA VAL D 22 -31.11 -43.63 -5.74
C VAL D 22 -31.25 -45.12 -6.07
N GLY D 23 -31.09 -45.49 -7.34
CA GLY D 23 -31.17 -46.86 -7.85
C GLY D 23 -32.61 -47.25 -8.20
N ASP D 24 -32.75 -48.37 -8.92
CA ASP D 24 -34.04 -48.93 -9.32
C ASP D 24 -34.82 -49.58 -8.15
N ASN D 25 -34.09 -50.04 -7.12
CA ASN D 25 -34.63 -50.48 -5.82
C ASN D 25 -35.10 -49.30 -4.95
N GLN D 26 -34.74 -48.06 -5.35
CA GLN D 26 -35.12 -46.79 -4.72
C GLN D 26 -34.62 -46.71 -3.27
N GLN D 27 -33.31 -46.94 -3.10
CA GLN D 27 -32.67 -46.89 -1.75
C GLN D 27 -32.98 -45.53 -1.14
N PRO D 28 -33.40 -45.48 0.14
CA PRO D 28 -33.84 -44.23 0.77
C PRO D 28 -32.67 -43.32 1.18
N PHE D 29 -32.74 -42.04 0.80
CA PHE D 29 -31.66 -41.07 1.14
C PHE D 29 -32.25 -39.68 1.35
N THR D 30 -31.53 -38.82 2.09
CA THR D 30 -32.00 -37.43 2.30
C THR D 30 -30.89 -36.46 1.83
N PHE D 31 -31.20 -35.62 0.83
CA PHE D 31 -30.19 -34.69 0.29
C PHE D 31 -30.68 -33.24 0.43
N ILE D 32 -29.85 -32.37 1.01
CA ILE D 32 -30.24 -30.94 1.19
C ILE D 32 -30.13 -30.24 -0.18
N LEU D 33 -30.68 -29.04 -0.28
CA LEU D 33 -30.58 -28.26 -1.55
C LEU D 33 -29.41 -27.29 -1.43
N ASP D 34 -28.30 -27.57 -2.13
CA ASP D 34 -27.10 -26.69 -2.07
C ASP D 34 -26.81 -26.15 -3.47
N THR D 35 -27.26 -24.92 -3.76
CA THR D 35 -26.97 -24.31 -5.09
C THR D 35 -25.45 -24.19 -5.25
N GLY D 36 -24.73 -23.88 -4.18
CA GLY D 36 -23.27 -23.68 -4.26
C GLY D 36 -22.55 -24.93 -4.75
N SER D 37 -22.80 -26.07 -4.12
CA SER D 37 -22.13 -27.34 -4.51
C SER D 37 -22.83 -27.92 -5.74
N ALA D 38 -22.18 -27.90 -6.91
CA ALA D 38 -22.82 -28.35 -8.16
C ALA D 38 -22.68 -29.87 -8.34
N ASN D 39 -22.06 -30.56 -7.38
CA ASN D 39 -21.84 -32.02 -7.49
C ASN D 39 -22.80 -32.76 -6.56
N LEU D 40 -23.26 -33.95 -6.97
CA LEU D 40 -24.15 -34.77 -6.10
C LEU D 40 -23.30 -35.73 -5.27
N TRP D 41 -23.44 -35.68 -3.94
CA TRP D 41 -22.64 -36.56 -3.04
C TRP D 41 -23.58 -37.55 -2.36
N VAL D 42 -23.29 -38.85 -2.48
CA VAL D 42 -24.19 -39.90 -1.90
C VAL D 42 -23.41 -40.76 -0.91
N PRO D 43 -23.86 -40.91 0.35
CA PRO D 43 -23.19 -41.77 1.33
C PRO D 43 -23.32 -43.24 0.94
N SER D 44 -22.23 -44.01 1.05
CA SER D 44 -22.26 -45.43 0.64
C SER D 44 -21.80 -46.33 1.79
N VAL D 45 -22.19 -47.61 1.76
CA VAL D 45 -21.79 -48.56 2.83
C VAL D 45 -20.26 -48.62 2.87
N LYS D 46 -19.61 -48.28 1.76
CA LYS D 46 -18.12 -48.32 1.69
C LYS D 46 -17.53 -47.34 2.70
N CYS D 47 -18.26 -46.26 3.01
CA CYS D 47 -17.76 -45.25 3.98
C CYS D 47 -17.29 -45.96 5.25
N THR D 48 -16.09 -45.63 5.74
CA THR D 48 -15.53 -46.32 6.93
C THR D 48 -15.95 -45.60 8.20
N THR D 49 -15.92 -44.26 8.20
CA THR D 49 -16.28 -43.47 9.37
C THR D 49 -17.57 -43.97 10.04
N ALA D 50 -17.66 -43.78 11.37
CA ALA D 50 -18.79 -44.20 12.19
C ALA D 50 -20.03 -43.31 12.03
N GLY D 51 -19.83 -42.02 11.70
CA GLY D 51 -20.88 -41.03 11.46
C GLY D 51 -21.66 -41.29 10.17
N CYS D 52 -21.13 -42.10 9.24
CA CYS D 52 -21.82 -42.62 8.06
C CYS D 52 -22.88 -43.67 8.39
N LEU D 53 -22.74 -44.40 9.51
CA LEU D 53 -23.67 -45.45 9.93
C LEU D 53 -25.00 -44.88 10.46
N THR D 54 -24.99 -43.64 10.95
CA THR D 54 -26.25 -43.00 11.41
C THR D 54 -27.12 -42.72 10.19
N LYS D 55 -26.54 -42.13 9.14
CA LYS D 55 -27.26 -41.84 7.91
C LYS D 55 -27.42 -43.10 7.05
N HIS D 56 -28.29 -43.02 6.03
CA HIS D 56 -28.50 -44.08 5.04
C HIS D 56 -27.25 -44.30 4.17
N LEU D 57 -27.11 -45.50 3.60
CA LEU D 57 -25.92 -45.81 2.75
C LEU D 57 -26.37 -46.54 1.49
N TYR D 58 -25.54 -46.52 0.44
CA TYR D 58 -25.94 -47.14 -0.85
C TYR D 58 -25.12 -48.41 -1.13
N ASP D 59 -25.75 -49.43 -1.72
CA ASP D 59 -25.00 -50.66 -2.10
C ASP D 59 -25.19 -50.87 -3.61
N SER D 60 -24.08 -50.99 -4.35
CA SER D 60 -24.16 -51.15 -5.82
C SER D 60 -24.91 -52.45 -6.16
N SER D 61 -24.70 -53.51 -5.39
CA SER D 61 -25.33 -54.79 -5.70
C SER D 61 -26.87 -54.73 -5.76
N LYS D 62 -27.48 -53.79 -5.02
CA LYS D 62 -28.93 -53.61 -4.95
C LYS D 62 -29.51 -53.09 -6.27
N SER D 63 -28.90 -52.02 -6.78
CA SER D 63 -29.36 -51.39 -8.04
C SER D 63 -28.80 -52.12 -9.26
N ARG D 64 -29.68 -52.54 -10.16
CA ARG D 64 -29.33 -53.21 -11.41
C ARG D 64 -29.01 -52.21 -12.54
N THR D 65 -29.49 -50.95 -12.40
CA THR D 65 -29.14 -49.81 -13.27
C THR D 65 -27.82 -49.11 -12.87
N TYR D 66 -27.05 -49.82 -12.03
CA TYR D 66 -25.77 -49.26 -11.54
C TYR D 66 -24.66 -49.32 -12.59
N GLU D 67 -23.72 -48.38 -12.51
CA GLU D 67 -22.56 -48.25 -13.36
C GLU D 67 -21.39 -47.70 -12.51
N LYS D 68 -20.18 -48.20 -12.78
CA LYS D 68 -18.96 -47.83 -12.08
C LYS D 68 -17.99 -47.14 -13.05
N ASP D 69 -17.42 -46.00 -12.63
CA ASP D 69 -16.36 -45.27 -13.34
C ASP D 69 -15.00 -45.74 -12.78
N GLY D 70 -14.83 -45.60 -11.46
CA GLY D 70 -13.59 -45.94 -10.75
C GLY D 70 -12.61 -44.75 -10.66
N THR D 71 -12.96 -43.63 -11.29
CA THR D 71 -12.13 -42.40 -11.17
C THR D 71 -12.18 -41.91 -9.72
N LYS D 72 -11.02 -41.86 -9.05
CA LYS D 72 -10.99 -41.45 -7.61
C LYS D 72 -11.49 -40.02 -7.47
N VAL D 73 -12.33 -39.76 -6.47
CA VAL D 73 -12.83 -38.37 -6.22
C VAL D 73 -12.41 -37.96 -4.79
N GLU D 74 -11.44 -37.06 -4.66
CA GLU D 74 -10.96 -36.62 -3.33
C GLU D 74 -10.70 -35.11 -3.34
N MET D 75 -11.75 -34.31 -3.14
CA MET D 75 -11.58 -32.83 -3.07
C MET D 75 -10.88 -32.46 -1.76
N ASN D 76 -10.18 -31.33 -1.72
CA ASN D 76 -9.42 -30.92 -0.52
C ASN D 76 -9.94 -29.59 0.00
N TYR D 77 -9.67 -29.27 1.27
CA TYR D 77 -10.12 -27.98 1.87
C TYR D 77 -9.50 -27.84 3.26
N VAL D 78 -9.90 -26.81 4.02
CA VAL D 78 -9.39 -26.66 5.42
C VAL D 78 -9.57 -28.01 6.12
N SER D 79 -10.69 -28.69 5.86
CA SER D 79 -10.93 -30.04 6.43
C SER D 79 -11.53 -30.93 5.34
N GLY D 80 -11.09 -30.75 4.10
CA GLY D 80 -11.65 -31.52 2.98
C GLY D 80 -11.08 -32.92 2.89
N THR D 81 -11.72 -33.89 3.56
CA THR D 81 -11.27 -35.30 3.50
C THR D 81 -12.45 -36.16 3.03
N VAL D 82 -12.85 -36.02 1.76
CA VAL D 82 -14.03 -36.76 1.24
C VAL D 82 -13.55 -37.88 0.32
N SER D 83 -13.47 -39.12 0.83
CA SER D 83 -13.09 -40.26 -0.03
C SER D 83 -14.30 -40.70 -0.87
N GLY D 84 -14.05 -41.16 -2.09
CA GLY D 84 -15.15 -41.60 -2.97
C GLY D 84 -14.70 -41.72 -4.42
N PHE D 85 -15.49 -42.42 -5.24
CA PHE D 85 -15.16 -42.58 -6.68
C PHE D 85 -16.41 -42.28 -7.52
N PHE D 86 -16.22 -41.77 -8.73
CA PHE D 86 -17.39 -41.41 -9.59
C PHE D 86 -18.21 -42.65 -9.90
N SER D 87 -19.54 -42.51 -9.88
CA SER D 87 -20.44 -43.66 -10.17
C SER D 87 -21.74 -43.14 -10.81
N LYS D 88 -22.35 -43.93 -11.70
CA LYS D 88 -23.59 -43.52 -12.34
C LYS D 88 -24.68 -44.54 -12.03
N ASP D 89 -25.89 -44.01 -11.82
CA ASP D 89 -27.05 -44.86 -11.45
C ASP D 89 -28.31 -43.98 -11.30
N LEU D 90 -29.48 -44.52 -11.63
CA LEU D 90 -30.75 -43.76 -11.58
C LEU D 90 -30.80 -42.83 -10.36
N VAL D 91 -31.22 -41.58 -10.56
CA VAL D 91 -31.40 -40.63 -9.43
C VAL D 91 -32.83 -40.09 -9.54
N THR D 92 -33.75 -40.59 -8.72
CA THR D 92 -35.18 -40.20 -8.86
C THR D 92 -35.46 -38.95 -8.04
N VAL D 93 -35.65 -37.80 -8.71
CA VAL D 93 -36.03 -36.55 -8.01
C VAL D 93 -37.55 -36.51 -7.92
N GLY D 94 -38.11 -36.91 -6.79
CA GLY D 94 -39.58 -36.96 -6.66
C GLY D 94 -40.20 -37.69 -7.83
N ASN D 95 -40.97 -36.98 -8.67
CA ASN D 95 -41.62 -37.61 -9.83
C ASN D 95 -40.69 -37.85 -11.05
N LEU D 96 -39.56 -37.15 -11.07
CA LEU D 96 -38.58 -37.31 -12.19
C LEU D 96 -37.59 -38.43 -11.85
N SER D 97 -37.14 -39.18 -12.86
CA SER D 97 -36.13 -40.24 -12.63
C SER D 97 -35.09 -40.22 -13.74
N LEU D 98 -33.88 -39.74 -13.45
CA LEU D 98 -32.84 -39.61 -14.51
C LEU D 98 -31.52 -40.21 -14.01
N PRO D 99 -30.78 -40.99 -14.83
CA PRO D 99 -29.48 -41.49 -14.44
C PRO D 99 -28.53 -40.29 -14.27
N TYR D 100 -27.55 -40.39 -13.37
CA TYR D 100 -26.67 -39.22 -13.10
C TYR D 100 -25.28 -39.69 -12.64
N LYS D 101 -24.28 -38.81 -12.75
CA LYS D 101 -22.89 -39.15 -12.32
C LYS D 101 -22.73 -38.73 -10.85
N PHE D 102 -23.30 -39.52 -9.93
CA PHE D 102 -23.20 -39.19 -8.48
C PHE D 102 -21.79 -39.53 -7.98
N ILE D 103 -21.41 -38.92 -6.85
CA ILE D 103 -20.05 -39.18 -6.27
C ILE D 103 -20.20 -40.13 -5.08
N GLU D 104 -19.36 -41.17 -5.01
CA GLU D 104 -19.44 -42.15 -3.90
C GLU D 104 -18.88 -41.52 -2.62
N VAL D 105 -19.21 -42.11 -1.45
CA VAL D 105 -18.68 -41.59 -0.16
C VAL D 105 -18.02 -42.75 0.60
N ILE D 106 -16.70 -42.65 0.85
CA ILE D 106 -15.96 -43.73 1.56
C ILE D 106 -15.33 -43.14 2.82
N ASP D 107 -15.17 -41.82 2.86
CA ASP D 107 -14.62 -41.15 4.07
C ASP D 107 -15.29 -39.78 4.25
N THR D 108 -15.62 -39.41 5.49
CA THR D 108 -16.23 -38.08 5.77
C THR D 108 -15.36 -37.32 6.79
N ASN D 109 -14.09 -37.71 6.92
CA ASN D 109 -13.19 -37.05 7.91
C ASN D 109 -13.12 -35.55 7.62
N GLY D 110 -12.91 -34.74 8.66
CA GLY D 110 -12.87 -33.28 8.48
C GLY D 110 -14.27 -32.70 8.43
N PHE D 111 -15.28 -33.57 8.37
CA PHE D 111 -16.70 -33.11 8.33
C PHE D 111 -17.56 -34.09 9.13
N GLU D 112 -17.04 -35.29 9.39
CA GLU D 112 -17.80 -36.33 10.15
C GLU D 112 -18.19 -35.77 11.54
N PRO D 113 -17.25 -35.17 12.30
CA PRO D 113 -17.59 -34.57 13.60
C PRO D 113 -18.65 -33.48 13.40
N THR D 114 -18.45 -32.60 12.42
CA THR D 114 -19.44 -31.52 12.14
C THR D 114 -20.78 -32.16 11.78
N TYR D 115 -20.75 -33.24 10.99
CA TYR D 115 -21.99 -33.94 10.59
C TYR D 115 -22.85 -34.18 11.84
N THR D 116 -22.20 -34.51 12.96
CA THR D 116 -22.94 -34.75 14.23
C THR D 116 -24.17 -35.60 13.93
N ALA D 117 -24.02 -36.62 13.08
CA ALA D 117 -25.14 -37.52 12.73
C ALA D 117 -26.38 -36.68 12.38
N SER D 118 -26.20 -35.61 11.60
CA SER D 118 -27.34 -34.75 11.20
C SER D 118 -28.36 -35.58 10.39
N THR D 119 -29.65 -35.30 10.56
CA THR D 119 -30.71 -36.07 9.85
C THR D 119 -30.36 -36.25 8.38
N PHE D 120 -29.85 -35.20 7.72
CA PHE D 120 -29.57 -35.27 6.27
C PHE D 120 -28.55 -36.39 5.98
N ASP D 121 -28.61 -36.99 4.79
CA ASP D 121 -27.64 -38.05 4.39
C ASP D 121 -26.69 -37.47 3.36
N GLY D 122 -27.10 -36.40 2.66
CA GLY D 122 -26.26 -35.79 1.61
C GLY D 122 -26.83 -34.47 1.14
N ILE D 123 -26.36 -33.98 -0.02
CA ILE D 123 -26.85 -32.69 -0.57
C ILE D 123 -27.05 -32.83 -2.08
N LEU D 124 -27.42 -31.73 -2.76
CA LEU D 124 -27.68 -31.79 -4.23
C LEU D 124 -26.81 -30.75 -4.94
N GLY D 125 -26.58 -30.92 -6.24
CA GLY D 125 -25.73 -30.00 -7.01
C GLY D 125 -26.44 -28.70 -7.35
N LEU D 126 -27.57 -28.78 -8.05
CA LEU D 126 -28.35 -27.57 -8.39
C LEU D 126 -27.39 -26.51 -8.94
N GLY D 127 -26.42 -26.93 -9.76
CA GLY D 127 -25.41 -25.98 -10.29
C GLY D 127 -25.12 -26.23 -11.75
N TRP D 128 -24.41 -25.29 -12.39
CA TRP D 128 -24.07 -25.41 -13.84
C TRP D 128 -23.04 -26.53 -14.03
N LYS D 129 -23.00 -27.12 -15.24
CA LYS D 129 -22.06 -28.25 -15.51
C LYS D 129 -20.62 -27.81 -15.24
N ASP D 130 -20.25 -26.63 -15.73
CA ASP D 130 -18.86 -26.12 -15.55
C ASP D 130 -18.58 -26.01 -14.06
N LEU D 131 -19.56 -25.52 -13.28
CA LEU D 131 -19.39 -25.38 -11.81
C LEU D 131 -19.19 -26.77 -11.19
N SER D 132 -19.92 -27.77 -11.68
CA SER D 132 -19.85 -29.13 -11.11
C SER D 132 -18.48 -29.75 -11.41
N ILE D 133 -17.81 -30.32 -10.39
CA ILE D 133 -16.50 -31.00 -10.61
C ILE D 133 -16.76 -32.18 -11.55
N GLY D 134 -15.85 -32.44 -12.49
CA GLY D 134 -16.07 -33.51 -13.47
C GLY D 134 -17.02 -33.05 -14.56
N SER D 135 -17.30 -31.75 -14.60
CA SER D 135 -18.21 -31.18 -15.63
C SER D 135 -19.46 -32.06 -15.73
N VAL D 136 -20.17 -32.24 -14.61
CA VAL D 136 -21.43 -33.05 -14.61
C VAL D 136 -22.58 -32.16 -15.08
N ASP D 137 -23.30 -32.59 -16.12
CA ASP D 137 -24.41 -31.76 -16.67
C ASP D 137 -25.41 -31.44 -15.56
N PRO D 138 -25.93 -30.20 -15.47
CA PRO D 138 -26.94 -29.86 -14.47
C PRO D 138 -28.15 -30.78 -14.68
N ILE D 139 -28.56 -31.51 -13.63
CA ILE D 139 -29.75 -32.38 -13.74
C ILE D 139 -30.85 -31.61 -14.46
N VAL D 140 -31.04 -30.33 -14.11
CA VAL D 140 -32.11 -29.52 -14.74
C VAL D 140 -31.89 -29.48 -16.25
N VAL D 141 -30.64 -29.28 -16.68
CA VAL D 141 -30.32 -29.27 -18.14
C VAL D 141 -30.63 -30.67 -18.69
N GLU D 142 -30.21 -31.71 -17.97
CA GLU D 142 -30.47 -33.10 -18.42
C GLU D 142 -31.97 -33.30 -18.60
N LEU D 143 -32.78 -32.76 -17.68
CA LEU D 143 -34.26 -32.88 -17.79
C LEU D 143 -34.69 -32.37 -19.17
N LYS D 144 -34.32 -31.12 -19.49
CA LYS D 144 -34.73 -30.51 -20.78
C LYS D 144 -34.22 -31.37 -21.93
N ASN D 145 -32.97 -31.86 -21.82
CA ASN D 145 -32.39 -32.73 -22.87
C ASN D 145 -33.25 -33.99 -23.00
N GLN D 146 -33.68 -34.55 -21.86
CA GLN D 146 -34.54 -35.76 -21.88
C GLN D 146 -36.00 -35.32 -22.10
N ASN D 147 -36.21 -34.02 -22.33
CA ASN D 147 -37.58 -33.49 -22.58
C ASN D 147 -38.46 -33.79 -21.38
N LYS D 148 -37.96 -33.55 -20.16
CA LYS D 148 -38.79 -33.74 -18.94
C LYS D 148 -39.43 -32.39 -18.58
N ILE D 149 -38.63 -31.32 -18.52
CA ILE D 149 -39.19 -29.96 -18.28
C ILE D 149 -39.13 -29.16 -19.59
N GLU D 150 -38.28 -29.60 -20.54
CA GLU D 150 -38.15 -28.90 -21.84
C GLU D 150 -37.67 -27.46 -21.57
N ASN D 151 -36.96 -27.25 -20.45
CA ASN D 151 -36.45 -25.90 -20.09
C ASN D 151 -35.62 -26.06 -18.82
N ALA D 152 -34.43 -25.47 -18.76
CA ALA D 152 -33.58 -25.71 -17.57
C ALA D 152 -33.66 -24.52 -16.62
N LEU D 153 -34.43 -24.66 -15.54
CA LEU D 153 -34.55 -23.57 -14.53
C LEU D 153 -35.23 -24.14 -13.28
N PHE D 154 -34.99 -23.54 -12.11
CA PHE D 154 -35.56 -24.10 -10.85
C PHE D 154 -36.04 -22.98 -9.93
N THR D 155 -37.25 -23.12 -9.38
CA THR D 155 -37.80 -22.10 -8.44
C THR D 155 -37.44 -22.51 -7.02
N PHE D 156 -37.78 -21.67 -6.02
CA PHE D 156 -37.40 -21.98 -4.62
C PHE D 156 -38.42 -21.38 -3.64
N TYR D 157 -39.23 -22.24 -3.01
CA TYR D 157 -40.19 -21.77 -1.98
C TYR D 157 -39.80 -22.40 -0.64
N LEU D 158 -39.06 -21.67 0.20
CA LEU D 158 -38.56 -22.28 1.44
C LEU D 158 -39.69 -22.49 2.47
N PRO D 159 -39.60 -23.58 3.27
CA PRO D 159 -40.57 -23.86 4.33
C PRO D 159 -40.36 -22.92 5.52
N VAL D 160 -41.45 -22.25 5.95
CA VAL D 160 -41.44 -21.44 7.16
C VAL D 160 -42.21 -22.21 8.26
N HIS D 161 -41.60 -22.25 9.45
CA HIS D 161 -42.07 -22.94 10.66
C HIS D 161 -43.55 -22.63 10.99
N ASP D 162 -44.42 -23.64 10.81
CA ASP D 162 -45.84 -23.64 11.12
C ASP D 162 -46.62 -22.55 10.34
N LYS D 163 -46.25 -22.37 9.06
CA LYS D 163 -46.84 -21.37 8.15
C LYS D 163 -47.10 -21.99 6.77
N HIS D 164 -46.17 -22.82 6.28
CA HIS D 164 -46.25 -23.51 5.00
C HIS D 164 -45.07 -24.47 4.87
N THR D 165 -45.32 -25.66 4.30
CA THR D 165 -44.21 -26.62 4.04
C THR D 165 -43.50 -26.19 2.75
N GLY D 166 -42.18 -26.39 2.67
CA GLY D 166 -41.42 -25.92 1.49
C GLY D 166 -41.67 -26.78 0.26
N PHE D 167 -41.52 -26.19 -0.93
CA PHE D 167 -41.67 -26.96 -2.19
C PHE D 167 -40.69 -26.42 -3.23
N LEU D 168 -39.83 -27.28 -3.77
CA LEU D 168 -38.84 -26.85 -4.79
C LEU D 168 -39.42 -27.08 -6.18
N THR D 169 -40.19 -26.12 -6.69
CA THR D 169 -40.75 -26.24 -8.06
C THR D 169 -39.60 -26.10 -9.08
N ILE D 170 -39.67 -26.86 -10.17
CA ILE D 170 -38.59 -26.81 -11.21
C ILE D 170 -39.14 -26.14 -12.46
N GLY D 171 -38.89 -24.84 -12.63
CA GLY D 171 -39.33 -24.12 -13.84
C GLY D 171 -40.70 -23.48 -13.67
N GLY D 172 -41.71 -24.27 -13.29
CA GLY D 172 -43.09 -23.75 -13.17
C GLY D 172 -43.18 -22.64 -12.15
N ILE D 173 -43.68 -21.47 -12.55
CA ILE D 173 -43.87 -20.34 -11.60
C ILE D 173 -45.01 -20.70 -10.64
N GLU D 174 -46.12 -21.20 -11.17
CA GLU D 174 -47.27 -21.63 -10.32
C GLU D 174 -47.97 -20.37 -9.76
N GLU D 175 -47.19 -19.40 -9.28
CA GLU D 175 -47.75 -18.12 -8.75
C GLU D 175 -48.44 -18.36 -7.41
N ARG D 176 -48.45 -19.61 -6.94
CA ARG D 176 -49.05 -19.92 -5.61
C ARG D 176 -47.98 -19.75 -4.55
N PHE D 177 -46.72 -19.57 -4.96
CA PHE D 177 -45.59 -19.48 -4.00
C PHE D 177 -45.25 -18.01 -3.75
N TYR D 178 -45.38 -17.16 -4.78
CA TYR D 178 -44.99 -15.73 -4.62
C TYR D 178 -46.14 -14.83 -5.10
N GLU D 179 -46.32 -13.69 -4.44
CA GLU D 179 -47.42 -12.75 -4.79
C GLU D 179 -46.82 -11.47 -5.37
N GLY D 180 -45.64 -11.06 -4.87
CA GLY D 180 -44.97 -9.86 -5.36
C GLY D 180 -44.62 -10.01 -6.86
N PRO D 181 -44.18 -8.93 -7.55
CA PRO D 181 -43.76 -9.05 -8.95
C PRO D 181 -42.38 -9.70 -9.05
N LEU D 182 -42.25 -10.76 -9.86
CA LEU D 182 -40.95 -11.47 -10.00
C LEU D 182 -39.98 -10.59 -10.77
N THR D 183 -38.68 -10.62 -10.40
CA THR D 183 -37.66 -9.78 -11.08
C THR D 183 -36.38 -10.59 -11.27
N TYR D 184 -36.06 -10.96 -12.52
CA TYR D 184 -34.82 -11.73 -12.82
C TYR D 184 -33.61 -10.80 -12.75
N GLU D 185 -32.40 -11.37 -12.61
CA GLU D 185 -31.16 -10.54 -12.55
C GLU D 185 -30.06 -11.20 -13.39
N LYS D 186 -29.48 -10.45 -14.33
CA LYS D 186 -28.43 -10.99 -15.20
C LYS D 186 -27.22 -11.53 -14.43
N LEU D 187 -26.73 -12.71 -14.84
CA LEU D 187 -25.60 -13.38 -14.22
C LEU D 187 -24.27 -12.80 -14.71
N ASN D 188 -23.44 -12.33 -13.76
CA ASN D 188 -22.05 -11.91 -13.98
C ASN D 188 -21.15 -13.12 -14.28
N HIS D 189 -21.44 -14.26 -13.65
CA HIS D 189 -20.93 -15.58 -14.01
C HIS D 189 -22.05 -16.58 -13.73
N ASP D 190 -22.45 -17.32 -14.77
CA ASP D 190 -23.53 -18.29 -14.75
C ASP D 190 -23.38 -19.37 -13.67
N LEU D 191 -22.23 -20.03 -13.62
CA LEU D 191 -22.01 -21.18 -12.69
C LEU D 191 -22.49 -20.89 -11.27
N TYR D 192 -21.89 -19.89 -10.60
CA TYR D 192 -22.19 -19.66 -9.19
C TYR D 192 -23.58 -19.04 -8.95
N TRP D 193 -24.32 -18.72 -10.03
CA TRP D 193 -25.55 -17.93 -10.04
C TRP D 193 -25.35 -16.50 -9.49
N GLN D 194 -24.14 -15.96 -9.67
CA GLN D 194 -23.71 -14.70 -9.07
C GLN D 194 -24.22 -13.53 -9.91
N ILE D 195 -24.90 -12.59 -9.23
CA ILE D 195 -25.49 -11.39 -9.80
C ILE D 195 -24.87 -10.17 -9.12
N THR D 196 -24.34 -9.22 -9.92
CA THR D 196 -23.65 -8.05 -9.41
C THR D 196 -24.65 -6.90 -9.21
N LEU D 197 -24.86 -6.53 -7.94
CA LEU D 197 -25.82 -5.52 -7.48
C LEU D 197 -25.07 -4.49 -6.59
N ASP D 198 -25.79 -3.51 -6.04
CA ASP D 198 -25.26 -2.51 -5.11
C ASP D 198 -25.88 -2.75 -3.72
N ALA D 199 -25.03 -2.87 -2.68
CA ALA D 199 -25.45 -3.20 -1.32
C ALA D 199 -24.90 -2.17 -0.32
N HIS D 200 -25.84 -1.47 0.35
CA HIS D 200 -25.54 -0.29 1.17
C HIS D 200 -26.22 -0.46 2.55
N VAL D 201 -25.45 -0.91 3.54
CA VAL D 201 -25.96 -1.26 4.87
C VAL D 201 -25.56 -0.17 5.88
N GLY D 202 -26.47 0.80 6.06
CA GLY D 202 -26.32 1.92 6.99
C GLY D 202 -25.17 2.84 6.55
N ASN D 203 -24.23 3.07 7.47
CA ASN D 203 -23.00 3.86 7.29
C ASN D 203 -21.99 3.27 6.29
N ILE D 204 -22.09 1.95 6.00
CA ILE D 204 -21.22 1.25 5.05
C ILE D 204 -21.92 1.21 3.68
N SER D 205 -21.14 1.40 2.60
CA SER D 205 -21.65 1.54 1.24
C SER D 205 -20.66 0.90 0.26
N LEU D 206 -21.14 -0.10 -0.51
CA LEU D 206 -20.38 -0.79 -1.55
C LEU D 206 -21.28 -0.89 -2.81
N GLU D 207 -20.86 -0.23 -3.89
CA GLU D 207 -21.45 -0.37 -5.22
C GLU D 207 -20.72 -1.44 -6.01
N LYS D 208 -21.47 -2.19 -6.83
CA LYS D 208 -20.99 -3.24 -7.75
C LYS D 208 -20.43 -4.46 -6.97
N ALA D 209 -21.07 -4.77 -5.85
CA ALA D 209 -20.86 -5.96 -5.01
C ALA D 209 -21.50 -7.19 -5.66
N ASN D 210 -20.71 -8.28 -5.78
CA ASN D 210 -21.19 -9.58 -6.23
C ASN D 210 -22.11 -10.21 -5.16
N CYS D 211 -23.25 -10.76 -5.59
CA CYS D 211 -24.27 -11.34 -4.71
C CYS D 211 -24.63 -12.74 -5.27
N ILE D 212 -24.22 -13.78 -4.54
CA ILE D 212 -24.55 -15.18 -4.94
C ILE D 212 -25.67 -15.68 -4.03
N VAL D 213 -26.52 -16.59 -4.54
CA VAL D 213 -27.64 -17.15 -3.72
C VAL D 213 -27.25 -18.55 -3.25
N ASP D 214 -27.34 -18.81 -1.93
CA ASP D 214 -27.02 -20.15 -1.38
C ASP D 214 -28.26 -20.73 -0.71
N SER D 215 -28.66 -21.93 -1.13
CA SER D 215 -29.84 -22.61 -0.52
C SER D 215 -29.37 -23.60 0.55
N GLY D 216 -28.11 -24.02 0.48
CA GLY D 216 -27.57 -25.01 1.44
C GLY D 216 -26.97 -24.35 2.67
N THR D 217 -27.16 -23.03 2.83
CA THR D 217 -26.53 -22.30 3.96
C THR D 217 -27.53 -21.32 4.57
N SER D 218 -27.55 -21.21 5.90
CA SER D 218 -28.44 -20.23 6.57
C SER D 218 -27.73 -18.92 6.96
N ALA D 219 -26.41 -18.85 6.79
CA ALA D 219 -25.60 -17.66 7.01
C ALA D 219 -25.68 -16.69 5.83
N ILE D 220 -25.64 -15.38 6.14
CA ILE D 220 -25.43 -14.33 5.13
C ILE D 220 -23.95 -13.93 5.23
N THR D 221 -23.15 -14.30 4.21
CA THR D 221 -21.75 -13.91 4.13
C THR D 221 -21.62 -12.45 3.65
N VAL D 222 -20.77 -11.72 4.36
CA VAL D 222 -20.49 -10.29 4.20
C VAL D 222 -18.95 -10.15 4.35
N PRO D 223 -18.26 -9.29 3.56
CA PRO D 223 -16.83 -8.96 3.79
C PRO D 223 -16.51 -8.55 5.25
N THR D 224 -15.39 -9.04 5.81
CA THR D 224 -14.98 -8.82 7.21
C THR D 224 -14.91 -7.34 7.63
N ASP D 225 -14.44 -6.46 6.74
CA ASP D 225 -14.34 -5.01 6.94
C ASP D 225 -15.71 -4.31 6.78
N PHE D 226 -16.59 -4.87 5.93
CA PHE D 226 -17.96 -4.41 5.74
C PHE D 226 -18.85 -4.81 6.94
N LEU D 227 -18.61 -6.00 7.52
CA LEU D 227 -19.27 -6.55 8.71
C LEU D 227 -18.90 -5.75 9.98
N ASN D 228 -17.61 -5.42 10.13
CA ASN D 228 -17.11 -4.49 11.14
C ASN D 228 -17.55 -3.06 10.79
N LYS D 229 -17.70 -2.20 11.82
CA LYS D 229 -18.17 -0.80 11.72
C LYS D 229 -19.66 -0.64 11.35
N MET D 230 -20.29 -1.74 10.92
CA MET D 230 -21.72 -1.71 10.52
C MET D 230 -22.59 -1.61 11.78
N LEU D 231 -22.54 -0.46 12.45
CA LEU D 231 -23.32 -0.26 13.71
C LEU D 231 -22.77 -1.18 14.80
N GLN D 232 -22.04 -2.23 14.42
CA GLN D 232 -21.44 -3.16 15.41
C GLN D 232 -20.48 -2.38 16.31
N ASN D 233 -20.13 -1.15 15.92
CA ASN D 233 -19.16 -0.33 16.70
C ASN D 233 -19.59 -0.29 18.17
N LEU D 234 -20.90 -0.23 18.44
CA LEU D 234 -21.37 -0.11 19.84
C LEU D 234 -22.80 -0.64 19.94
N ASP D 235 -23.25 -0.94 21.17
CA ASP D 235 -24.66 -1.40 21.38
C ASP D 235 -24.95 -2.59 20.46
N VAL D 236 -24.00 -3.54 20.36
CA VAL D 236 -24.23 -4.77 19.53
C VAL D 236 -23.75 -5.99 20.32
N ILE D 237 -24.67 -6.87 20.70
CA ILE D 237 -24.29 -8.12 21.43
C ILE D 237 -23.42 -8.97 20.50
N LYS D 238 -22.49 -9.74 21.05
CA LYS D 238 -21.56 -10.54 20.20
C LYS D 238 -21.04 -11.75 20.97
N VAL D 239 -20.45 -12.72 20.26
CA VAL D 239 -19.84 -13.92 20.90
C VAL D 239 -18.41 -14.04 20.40
N PRO D 240 -17.36 -14.02 21.26
CA PRO D 240 -15.97 -14.03 20.78
C PRO D 240 -15.57 -15.30 20.01
N PHE D 241 -15.82 -16.48 20.59
CA PHE D 241 -15.27 -17.76 20.10
C PHE D 241 -16.16 -18.49 19.07
N LEU D 242 -17.36 -17.96 18.76
CA LEU D 242 -18.32 -18.59 17.83
C LEU D 242 -18.53 -17.68 16.60
N PRO D 243 -18.75 -18.27 15.40
CA PRO D 243 -19.19 -17.53 14.20
C PRO D 243 -20.52 -16.77 14.33
N PHE D 244 -21.47 -17.35 15.10
CA PHE D 244 -22.73 -16.74 15.49
C PHE D 244 -22.50 -15.61 16.51
N TYR D 245 -23.30 -14.55 16.44
CA TYR D 245 -23.25 -13.43 17.38
C TYR D 245 -24.65 -13.21 17.97
N VAL D 246 -24.75 -13.23 19.30
CA VAL D 246 -26.07 -13.02 19.96
C VAL D 246 -26.42 -11.53 19.83
N THR D 247 -27.71 -11.19 19.94
CA THR D 247 -28.12 -9.77 19.87
C THR D 247 -29.52 -9.61 20.47
N LEU D 248 -29.90 -8.38 20.81
CA LEU D 248 -31.24 -8.11 21.38
C LEU D 248 -32.29 -8.41 20.33
N CYS D 249 -33.37 -9.09 20.70
CA CYS D 249 -34.48 -9.35 19.75
C CYS D 249 -35.07 -8.01 19.31
N ASN D 250 -35.06 -7.01 20.19
CA ASN D 250 -35.57 -5.66 19.85
C ASN D 250 -34.37 -4.75 19.55
N ASN D 251 -33.30 -5.31 18.98
CA ASN D 251 -32.09 -4.51 18.66
C ASN D 251 -32.35 -3.70 17.39
N SER D 252 -32.86 -2.47 17.55
CA SER D 252 -33.12 -1.60 16.38
C SER D 252 -31.82 -1.42 15.59
N LYS D 253 -30.68 -1.47 16.28
CA LYS D 253 -29.36 -1.28 15.61
C LYS D 253 -29.21 -2.33 14.50
N LEU D 254 -29.59 -3.59 14.77
CA LEU D 254 -29.54 -4.63 13.72
C LEU D 254 -29.87 -3.97 12.38
N PRO D 255 -28.91 -3.82 11.45
CA PRO D 255 -29.16 -3.11 10.19
C PRO D 255 -29.90 -3.89 9.10
N THR D 256 -30.85 -3.25 8.42
CA THR D 256 -31.54 -3.87 7.29
C THR D 256 -30.60 -3.86 6.07
N PHE D 257 -30.38 -5.04 5.47
CA PHE D 257 -29.59 -5.17 4.24
C PHE D 257 -30.29 -4.52 3.03
N GLU D 258 -29.49 -4.05 2.06
CA GLU D 258 -29.97 -3.45 0.82
C GLU D 258 -29.33 -4.17 -0.38
N PHE D 259 -30.09 -4.24 -1.48
CA PHE D 259 -29.73 -4.92 -2.72
C PHE D 259 -30.38 -4.17 -3.91
N THR D 260 -30.09 -2.87 -4.04
CA THR D 260 -30.53 -2.03 -5.17
C THR D 260 -29.81 -2.44 -6.47
N SER D 261 -30.59 -2.45 -7.57
CA SER D 261 -30.11 -2.70 -8.92
C SER D 261 -30.97 -1.93 -9.93
N GLU D 262 -30.54 -1.95 -11.19
CA GLU D 262 -31.25 -1.38 -12.35
C GLU D 262 -32.58 -2.10 -12.67
N ASN D 263 -32.65 -3.40 -12.35
CA ASN D 263 -33.85 -4.22 -12.59
C ASN D 263 -34.84 -4.14 -11.42
N GLY D 264 -34.35 -4.06 -10.16
CA GLY D 264 -35.22 -3.88 -9.00
C GLY D 264 -34.41 -3.93 -7.70
N LYS D 265 -34.99 -3.31 -6.65
CA LYS D 265 -34.47 -3.26 -5.28
C LYS D 265 -35.03 -4.41 -4.44
N TYR D 266 -34.17 -4.99 -3.58
CA TYR D 266 -34.54 -5.93 -2.53
C TYR D 266 -33.91 -5.47 -1.21
N THR D 267 -34.44 -5.99 -0.10
CA THR D 267 -33.98 -5.70 1.26
C THR D 267 -34.21 -6.92 2.15
N LEU D 268 -33.31 -7.15 3.12
CA LEU D 268 -33.40 -8.25 4.07
C LEU D 268 -33.29 -7.68 5.49
N GLU D 269 -34.47 -7.55 6.12
CA GLU D 269 -34.71 -7.00 7.45
C GLU D 269 -34.18 -7.93 8.57
N PRO D 270 -33.99 -7.39 9.80
CA PRO D 270 -33.46 -8.15 10.95
C PRO D 270 -34.09 -9.51 11.25
N GLU D 271 -35.42 -9.58 11.38
CA GLU D 271 -36.18 -10.77 11.77
C GLU D 271 -35.96 -12.03 10.90
N TYR D 272 -35.62 -11.84 9.61
CA TYR D 272 -35.32 -12.92 8.67
C TYR D 272 -33.92 -13.52 8.90
N TYR D 273 -32.89 -12.66 9.05
CA TYR D 273 -31.50 -13.08 9.25
C TYR D 273 -31.17 -13.41 10.72
N LEU D 274 -32.00 -12.94 11.66
CA LEU D 274 -32.06 -13.39 13.04
C LEU D 274 -32.64 -14.80 13.12
N GLN D 275 -32.19 -15.53 14.14
CA GLN D 275 -32.62 -16.87 14.47
C GLN D 275 -33.25 -16.83 15.87
N HIS D 276 -34.36 -17.57 16.01
CA HIS D 276 -35.06 -17.82 17.27
C HIS D 276 -34.18 -18.71 18.17
N ILE D 277 -33.67 -18.11 19.25
CA ILE D 277 -32.99 -18.83 20.33
C ILE D 277 -33.65 -18.51 21.69
N GLU D 278 -34.95 -18.16 21.66
CA GLU D 278 -35.82 -17.95 22.83
C GLU D 278 -35.92 -19.18 23.75
N ASP D 279 -35.70 -20.38 23.18
CA ASP D 279 -35.67 -21.67 23.84
C ASP D 279 -34.51 -21.83 24.84
N VAL D 280 -33.38 -21.12 24.61
CA VAL D 280 -32.21 -21.15 25.50
C VAL D 280 -32.31 -20.08 26.61
N GLY D 281 -33.07 -18.99 26.37
CA GLY D 281 -33.28 -17.92 27.35
C GLY D 281 -34.32 -16.94 26.81
N PRO D 282 -35.23 -16.40 27.64
CA PRO D 282 -36.30 -15.50 27.19
C PRO D 282 -35.81 -14.09 26.81
N GLY D 283 -36.32 -13.57 25.68
CA GLY D 283 -35.99 -12.26 25.12
C GLY D 283 -34.62 -12.25 24.43
N LEU D 284 -34.11 -13.44 24.08
CA LEU D 284 -32.75 -13.53 23.49
C LEU D 284 -32.86 -13.93 22.02
N CYS D 285 -32.05 -13.29 21.16
CA CYS D 285 -32.04 -13.64 19.71
C CYS D 285 -30.59 -13.69 19.23
N MET D 286 -30.33 -14.41 18.13
CA MET D 286 -28.93 -14.57 17.65
C MET D 286 -28.92 -14.59 16.13
N LEU D 287 -27.86 -14.03 15.52
CA LEU D 287 -27.72 -14.03 14.06
C LEU D 287 -26.52 -14.90 13.64
N ASN D 288 -26.51 -15.26 12.34
CA ASN D 288 -25.48 -16.09 11.72
C ASN D 288 -24.84 -15.34 10.53
N ILE D 289 -24.66 -14.02 10.66
CA ILE D 289 -23.98 -13.20 9.65
C ILE D 289 -22.46 -13.36 9.83
N ILE D 290 -21.78 -13.84 8.77
CA ILE D 290 -20.39 -14.27 8.81
C ILE D 290 -19.50 -13.30 8.02
N GLY D 291 -18.26 -13.10 8.53
CA GLY D 291 -17.23 -12.29 7.91
C GLY D 291 -16.36 -13.18 7.01
N LEU D 292 -16.13 -12.75 5.76
CA LEU D 292 -15.16 -13.37 4.84
C LEU D 292 -14.87 -12.44 3.65
N ASP D 293 -13.61 -11.99 3.53
CA ASP D 293 -13.09 -11.31 2.33
C ASP D 293 -12.69 -12.36 1.28
N PHE D 294 -13.20 -12.15 0.07
CA PHE D 294 -12.85 -12.89 -1.14
C PHE D 294 -11.90 -12.01 -1.99
N PRO D 295 -11.16 -12.62 -2.96
CA PRO D 295 -10.31 -11.84 -3.92
C PRO D 295 -11.03 -10.74 -4.72
N VAL D 296 -12.32 -10.97 -5.04
CA VAL D 296 -13.25 -9.99 -5.59
C VAL D 296 -14.44 -9.87 -4.59
N PRO D 297 -14.89 -8.64 -4.27
CA PRO D 297 -15.88 -8.40 -3.18
C PRO D 297 -17.23 -9.10 -3.41
N THR D 298 -17.49 -10.14 -2.59
CA THR D 298 -18.62 -11.04 -2.75
C THR D 298 -19.38 -11.20 -1.42
N PHE D 299 -20.69 -11.01 -1.51
CA PHE D 299 -21.70 -11.34 -0.52
C PHE D 299 -22.37 -12.66 -0.93
N ILE D 300 -22.87 -13.42 0.06
CA ILE D 300 -23.67 -14.62 -0.19
C ILE D 300 -24.97 -14.48 0.60
N LEU D 301 -26.09 -14.74 -0.10
CA LEU D 301 -27.45 -14.70 0.41
C LEU D 301 -27.90 -16.13 0.73
N GLY D 302 -27.88 -16.47 2.03
CA GLY D 302 -28.30 -17.75 2.56
C GLY D 302 -29.83 -17.89 2.59
N ASP D 303 -30.31 -18.87 3.38
CA ASP D 303 -31.73 -19.17 3.60
C ASP D 303 -32.60 -17.99 4.08
N PRO D 304 -32.11 -17.04 4.92
CA PRO D 304 -32.87 -15.81 5.28
C PRO D 304 -33.46 -15.00 4.11
N PHE D 305 -32.66 -14.77 3.06
CA PHE D 305 -33.09 -14.05 1.85
C PHE D 305 -34.12 -14.85 1.06
N MET D 306 -33.87 -16.16 0.91
CA MET D 306 -34.75 -17.11 0.21
C MET D 306 -36.06 -17.43 0.96
N ARG D 307 -36.10 -17.15 2.27
CA ARG D 307 -37.24 -17.36 3.16
C ARG D 307 -38.24 -16.20 3.08
N LYS D 308 -37.74 -14.97 2.83
CA LYS D 308 -38.56 -13.82 2.45
C LYS D 308 -38.95 -13.89 0.96
N TYR D 309 -37.98 -14.13 0.08
CA TYR D 309 -38.27 -14.06 -1.38
C TYR D 309 -38.36 -15.45 -2.01
N PHE D 310 -39.27 -15.63 -2.97
CA PHE D 310 -39.40 -16.91 -3.70
C PHE D 310 -38.43 -16.86 -4.89
N THR D 311 -37.19 -17.30 -4.70
CA THR D 311 -36.17 -17.20 -5.78
C THR D 311 -36.52 -18.14 -6.93
N VAL D 312 -36.05 -17.82 -8.15
CA VAL D 312 -36.30 -18.70 -9.33
C VAL D 312 -35.10 -18.56 -10.29
N PHE D 313 -34.26 -19.59 -10.36
CA PHE D 313 -33.06 -19.56 -11.24
C PHE D 313 -33.45 -20.04 -12.64
N ASP D 314 -32.76 -19.55 -13.67
CA ASP D 314 -33.04 -19.99 -15.07
C ASP D 314 -31.75 -19.96 -15.90
N TYR D 315 -31.32 -21.13 -16.38
CA TYR D 315 -30.11 -21.22 -17.24
C TYR D 315 -30.41 -20.63 -18.62
N ASP D 316 -31.51 -21.07 -19.24
CA ASP D 316 -31.87 -20.60 -20.60
C ASP D 316 -31.92 -19.07 -20.62
N ASN D 317 -32.59 -18.47 -19.63
CA ASN D 317 -32.65 -17.01 -19.52
C ASN D 317 -31.30 -16.40 -19.07
N HIS D 318 -30.47 -17.21 -18.41
CA HIS D 318 -29.16 -16.73 -17.87
C HIS D 318 -29.42 -15.66 -16.81
N SER D 319 -30.47 -15.85 -16.00
CA SER D 319 -30.79 -14.87 -14.92
C SER D 319 -31.59 -15.59 -13.82
N VAL D 320 -31.75 -14.92 -12.66
CA VAL D 320 -32.54 -15.52 -11.53
C VAL D 320 -33.60 -14.50 -11.10
N GLY D 321 -34.87 -14.91 -11.08
CA GLY D 321 -35.97 -13.99 -10.69
C GLY D 321 -36.10 -13.85 -9.18
N ILE D 322 -36.61 -12.72 -8.71
CA ILE D 322 -36.78 -12.48 -7.24
C ILE D 322 -38.15 -11.86 -6.98
N ALA D 323 -39.01 -12.53 -6.21
CA ALA D 323 -40.32 -11.99 -5.83
C ALA D 323 -40.61 -12.31 -4.36
N LEU D 324 -41.51 -11.55 -3.73
CA LEU D 324 -42.00 -11.82 -2.37
C LEU D 324 -42.79 -13.14 -2.32
N ALA D 325 -42.32 -14.09 -1.51
CA ALA D 325 -43.01 -15.41 -1.41
C ALA D 325 -44.26 -15.26 -0.54
N LYS D 326 -45.30 -16.03 -0.83
CA LYS D 326 -46.55 -15.99 -0.02
C LYS D 326 -46.26 -16.53 1.39
N LYS D 327 -46.83 -15.91 2.42
CA LYS D 327 -46.57 -16.33 3.82
C LYS D 327 -47.21 -17.70 4.08
N ASN D 328 -48.05 -18.17 3.15
CA ASN D 328 -48.70 -19.50 3.30
C ASN D 328 -49.19 -19.98 1.93
N LEU D 329 -49.38 -21.29 1.77
CA LEU D 329 -49.89 -21.84 0.49
C LEU D 329 -51.40 -22.12 0.62
C1 I0J E . 6.94 27.51 -11.03
C10 I0J E . 7.54 24.10 -11.05
C13 I0J E . 9.84 24.31 -10.81
C14 I0J E . 11.12 24.10 -11.35
C15 I0J E . 9.70 24.98 -9.59
C16 I0J E . 10.83 25.42 -8.91
C17 I0J E . 12.09 25.21 -9.45
C18 I0J E . 12.24 24.55 -10.66
C19 I0J E . 13.63 24.31 -11.23
C20 I0J E . 13.72 24.31 -12.75
C21 I0J E . 15.15 24.43 -13.27
C22 I0J E . 15.34 23.81 -14.64
C23 I0J E . 15.38 22.28 -14.59
C24 I0J E . 15.65 21.58 -15.89
C25 I0J E . 15.12 22.05 -17.08
C26 I0J E . 15.38 21.40 -18.29
C27 I0J E . 16.17 20.28 -18.31
C28 I0J E . 16.69 19.79 -17.13
C29 I0J E . 16.44 20.44 -15.93
C3 I0J E . 6.16 28.40 -10.11
C4 I0J E . 5.12 27.47 -9.49
C5 I0J E . 5.27 26.14 -10.23
C6 I0J E . 5.95 25.08 -9.39
C8 I0J E . 8.36 25.23 -9.07
N11 I0J E . 6.47 23.66 -11.74
N12 I0J E . 8.75 23.86 -11.55
N7 I0J E . 7.30 24.77 -9.86
O2 I0J E . 6.05 26.46 -11.39
O9 I0J E . 8.15 25.80 -8.01
H31 I0J E . 7.29 28.01 -11.92
H30 I0J E . 7.81 27.04 -10.58
H41 I0J E . 11.21 23.57 -12.29
H42 I0J E . 10.72 25.92 -7.95
H43 I0J E . 12.96 25.57 -8.91
H45 I0J E . 14.02 23.37 -10.84
H44 I0J E . 14.30 25.06 -10.84
H47 I0J E . 13.11 25.13 -13.16
H46 I0J E . 13.27 23.41 -13.16
H49 I0J E . 15.83 23.98 -12.56
H48 I0J E . 15.44 25.48 -13.29
H50 I0J E . 14.53 24.14 -15.28
H51 I0J E . 16.25 24.19 -15.09
H52 I0J E . 16.10 21.97 -13.84
H53 I0J E . 14.43 21.91 -14.20
H54 I0J E . 14.48 22.93 -17.11
H55 I0J E . 14.96 21.80 -19.21
H56 I0J E . 16.38 19.77 -19.25
H57 I0J E . 17.32 18.90 -17.14
H58 I0J E . 16.86 20.05 -15.01
H32 I0J E . 6.79 28.89 -9.37
H33 I0J E . 5.70 29.23 -10.65
H35 I0J E . 5.27 27.36 -8.41
H34 I0J E . 4.12 27.90 -9.58
H36 I0J E . 4.29 25.81 -10.57
H38 I0J E . 5.36 24.16 -9.42
H37 I0J E . 5.91 25.32 -8.33
H40 I0J E . 5.50 23.78 -11.47
H39 I0J E . 6.63 23.17 -12.61
#